data_1FHB
#
_entry.id   1FHB
#
_cell.length_a   1.000
_cell.length_b   1.000
_cell.length_c   1.000
_cell.angle_alpha   90.00
_cell.angle_beta   90.00
_cell.angle_gamma   90.00
#
_symmetry.space_group_name_H-M   'P 1'
#
loop_
_entity.id
_entity.type
_entity.pdbx_description
1 polymer 'FERRICYTOCHROME C'
2 non-polymer 'CYANIDE ION'
3 non-polymer 'PROTOPORPHYRIN IX CONTAINING FE'
#
_entity_poly.entity_id   1
_entity_poly.type   'polypeptide(L)'
_entity_poly.pdbx_seq_one_letter_code
;TEFKAGSAKKGATLFKTRCLQCHTVEKGGPHKVGPNLHGIFGRQSGQAEGYSYTDANIKKNVLWDENNMSEYLTNP
(M3L)KYIPGTKAAFGGLKKEKDRNDLITYLKKASE
;
_entity_poly.pdbx_strand_id   A
#
# COMPACT_ATOMS: atom_id res chain seq x y z
N THR A 1 10.03 -8.63 11.50
CA THR A 1 9.11 -7.49 11.45
C THR A 1 8.54 -7.29 12.85
N GLU A 2 8.16 -6.06 13.20
CA GLU A 2 7.63 -5.79 14.53
C GLU A 2 6.15 -6.17 14.58
N PHE A 3 5.35 -5.58 13.68
CA PHE A 3 3.92 -5.77 13.59
C PHE A 3 3.56 -7.25 13.42
N LYS A 4 2.60 -7.71 14.22
CA LYS A 4 2.08 -9.07 14.25
C LYS A 4 0.61 -8.98 13.89
N ALA A 5 0.15 -9.95 13.10
CA ALA A 5 -1.02 -9.78 12.25
C ALA A 5 -2.35 -10.01 12.97
N GLY A 6 -3.42 -9.43 12.40
CA GLY A 6 -4.78 -9.46 12.93
C GLY A 6 -5.56 -10.64 12.39
N SER A 7 -5.85 -10.55 11.09
CA SER A 7 -6.58 -11.55 10.33
C SER A 7 -6.26 -11.41 8.83
N ALA A 8 -5.96 -12.54 8.19
CA ALA A 8 -5.71 -12.60 6.75
C ALA A 8 -7.00 -12.34 5.98
N LYS A 9 -8.06 -13.06 6.34
CA LYS A 9 -9.40 -12.76 5.86
C LYS A 9 -9.86 -11.47 6.51
N LYS A 10 -10.99 -10.90 6.05
CA LYS A 10 -11.55 -9.62 6.48
C LYS A 10 -10.74 -8.47 5.85
N GLY A 11 -9.43 -8.48 6.07
CA GLY A 11 -8.50 -7.56 5.44
C GLY A 11 -8.68 -7.58 3.91
N ALA A 12 -8.92 -8.77 3.37
CA ALA A 12 -9.26 -8.98 1.97
C ALA A 12 -10.47 -8.11 1.57
N THR A 13 -11.53 -8.16 2.36
CA THR A 13 -12.78 -7.44 2.10
C THR A 13 -12.52 -5.93 2.12
N LEU A 14 -11.69 -5.48 3.06
CA LEU A 14 -11.31 -4.09 3.16
C LEU A 14 -10.56 -3.70 1.89
N PHE A 15 -9.45 -4.40 1.57
CA PHE A 15 -8.70 -4.19 0.35
C PHE A 15 -9.65 -4.09 -0.85
N LYS A 16 -10.53 -5.08 -0.99
CA LYS A 16 -11.47 -5.17 -2.09
C LYS A 16 -12.40 -3.95 -2.19
N THR A 17 -12.73 -3.32 -1.06
CA THR A 17 -13.64 -2.19 -1.04
C THR A 17 -12.91 -0.83 -0.96
N ARG A 18 -11.59 -0.82 -0.74
CA ARG A 18 -10.80 0.40 -0.55
C ARG A 18 -9.77 0.55 -1.67
N CYS A 19 -8.89 -0.45 -1.79
CA CYS A 19 -7.62 -0.33 -2.47
C CYS A 19 -7.76 -0.88 -3.90
N LEU A 20 -8.45 -2.02 -4.01
CA LEU A 20 -8.71 -2.73 -5.26
C LEU A 20 -9.25 -1.79 -6.33
N GLN A 21 -10.03 -0.77 -5.92
CA GLN A 21 -10.44 0.32 -6.79
C GLN A 21 -9.31 0.72 -7.74
N CYS A 22 -8.16 1.09 -7.18
CA CYS A 22 -7.06 1.74 -7.88
C CYS A 22 -5.88 0.81 -8.14
N HIS A 23 -5.68 -0.17 -7.26
CA HIS A 23 -4.55 -1.10 -7.22
C HIS A 23 -4.94 -2.52 -7.64
N THR A 24 -3.93 -3.39 -7.64
CA THR A 24 -4.05 -4.84 -7.64
C THR A 24 -3.00 -5.44 -6.69
N VAL A 25 -3.24 -6.69 -6.28
CA VAL A 25 -2.40 -7.46 -5.36
C VAL A 25 -1.69 -8.61 -6.10
N GLU A 26 -2.24 -9.05 -7.24
CA GLU A 26 -1.78 -10.20 -8.00
C GLU A 26 -0.35 -9.99 -8.52
N LYS A 27 0.35 -11.08 -8.86
CA LYS A 27 1.69 -11.02 -9.38
C LYS A 27 1.76 -10.12 -10.63
N GLY A 28 2.65 -9.12 -10.61
CA GLY A 28 2.80 -8.15 -11.68
C GLY A 28 1.61 -7.20 -11.67
N GLY A 29 0.46 -7.69 -12.12
CA GLY A 29 -0.83 -7.01 -12.09
C GLY A 29 -0.90 -5.73 -12.92
N PRO A 30 -2.10 -5.29 -13.32
CA PRO A 30 -2.28 -4.03 -14.00
C PRO A 30 -2.07 -2.86 -13.04
N HIS A 31 -1.19 -1.94 -13.42
CA HIS A 31 -0.92 -0.72 -12.69
C HIS A 31 -2.01 0.30 -13.05
N LYS A 32 -3.25 0.02 -12.63
CA LYS A 32 -4.45 0.69 -13.09
C LYS A 32 -4.42 2.21 -12.84
N VAL A 33 -4.79 2.64 -11.63
CA VAL A 33 -4.63 4.02 -11.21
C VAL A 33 -3.37 4.08 -10.36
N GLY A 34 -3.24 3.18 -9.39
CA GLY A 34 -2.03 2.99 -8.63
C GLY A 34 -1.21 1.84 -9.22
N PRO A 35 0.04 1.68 -8.77
CA PRO A 35 0.86 0.53 -9.13
C PRO A 35 0.28 -0.75 -8.53
N ASN A 36 0.97 -1.88 -8.73
CA ASN A 36 0.60 -3.16 -8.14
C ASN A 36 1.32 -3.35 -6.81
N LEU A 37 0.69 -4.02 -5.84
CA LEU A 37 1.19 -4.15 -4.48
C LEU A 37 1.58 -5.60 -4.16
N HIS A 38 2.19 -6.32 -5.10
CA HIS A 38 2.80 -7.63 -4.85
C HIS A 38 4.26 -7.47 -4.42
N GLY A 39 4.66 -8.14 -3.34
CA GLY A 39 6.05 -8.20 -2.86
C GLY A 39 6.60 -6.88 -2.31
N ILE A 40 5.74 -5.86 -2.27
CA ILE A 40 6.02 -4.52 -1.77
C ILE A 40 6.57 -4.60 -0.35
N PHE A 41 6.03 -5.49 0.50
CA PHE A 41 6.49 -5.63 1.86
C PHE A 41 7.95 -6.08 1.87
N GLY A 42 8.85 -5.14 2.18
CA GLY A 42 10.28 -5.36 2.22
C GLY A 42 10.96 -5.13 0.87
N ARG A 43 10.28 -4.45 -0.06
CA ARG A 43 10.85 -3.91 -1.29
C ARG A 43 10.69 -2.41 -1.17
N GLN A 44 11.75 -1.65 -1.44
CA GLN A 44 11.68 -0.20 -1.30
C GLN A 44 10.66 0.35 -2.30
N SER A 45 10.34 1.61 -2.10
CA SER A 45 9.30 2.32 -2.84
C SER A 45 9.79 2.60 -4.25
N GLY A 46 8.87 2.62 -5.20
CA GLY A 46 9.25 2.80 -6.59
C GLY A 46 9.97 1.55 -7.12
N GLN A 47 9.32 0.38 -7.09
CA GLN A 47 9.88 -0.90 -7.55
C GLN A 47 9.17 -1.51 -8.78
N ALA A 48 8.47 -0.70 -9.57
CA ALA A 48 7.68 -1.14 -10.72
C ALA A 48 7.87 -0.16 -11.89
N GLU A 49 8.80 -0.49 -12.79
CA GLU A 49 9.12 0.33 -13.96
C GLU A 49 7.92 0.45 -14.92
N GLY A 50 8.04 1.31 -15.93
CA GLY A 50 7.07 1.44 -17.02
C GLY A 50 5.88 2.32 -16.61
N TYR A 51 5.21 1.96 -15.52
CA TYR A 51 4.09 2.73 -15.01
C TYR A 51 4.54 4.14 -14.57
N SER A 52 3.59 5.09 -14.59
CA SER A 52 3.81 6.52 -14.41
C SER A 52 4.24 6.87 -12.99
N TYR A 53 5.54 6.72 -12.71
CA TYR A 53 6.17 7.00 -11.44
C TYR A 53 6.35 8.51 -11.18
N THR A 54 6.90 8.85 -10.01
CA THR A 54 7.21 10.23 -9.64
C THR A 54 8.64 10.33 -9.08
N ASP A 55 9.29 11.47 -9.34
CA ASP A 55 10.54 11.84 -8.66
C ASP A 55 10.34 11.73 -7.16
N ALA A 56 9.27 12.35 -6.68
CA ALA A 56 8.95 12.39 -5.26
C ALA A 56 9.00 11.00 -4.63
N ASN A 57 8.32 9.99 -5.19
CA ASN A 57 8.38 8.64 -4.62
C ASN A 57 9.85 8.17 -4.53
N ILE A 58 10.61 8.31 -5.61
CA ILE A 58 12.03 7.96 -5.63
C ILE A 58 12.79 8.68 -4.50
N LYS A 59 12.76 10.01 -4.49
CA LYS A 59 13.45 10.81 -3.48
C LYS A 59 12.97 10.49 -2.07
N LYS A 60 11.72 10.05 -1.93
CA LYS A 60 11.13 9.68 -0.66
C LYS A 60 11.25 8.17 -0.44
N ASN A 61 12.27 7.52 -1.03
CA ASN A 61 12.61 6.11 -0.88
C ASN A 61 12.19 5.53 0.48
N VAL A 62 11.14 4.72 0.49
CA VAL A 62 10.54 4.13 1.69
C VAL A 62 10.57 2.61 1.56
N LEU A 63 10.92 1.91 2.64
CA LEU A 63 11.15 0.45 2.65
C LEU A 63 9.84 -0.35 2.50
N TRP A 64 8.70 0.28 2.79
CA TRP A 64 7.39 -0.36 2.83
C TRP A 64 7.38 -1.52 3.83
N ASP A 65 7.77 -1.22 5.06
CA ASP A 65 7.40 -1.96 6.25
C ASP A 65 5.98 -1.54 6.68
N GLU A 66 5.44 -2.25 7.67
CA GLU A 66 4.10 -2.01 8.20
C GLU A 66 3.94 -0.61 8.78
N ASN A 67 4.93 -0.08 9.50
CA ASN A 67 4.80 1.23 10.13
C ASN A 67 4.69 2.29 9.04
N ASN A 68 5.64 2.29 8.12
CA ASN A 68 5.72 3.30 7.09
C ASN A 68 4.47 3.23 6.21
N MET A 69 4.04 2.02 5.82
CA MET A 69 2.81 1.90 5.06
C MET A 69 1.60 2.38 5.87
N SER A 70 1.48 1.94 7.14
CA SER A 70 0.43 2.38 8.04
C SER A 70 0.30 3.91 8.06
N GLU A 71 1.44 4.59 8.23
CA GLU A 71 1.49 6.05 8.22
C GLU A 71 1.07 6.58 6.86
N TYR A 72 1.83 6.22 5.81
CA TYR A 72 1.57 6.63 4.43
C TYR A 72 0.08 6.62 4.11
N LEU A 73 -0.57 5.46 4.34
CA LEU A 73 -1.99 5.28 4.08
C LEU A 73 -2.88 6.33 4.71
N THR A 74 -2.51 6.81 5.90
CA THR A 74 -3.17 7.91 6.58
C THR A 74 -3.16 9.18 5.74
N ASN A 75 -2.08 9.45 5.02
CA ASN A 75 -1.81 10.76 4.43
C ASN A 75 -0.81 10.68 3.27
N PRO A 76 -1.16 9.99 2.19
CA PRO A 76 -0.21 9.56 1.17
C PRO A 76 0.46 10.78 0.52
N LYS A 78 0.94 13.60 1.74
CA LYS A 78 1.81 14.29 2.68
C LYS A 78 3.12 13.51 2.76
N TYR A 79 2.99 12.20 3.01
CA TYR A 79 4.12 11.32 3.26
C TYR A 79 5.02 11.25 2.03
N ILE A 80 4.43 11.29 0.83
CA ILE A 80 5.14 11.45 -0.43
C ILE A 80 4.66 12.75 -1.08
N PRO A 81 5.45 13.84 -1.05
CA PRO A 81 5.02 15.13 -1.56
C PRO A 81 5.12 15.15 -3.09
N GLY A 82 4.29 14.35 -3.77
CA GLY A 82 4.26 14.24 -5.22
C GLY A 82 3.74 12.86 -5.61
N THR A 83 2.43 12.67 -5.47
CA THR A 83 1.74 11.44 -5.81
C THR A 83 0.41 11.78 -6.47
N LYS A 84 0.02 10.98 -7.45
CA LYS A 84 -1.30 11.04 -8.08
C LYS A 84 -2.35 10.35 -7.18
N ALA A 85 -1.94 9.75 -6.07
CA ALA A 85 -2.81 9.00 -5.17
C ALA A 85 -3.83 9.92 -4.49
N ALA A 86 -4.87 10.31 -5.22
CA ALA A 86 -6.00 11.07 -4.71
C ALA A 86 -6.91 10.16 -3.86
N PHE A 87 -6.32 9.54 -2.84
CA PHE A 87 -6.99 8.57 -1.99
C PHE A 87 -7.45 9.24 -0.69
N GLY A 88 -8.64 8.86 -0.21
CA GLY A 88 -9.18 9.30 1.05
C GLY A 88 -8.44 8.64 2.22
N GLY A 89 -7.26 9.17 2.52
CA GLY A 89 -6.38 8.82 3.65
C GLY A 89 -7.06 7.99 4.74
N LEU A 90 -6.57 6.76 4.98
CA LEU A 90 -7.25 5.76 5.78
C LEU A 90 -7.34 6.18 7.26
N LYS A 91 -8.43 6.86 7.62
CA LYS A 91 -8.63 7.38 8.97
C LYS A 91 -9.05 6.30 9.99
N LYS A 92 -9.80 5.29 9.53
CA LYS A 92 -10.43 4.25 10.35
C LYS A 92 -9.55 3.69 11.48
N GLU A 93 -8.28 3.41 11.19
CA GLU A 93 -7.24 3.00 12.14
C GLU A 93 -7.31 1.50 12.45
N LYS A 94 -8.52 1.04 12.75
CA LYS A 94 -8.77 -0.35 13.15
C LYS A 94 -8.72 -1.29 11.95
N ASP A 95 -9.62 -1.09 10.99
CA ASP A 95 -9.70 -1.87 9.76
C ASP A 95 -8.32 -1.99 9.09
N ARG A 96 -7.57 -0.89 9.10
CA ARG A 96 -6.17 -0.83 8.69
C ARG A 96 -5.37 -2.04 9.18
N ASN A 97 -5.52 -2.44 10.44
CA ASN A 97 -4.78 -3.57 10.99
C ASN A 97 -5.03 -4.83 10.15
N ASP A 98 -6.31 -5.12 9.88
CA ASP A 98 -6.72 -6.27 9.08
C ASP A 98 -6.22 -6.10 7.64
N LEU A 99 -6.52 -4.96 7.03
CA LEU A 99 -6.07 -4.63 5.69
C LEU A 99 -4.55 -4.86 5.54
N ILE A 100 -3.73 -4.23 6.38
CA ILE A 100 -2.28 -4.44 6.38
C ILE A 100 -1.97 -5.92 6.55
N THR A 101 -2.63 -6.62 7.48
CA THR A 101 -2.42 -8.07 7.60
C THR A 101 -2.61 -8.77 6.25
N TYR A 102 -3.76 -8.56 5.62
CA TYR A 102 -4.04 -9.16 4.32
C TYR A 102 -2.93 -8.82 3.33
N LEU A 103 -2.58 -7.53 3.23
CA LEU A 103 -1.57 -7.07 2.29
C LEU A 103 -0.23 -7.77 2.54
N LYS A 104 0.25 -7.73 3.78
CA LYS A 104 1.43 -8.45 4.25
C LYS A 104 1.37 -9.91 3.79
N LYS A 105 0.25 -10.59 4.03
CA LYS A 105 0.11 -12.01 3.74
C LYS A 105 0.15 -12.27 2.22
N ALA A 106 -0.55 -11.41 1.48
CA ALA A 106 -0.62 -11.42 0.03
C ALA A 106 0.75 -11.11 -0.59
N SER A 107 1.53 -10.27 0.08
CA SER A 107 2.82 -9.75 -0.36
C SER A 107 3.95 -10.47 0.37
N GLU A 108 3.74 -11.76 0.65
CA GLU A 108 4.71 -12.65 1.24
C GLU A 108 5.60 -13.19 0.12
N THR A 1 7.53 -4.29 16.65
CA THR A 1 6.43 -3.41 16.24
C THR A 1 5.38 -3.45 17.35
N GLU A 2 4.64 -2.35 17.54
CA GLU A 2 3.56 -2.26 18.52
C GLU A 2 2.23 -2.70 17.91
N PHE A 3 2.04 -2.41 16.61
CA PHE A 3 1.02 -3.07 15.79
C PHE A 3 1.06 -4.57 16.05
N LYS A 4 -0.12 -5.18 16.21
CA LYS A 4 -0.30 -6.63 16.22
C LYS A 4 -1.07 -6.97 14.95
N ALA A 5 -0.71 -8.08 14.31
CA ALA A 5 -1.41 -8.54 13.12
C ALA A 5 -2.87 -8.84 13.46
N GLY A 6 -3.78 -8.49 12.56
CA GLY A 6 -5.19 -8.83 12.62
C GLY A 6 -5.38 -10.20 12.00
N SER A 7 -6.33 -10.34 11.06
CA SER A 7 -6.51 -11.57 10.31
C SER A 7 -6.09 -11.37 8.85
N ALA A 8 -5.92 -12.48 8.15
CA ALA A 8 -5.72 -12.47 6.70
C ALA A 8 -7.06 -12.20 6.01
N LYS A 9 -8.14 -12.82 6.51
CA LYS A 9 -9.48 -12.46 6.06
C LYS A 9 -9.81 -11.05 6.55
N LYS A 10 -10.93 -10.49 6.08
CA LYS A 10 -11.49 -9.19 6.48
C LYS A 10 -10.70 -8.07 5.80
N GLY A 11 -9.38 -8.08 6.00
CA GLY A 11 -8.46 -7.21 5.28
C GLY A 11 -8.64 -7.36 3.78
N ALA A 12 -8.89 -8.60 3.34
CA ALA A 12 -9.22 -8.92 1.95
C ALA A 12 -10.41 -8.09 1.48
N THR A 13 -11.49 -8.11 2.24
CA THR A 13 -12.71 -7.40 1.91
C THR A 13 -12.40 -5.91 1.81
N LEU A 14 -11.65 -5.39 2.78
CA LEU A 14 -11.31 -3.99 2.84
C LEU A 14 -10.51 -3.58 1.60
N PHE A 15 -9.46 -4.34 1.28
CA PHE A 15 -8.69 -4.16 0.05
C PHE A 15 -9.67 -4.10 -1.13
N LYS A 16 -10.55 -5.10 -1.22
CA LYS A 16 -11.50 -5.22 -2.30
C LYS A 16 -12.43 -4.01 -2.39
N THR A 17 -12.83 -3.41 -1.27
CA THR A 17 -13.72 -2.26 -1.27
C THR A 17 -12.97 -0.92 -1.18
N ARG A 18 -11.64 -0.91 -1.35
CA ARG A 18 -10.88 0.33 -1.41
C ARG A 18 -9.75 0.23 -2.43
N CYS A 19 -8.71 -0.53 -2.11
CA CYS A 19 -7.44 -0.46 -2.80
C CYS A 19 -7.62 -1.01 -4.21
N LEU A 20 -8.32 -2.15 -4.32
CA LEU A 20 -8.61 -2.84 -5.57
C LEU A 20 -9.08 -1.88 -6.67
N GLN A 21 -9.86 -0.87 -6.30
CA GLN A 21 -10.33 0.17 -7.22
C GLN A 21 -9.18 0.62 -8.13
N CYS A 22 -8.03 0.91 -7.52
CA CYS A 22 -6.91 1.56 -8.17
C CYS A 22 -5.72 0.60 -8.36
N HIS A 23 -5.56 -0.35 -7.44
CA HIS A 23 -4.42 -1.26 -7.33
C HIS A 23 -4.77 -2.70 -7.67
N THR A 24 -3.75 -3.55 -7.56
CA THR A 24 -3.80 -5.00 -7.69
C THR A 24 -2.98 -5.66 -6.58
N VAL A 25 -3.46 -6.83 -6.14
CA VAL A 25 -2.96 -7.60 -5.01
C VAL A 25 -2.19 -8.84 -5.44
N GLU A 26 -2.68 -9.55 -6.47
CA GLU A 26 -1.98 -10.69 -7.03
C GLU A 26 -0.97 -10.18 -8.06
N LYS A 27 0.16 -10.87 -8.20
CA LYS A 27 1.09 -10.66 -9.29
C LYS A 27 0.36 -10.82 -10.63
N GLY A 28 0.90 -10.21 -11.69
CA GLY A 28 0.26 -10.23 -13.01
C GLY A 28 -0.71 -9.06 -13.16
N GLY A 29 -1.56 -8.82 -12.15
CA GLY A 29 -2.49 -7.69 -12.15
C GLY A 29 -1.74 -6.38 -12.41
N PRO A 30 -2.01 -5.68 -13.53
CA PRO A 30 -1.14 -4.61 -14.01
C PRO A 30 -1.22 -3.35 -13.12
N HIS A 31 -0.32 -2.41 -13.39
CA HIS A 31 -0.34 -1.07 -12.81
C HIS A 31 -1.50 -0.32 -13.46
N LYS A 32 -2.62 -0.17 -12.74
CA LYS A 32 -3.81 0.48 -13.27
C LYS A 32 -3.70 1.97 -12.98
N VAL A 33 -4.53 2.49 -12.06
CA VAL A 33 -4.34 3.82 -11.54
C VAL A 33 -3.15 3.81 -10.60
N GLY A 34 -3.07 2.80 -9.73
CA GLY A 34 -1.94 2.57 -8.82
C GLY A 34 -1.13 1.34 -9.28
N PRO A 35 0.13 1.22 -8.84
CA PRO A 35 1.00 0.10 -9.18
C PRO A 35 0.59 -1.17 -8.44
N ASN A 36 1.11 -2.32 -8.86
CA ASN A 36 0.87 -3.59 -8.19
C ASN A 36 1.54 -3.59 -6.81
N LEU A 37 0.83 -4.02 -5.76
CA LEU A 37 1.33 -3.94 -4.37
C LEU A 37 1.84 -5.29 -3.85
N HIS A 38 2.11 -6.25 -4.72
CA HIS A 38 2.62 -7.56 -4.37
C HIS A 38 4.14 -7.50 -4.39
N GLY A 39 4.80 -7.71 -3.25
CA GLY A 39 6.23 -7.50 -3.14
C GLY A 39 6.50 -6.01 -2.92
N ILE A 40 5.68 -5.39 -2.07
CA ILE A 40 5.87 -4.07 -1.52
C ILE A 40 6.54 -4.21 -0.16
N PHE A 41 6.03 -5.10 0.70
CA PHE A 41 6.54 -5.31 2.05
C PHE A 41 7.95 -5.90 2.01
N GLY A 42 8.97 -5.04 1.90
CA GLY A 42 10.37 -5.44 1.87
C GLY A 42 11.09 -4.96 0.61
N ARG A 43 10.39 -4.27 -0.30
CA ARG A 43 11.01 -3.59 -1.42
C ARG A 43 10.87 -2.09 -1.17
N GLN A 44 11.87 -1.29 -1.52
CA GLN A 44 11.73 0.14 -1.40
C GLN A 44 10.65 0.63 -2.38
N SER A 45 10.12 1.80 -2.08
CA SER A 45 9.19 2.52 -2.92
C SER A 45 9.82 2.83 -4.26
N GLY A 46 9.01 3.04 -5.29
CA GLY A 46 9.55 3.48 -6.57
C GLY A 46 10.34 2.38 -7.27
N GLN A 47 9.76 1.17 -7.41
CA GLN A 47 10.37 0.03 -8.09
C GLN A 47 9.78 -0.23 -9.49
N ALA A 48 8.47 -0.05 -9.67
CA ALA A 48 7.78 -0.35 -10.93
C ALA A 48 8.05 0.70 -12.02
N GLU A 49 9.17 0.58 -12.74
CA GLU A 49 9.55 1.51 -13.80
C GLU A 49 8.44 1.76 -14.84
N GLY A 50 7.83 0.68 -15.36
CA GLY A 50 6.96 0.75 -16.53
C GLY A 50 5.56 1.24 -16.17
N TYR A 51 5.45 2.46 -15.63
CA TYR A 51 4.22 3.00 -15.08
C TYR A 51 4.45 4.48 -14.73
N SER A 52 3.36 5.26 -14.63
CA SER A 52 3.35 6.70 -14.42
C SER A 52 3.72 7.05 -12.98
N TYR A 53 4.98 6.80 -12.61
CA TYR A 53 5.55 7.06 -11.30
C TYR A 53 5.92 8.54 -11.10
N THR A 54 6.57 8.85 -9.97
CA THR A 54 7.03 10.20 -9.66
C THR A 54 8.47 10.23 -9.14
N ASP A 55 9.18 11.30 -9.51
CA ASP A 55 10.43 11.73 -8.89
C ASP A 55 10.29 11.71 -7.37
N ALA A 56 9.25 12.39 -6.90
CA ALA A 56 8.96 12.52 -5.48
C ALA A 56 8.96 11.15 -4.78
N ASN A 57 8.23 10.16 -5.32
CA ASN A 57 8.26 8.81 -4.76
C ASN A 57 9.69 8.28 -4.73
N ILE A 58 10.43 8.37 -5.84
CA ILE A 58 11.82 7.92 -5.88
C ILE A 58 12.67 8.57 -4.77
N LYS A 59 12.68 9.91 -4.68
CA LYS A 59 13.40 10.61 -3.62
C LYS A 59 12.79 10.38 -2.23
N LYS A 60 11.60 9.78 -2.17
CA LYS A 60 11.05 9.17 -0.98
C LYS A 60 11.15 7.65 -1.04
N ASN A 61 12.32 7.18 -1.46
CA ASN A 61 12.81 5.83 -1.24
C ASN A 61 12.49 5.39 0.20
N VAL A 62 11.53 4.49 0.33
CA VAL A 62 10.91 4.08 1.58
C VAL A 62 10.79 2.56 1.52
N LEU A 63 11.40 1.87 2.49
CA LEU A 63 11.50 0.41 2.60
C LEU A 63 10.13 -0.29 2.54
N TRP A 64 9.05 0.42 2.89
CA TRP A 64 7.71 -0.13 3.02
C TRP A 64 7.67 -1.20 4.11
N ASP A 65 7.94 -0.78 5.35
CA ASP A 65 7.64 -1.57 6.52
C ASP A 65 6.18 -1.33 6.93
N GLU A 66 5.72 -2.13 7.90
CA GLU A 66 4.42 -2.10 8.50
C GLU A 66 4.07 -0.71 9.06
N ASN A 67 4.97 -0.12 9.84
CA ASN A 67 4.79 1.18 10.48
C ASN A 67 4.66 2.29 9.43
N ASN A 68 5.63 2.38 8.53
CA ASN A 68 5.63 3.37 7.48
C ASN A 68 4.39 3.21 6.60
N MET A 69 4.10 1.98 6.15
CA MET A 69 2.91 1.68 5.38
C MET A 69 1.67 2.18 6.11
N SER A 70 1.57 1.93 7.43
CA SER A 70 0.49 2.49 8.22
C SER A 70 0.34 3.99 8.00
N GLU A 71 1.38 4.78 8.28
CA GLU A 71 1.23 6.23 8.21
C GLU A 71 0.95 6.70 6.78
N TYR A 72 1.64 6.09 5.83
CA TYR A 72 1.33 6.31 4.42
C TYR A 72 -0.17 6.10 4.18
N LEU A 73 -0.75 5.03 4.71
CA LEU A 73 -2.16 4.77 4.57
C LEU A 73 -3.04 5.77 5.33
N THR A 74 -2.68 6.16 6.54
CA THR A 74 -3.39 7.22 7.25
C THR A 74 -3.42 8.49 6.39
N ASN A 75 -2.30 8.88 5.77
CA ASN A 75 -2.22 10.07 4.92
C ASN A 75 -1.09 9.98 3.87
N PRO A 76 -1.39 9.50 2.65
CA PRO A 76 -0.37 9.17 1.66
C PRO A 76 0.32 10.42 1.13
N LYS A 78 0.88 13.22 2.27
CA LYS A 78 1.71 13.91 3.24
C LYS A 78 3.04 13.17 3.32
N TYR A 79 2.93 11.85 3.47
CA TYR A 79 4.08 10.96 3.59
C TYR A 79 4.96 11.04 2.34
N ILE A 80 4.34 11.04 1.16
CA ILE A 80 5.05 11.19 -0.12
C ILE A 80 4.55 12.48 -0.78
N PRO A 81 5.30 13.60 -0.66
CA PRO A 81 4.85 14.90 -1.15
C PRO A 81 5.01 14.98 -2.68
N GLY A 82 4.21 14.21 -3.40
CA GLY A 82 4.20 14.16 -4.86
C GLY A 82 3.73 12.79 -5.32
N THR A 83 2.46 12.49 -5.03
CA THR A 83 1.80 11.28 -5.47
C THR A 83 0.52 11.68 -6.19
N LYS A 84 0.24 11.04 -7.32
CA LYS A 84 -1.02 11.16 -8.04
C LYS A 84 -2.16 10.50 -7.24
N ALA A 85 -1.84 9.75 -6.18
CA ALA A 85 -2.79 8.96 -5.43
C ALA A 85 -3.88 9.82 -4.78
N ALA A 86 -4.97 10.04 -5.53
CA ALA A 86 -6.19 10.69 -5.04
C ALA A 86 -6.96 9.74 -4.12
N PHE A 87 -6.33 9.35 -3.01
CA PHE A 87 -6.90 8.49 -1.99
C PHE A 87 -6.92 9.29 -0.68
N GLY A 88 -8.07 9.27 0.01
CA GLY A 88 -8.31 10.08 1.20
C GLY A 88 -7.42 9.66 2.37
N GLY A 89 -7.38 8.36 2.66
CA GLY A 89 -6.61 7.80 3.77
C GLY A 89 -7.42 6.78 4.57
N LEU A 90 -6.76 6.10 5.52
CA LEU A 90 -7.33 5.10 6.43
C LEU A 90 -7.18 5.57 7.88
N LYS A 91 -7.68 6.77 8.17
CA LYS A 91 -7.59 7.38 9.49
C LYS A 91 -8.18 6.51 10.60
N LYS A 92 -9.27 5.80 10.31
CA LYS A 92 -10.02 4.99 11.28
C LYS A 92 -9.15 3.98 12.04
N GLU A 93 -8.16 3.38 11.37
CA GLU A 93 -7.21 2.40 11.90
C GLU A 93 -7.81 1.00 12.05
N LYS A 94 -9.08 0.95 12.49
CA LYS A 94 -9.85 -0.27 12.67
C LYS A 94 -9.84 -1.17 11.43
N ASP A 95 -9.85 -0.55 10.26
CA ASP A 95 -9.72 -1.19 8.97
C ASP A 95 -8.25 -1.49 8.68
N ARG A 96 -7.45 -0.43 8.71
CA ARG A 96 -6.02 -0.43 8.43
C ARG A 96 -5.32 -1.65 9.02
N ASN A 97 -5.55 -1.95 10.30
CA ASN A 97 -4.89 -3.10 10.90
C ASN A 97 -5.17 -4.40 10.14
N ASP A 98 -6.44 -4.69 9.81
CA ASP A 98 -6.75 -5.93 9.10
C ASP A 98 -6.22 -5.83 7.66
N LEU A 99 -6.51 -4.70 7.00
CA LEU A 99 -6.03 -4.44 5.65
C LEU A 99 -4.53 -4.70 5.54
N ILE A 100 -3.71 -4.06 6.37
CA ILE A 100 -2.27 -4.27 6.37
C ILE A 100 -1.96 -5.75 6.54
N THR A 101 -2.58 -6.42 7.51
CA THR A 101 -2.34 -7.85 7.70
C THR A 101 -2.54 -8.62 6.39
N TYR A 102 -3.66 -8.38 5.72
CA TYR A 102 -3.92 -9.02 4.45
C TYR A 102 -2.83 -8.66 3.42
N LEU A 103 -2.57 -7.36 3.24
CA LEU A 103 -1.62 -6.86 2.24
C LEU A 103 -0.24 -7.47 2.43
N LYS A 104 0.21 -7.45 3.68
CA LYS A 104 1.45 -8.04 4.12
C LYS A 104 1.54 -9.47 3.62
N LYS A 105 0.49 -10.27 3.81
CA LYS A 105 0.52 -11.64 3.36
C LYS A 105 0.52 -11.73 1.84
N ALA A 106 -0.37 -10.95 1.22
CA ALA A 106 -0.42 -10.84 -0.24
C ALA A 106 0.96 -10.52 -0.82
N SER A 107 1.76 -9.75 -0.09
CA SER A 107 3.11 -9.35 -0.43
C SER A 107 4.16 -10.21 0.29
N GLU A 108 3.82 -11.47 0.63
CA GLU A 108 4.73 -12.46 1.19
C GLU A 108 5.40 -13.20 0.01
N THR A 1 7.31 -8.01 18.68
CA THR A 1 6.64 -7.11 17.73
C THR A 1 5.40 -6.55 18.42
N GLU A 2 5.09 -5.27 18.22
CA GLU A 2 4.04 -4.56 18.94
C GLU A 2 2.81 -4.35 18.07
N PHE A 3 3.01 -4.09 16.76
CA PHE A 3 1.95 -4.35 15.79
C PHE A 3 1.53 -5.81 15.98
N LYS A 4 0.24 -6.03 16.27
CA LYS A 4 -0.36 -7.35 16.30
C LYS A 4 -1.03 -7.56 14.95
N ALA A 5 -0.77 -8.70 14.31
CA ALA A 5 -1.40 -9.01 13.05
C ALA A 5 -2.91 -9.19 13.24
N GLY A 6 -3.68 -8.70 12.27
CA GLY A 6 -5.10 -8.99 12.15
C GLY A 6 -5.29 -10.43 11.67
N SER A 7 -6.49 -10.77 11.18
CA SER A 7 -6.84 -12.17 10.99
C SER A 7 -6.54 -12.66 9.56
N ALA A 8 -5.62 -11.99 8.85
CA ALA A 8 -5.27 -12.22 7.44
C ALA A 8 -6.43 -11.93 6.49
N LYS A 9 -7.54 -12.64 6.65
CA LYS A 9 -8.82 -12.29 6.06
C LYS A 9 -9.34 -11.03 6.76
N LYS A 10 -10.56 -10.58 6.44
CA LYS A 10 -11.13 -9.27 6.82
C LYS A 10 -10.44 -8.21 5.97
N GLY A 11 -9.12 -8.09 6.12
CA GLY A 11 -8.29 -7.15 5.40
C GLY A 11 -8.47 -7.30 3.89
N ALA A 12 -8.67 -8.54 3.43
CA ALA A 12 -9.00 -8.85 2.05
C ALA A 12 -10.21 -8.04 1.59
N THR A 13 -11.28 -8.06 2.38
CA THR A 13 -12.52 -7.39 2.06
C THR A 13 -12.29 -5.88 1.99
N LEU A 14 -11.50 -5.34 2.91
CA LEU A 14 -11.17 -3.93 2.96
C LEU A 14 -10.38 -3.55 1.71
N PHE A 15 -9.32 -4.29 1.39
CA PHE A 15 -8.59 -4.11 0.14
C PHE A 15 -9.58 -4.07 -1.02
N LYS A 16 -10.42 -5.11 -1.11
CA LYS A 16 -11.36 -5.28 -2.20
C LYS A 16 -12.35 -4.12 -2.30
N THR A 17 -12.74 -3.52 -1.17
CA THR A 17 -13.68 -2.41 -1.16
C THR A 17 -12.99 -1.04 -1.06
N ARG A 18 -11.66 -0.96 -1.21
CA ARG A 18 -10.96 0.32 -1.27
C ARG A 18 -9.86 0.23 -2.33
N CYS A 19 -8.77 -0.44 -1.98
CA CYS A 19 -7.50 -0.35 -2.68
C CYS A 19 -7.67 -0.88 -4.09
N LEU A 20 -8.34 -2.04 -4.18
CA LEU A 20 -8.61 -2.77 -5.40
C LEU A 20 -9.07 -1.88 -6.54
N GLN A 21 -9.90 -0.87 -6.26
CA GLN A 21 -10.38 0.03 -7.31
C GLN A 21 -9.21 0.54 -8.15
N CYS A 22 -8.14 1.00 -7.50
CA CYS A 22 -7.00 1.66 -8.12
C CYS A 22 -5.84 0.70 -8.34
N HIS A 23 -5.67 -0.28 -7.45
CA HIS A 23 -4.53 -1.19 -7.37
C HIS A 23 -4.87 -2.62 -7.77
N THR A 24 -3.84 -3.47 -7.70
CA THR A 24 -3.90 -4.91 -7.79
C THR A 24 -2.92 -5.53 -6.77
N VAL A 25 -3.25 -6.72 -6.27
CA VAL A 25 -2.46 -7.49 -5.29
C VAL A 25 -1.91 -8.78 -5.92
N GLU A 26 -2.63 -9.33 -6.91
CA GLU A 26 -2.20 -10.50 -7.64
C GLU A 26 -1.02 -10.14 -8.55
N LYS A 27 0.08 -10.88 -8.47
CA LYS A 27 1.21 -10.65 -9.35
C LYS A 27 0.77 -10.90 -10.81
N GLY A 28 0.87 -9.87 -11.65
CA GLY A 28 0.37 -9.88 -13.01
C GLY A 28 -0.79 -8.89 -13.17
N GLY A 29 -1.53 -8.61 -12.09
CA GLY A 29 -2.53 -7.56 -12.11
C GLY A 29 -1.83 -6.23 -12.45
N PRO A 30 -2.31 -5.48 -13.44
CA PRO A 30 -1.57 -4.34 -13.97
C PRO A 30 -1.54 -3.15 -13.01
N HIS A 31 -0.66 -2.20 -13.34
CA HIS A 31 -0.56 -0.89 -12.70
C HIS A 31 -1.67 -0.03 -13.30
N LYS A 32 -2.87 -0.08 -12.70
CA LYS A 32 -4.04 0.60 -13.21
C LYS A 32 -3.94 2.11 -12.91
N VAL A 33 -4.59 2.58 -11.84
CA VAL A 33 -4.39 3.93 -11.35
C VAL A 33 -3.18 3.91 -10.45
N GLY A 34 -3.11 2.95 -9.52
CA GLY A 34 -1.96 2.71 -8.66
C GLY A 34 -1.19 1.47 -9.12
N PRO A 35 0.09 1.35 -8.75
CA PRO A 35 0.93 0.24 -9.14
C PRO A 35 0.55 -1.06 -8.41
N ASN A 36 0.89 -2.19 -9.01
CA ASN A 36 0.67 -3.49 -8.38
C ASN A 36 1.44 -3.58 -7.06
N LEU A 37 0.78 -4.01 -5.98
CA LEU A 37 1.36 -4.00 -4.63
C LEU A 37 1.93 -5.36 -4.21
N HIS A 38 2.03 -6.32 -5.13
CA HIS A 38 2.56 -7.63 -4.80
C HIS A 38 4.06 -7.54 -4.52
N GLY A 39 4.49 -7.95 -3.33
CA GLY A 39 5.89 -7.92 -2.96
C GLY A 39 6.35 -6.53 -2.54
N ILE A 40 5.40 -5.64 -2.21
CA ILE A 40 5.70 -4.32 -1.68
C ILE A 40 6.40 -4.44 -0.32
N PHE A 41 5.92 -5.34 0.55
CA PHE A 41 6.43 -5.46 1.91
C PHE A 41 7.88 -5.94 1.89
N GLY A 42 8.81 -5.00 2.03
CA GLY A 42 10.24 -5.27 2.05
C GLY A 42 10.92 -4.83 0.77
N ARG A 43 10.17 -4.46 -0.27
CA ARG A 43 10.71 -3.91 -1.49
C ARG A 43 10.60 -2.39 -1.41
N GLN A 44 11.74 -1.71 -1.55
CA GLN A 44 11.78 -0.26 -1.48
C GLN A 44 10.89 0.38 -2.55
N SER A 45 10.55 1.63 -2.28
CA SER A 45 9.51 2.37 -2.99
C SER A 45 10.00 2.81 -4.37
N GLY A 46 9.07 3.19 -5.25
CA GLY A 46 9.43 3.76 -6.54
C GLY A 46 10.32 2.81 -7.36
N GLN A 47 9.90 1.56 -7.51
CA GLN A 47 10.68 0.50 -8.17
C GLN A 47 10.03 -0.08 -9.43
N ALA A 48 8.69 -0.12 -9.51
CA ALA A 48 7.97 -0.59 -10.68
C ALA A 48 8.12 0.40 -11.85
N GLU A 49 9.27 0.35 -12.52
CA GLU A 49 9.60 1.14 -13.71
C GLU A 49 8.51 1.11 -14.78
N GLY A 50 8.56 2.07 -15.71
CA GLY A 50 7.65 2.13 -16.85
C GLY A 50 6.33 2.80 -16.48
N TYR A 51 5.71 2.33 -15.40
CA TYR A 51 4.49 2.93 -14.87
C TYR A 51 4.72 4.40 -14.46
N SER A 52 3.65 5.21 -14.47
CA SER A 52 3.69 6.63 -14.21
C SER A 52 3.96 6.93 -12.74
N TYR A 53 5.22 6.82 -12.33
CA TYR A 53 5.70 7.09 -11.00
C TYR A 53 6.12 8.55 -10.81
N THR A 54 6.81 8.85 -9.70
CA THR A 54 7.32 10.17 -9.39
C THR A 54 8.76 10.11 -8.87
N ASP A 55 9.55 11.14 -9.21
CA ASP A 55 10.84 11.40 -8.59
C ASP A 55 10.69 11.43 -7.08
N ALA A 56 9.66 12.14 -6.62
CA ALA A 56 9.30 12.22 -5.21
C ALA A 56 9.25 10.83 -4.56
N ASN A 57 8.46 9.90 -5.09
CA ASN A 57 8.42 8.54 -4.55
C ASN A 57 9.84 7.95 -4.54
N ILE A 58 10.54 7.98 -5.67
CA ILE A 58 11.89 7.43 -5.78
C ILE A 58 12.82 8.00 -4.69
N LYS A 59 12.88 9.32 -4.53
CA LYS A 59 13.74 9.98 -3.55
C LYS A 59 13.27 9.70 -2.11
N LYS A 60 11.97 9.47 -1.90
CA LYS A 60 11.40 9.06 -0.63
C LYS A 60 11.43 7.53 -0.59
N ASN A 61 12.61 7.00 -0.91
CA ASN A 61 12.98 5.61 -1.10
C ASN A 61 12.66 4.75 0.13
N VAL A 62 11.38 4.45 0.33
CA VAL A 62 10.84 3.86 1.55
C VAL A 62 10.74 2.35 1.41
N LEU A 63 11.18 1.60 2.43
CA LEU A 63 11.21 0.14 2.51
C LEU A 63 9.81 -0.48 2.45
N TRP A 64 8.78 0.32 2.72
CA TRP A 64 7.38 -0.08 2.71
C TRP A 64 7.13 -1.20 3.72
N ASP A 65 7.60 -0.95 4.94
CA ASP A 65 7.29 -1.73 6.11
C ASP A 65 5.91 -1.35 6.67
N GLU A 66 5.49 -2.17 7.63
CA GLU A 66 4.26 -2.15 8.37
C GLU A 66 4.00 -0.81 9.08
N ASN A 67 5.05 -0.11 9.53
CA ASN A 67 4.94 1.09 10.35
C ASN A 67 4.86 2.34 9.48
N ASN A 68 5.62 2.38 8.39
CA ASN A 68 5.53 3.47 7.42
C ASN A 68 4.24 3.37 6.61
N MET A 69 3.90 2.16 6.14
CA MET A 69 2.74 1.92 5.31
C MET A 69 1.46 2.48 5.96
N SER A 70 1.33 2.31 7.28
CA SER A 70 0.18 2.79 8.03
C SER A 70 0.01 4.30 7.88
N GLU A 71 1.08 5.05 8.15
CA GLU A 71 1.08 6.51 8.08
C GLU A 71 0.69 6.93 6.65
N TYR A 72 1.38 6.34 5.67
CA TYR A 72 1.08 6.56 4.26
C TYR A 72 -0.41 6.36 3.98
N LEU A 73 -0.94 5.17 4.24
CA LEU A 73 -2.35 4.86 4.03
C LEU A 73 -3.27 5.87 4.72
N THR A 74 -2.91 6.29 5.93
CA THR A 74 -3.67 7.32 6.63
C THR A 74 -3.64 8.67 5.90
N ASN A 75 -2.57 9.02 5.17
CA ASN A 75 -2.47 10.29 4.44
C ASN A 75 -1.34 10.31 3.39
N PRO A 76 -1.57 9.74 2.20
CA PRO A 76 -0.49 9.40 1.27
C PRO A 76 0.23 10.63 0.73
N LYS A 78 0.84 13.46 1.78
CA LYS A 78 1.70 14.22 2.68
C LYS A 78 2.96 13.43 2.94
N TYR A 79 2.79 12.12 3.16
CA TYR A 79 3.92 11.24 3.41
C TYR A 79 4.85 11.18 2.20
N ILE A 80 4.28 11.08 1.00
CA ILE A 80 5.03 11.21 -0.25
C ILE A 80 4.70 12.59 -0.84
N PRO A 81 5.60 13.58 -0.78
CA PRO A 81 5.33 14.92 -1.28
C PRO A 81 5.44 14.93 -2.82
N GLY A 82 4.50 14.26 -3.49
CA GLY A 82 4.48 14.12 -4.93
C GLY A 82 3.94 12.74 -5.30
N THR A 83 2.62 12.60 -5.24
CA THR A 83 1.92 11.39 -5.64
C THR A 83 0.57 11.77 -6.21
N LYS A 84 0.12 10.99 -7.20
CA LYS A 84 -1.20 11.06 -7.81
C LYS A 84 -2.24 10.36 -6.92
N ALA A 85 -1.82 9.70 -5.84
CA ALA A 85 -2.67 8.89 -4.99
C ALA A 85 -3.69 9.72 -4.20
N ALA A 86 -4.84 9.99 -4.81
CA ALA A 86 -5.94 10.73 -4.22
C ALA A 86 -7.09 9.80 -3.81
N PHE A 87 -7.13 9.39 -2.53
CA PHE A 87 -8.28 8.68 -1.97
C PHE A 87 -8.47 9.06 -0.51
N GLY A 88 -9.60 8.63 0.07
CA GLY A 88 -9.95 8.89 1.46
C GLY A 88 -9.02 8.13 2.42
N GLY A 89 -7.84 8.70 2.67
CA GLY A 89 -6.84 8.22 3.62
C GLY A 89 -7.43 7.50 4.84
N LEU A 90 -6.92 6.30 5.13
CA LEU A 90 -7.48 5.41 6.15
C LEU A 90 -7.24 5.95 7.56
N LYS A 91 -8.10 6.87 8.00
CA LYS A 91 -8.10 7.45 9.32
C LYS A 91 -8.68 6.51 10.39
N LYS A 92 -9.66 5.67 10.03
CA LYS A 92 -10.33 4.77 10.97
C LYS A 92 -9.34 3.89 11.73
N GLU A 93 -8.33 3.37 11.03
CA GLU A 93 -7.16 2.70 11.58
C GLU A 93 -7.44 1.22 11.84
N LYS A 94 -8.59 0.94 12.44
CA LYS A 94 -8.90 -0.39 12.94
C LYS A 94 -8.99 -1.35 11.75
N ASP A 95 -9.71 -0.92 10.72
CA ASP A 95 -9.69 -1.55 9.41
C ASP A 95 -8.26 -1.66 8.86
N ARG A 96 -7.53 -0.55 8.89
CA ARG A 96 -6.12 -0.46 8.48
C ARG A 96 -5.30 -1.61 9.07
N ASN A 97 -5.47 -1.94 10.35
CA ASN A 97 -4.75 -3.07 10.95
C ASN A 97 -4.94 -4.36 10.14
N ASP A 98 -6.19 -4.78 9.93
CA ASP A 98 -6.45 -6.01 9.18
C ASP A 98 -5.97 -5.85 7.74
N LEU A 99 -6.32 -4.74 7.08
CA LEU A 99 -5.87 -4.45 5.72
C LEU A 99 -4.34 -4.60 5.59
N ILE A 100 -3.55 -3.91 6.42
CA ILE A 100 -2.10 -4.04 6.41
C ILE A 100 -1.71 -5.50 6.55
N THR A 101 -2.29 -6.22 7.52
CA THR A 101 -2.01 -7.65 7.67
C THR A 101 -2.24 -8.40 6.36
N TYR A 102 -3.42 -8.21 5.77
CA TYR A 102 -3.77 -8.86 4.51
C TYR A 102 -2.72 -8.52 3.46
N LEU A 103 -2.41 -7.23 3.30
CA LEU A 103 -1.52 -6.77 2.25
C LEU A 103 -0.15 -7.40 2.42
N LYS A 104 0.36 -7.35 3.64
CA LYS A 104 1.56 -8.04 4.04
C LYS A 104 1.50 -9.48 3.57
N LYS A 105 0.49 -10.25 4.00
CA LYS A 105 0.44 -11.68 3.71
C LYS A 105 0.41 -11.90 2.19
N ALA A 106 -0.46 -11.14 1.53
CA ALA A 106 -0.59 -11.12 0.08
C ALA A 106 0.75 -10.83 -0.62
N SER A 107 1.60 -10.03 0.04
CA SER A 107 2.91 -9.61 -0.43
C SER A 107 4.04 -10.49 0.13
N GLU A 108 3.75 -11.65 0.73
CA GLU A 108 4.71 -12.46 1.47
C GLU A 108 4.64 -13.91 0.96
N THR A 1 5.91 2.22 20.78
CA THR A 1 4.63 2.27 20.05
C THR A 1 4.77 1.34 18.84
N GLU A 2 3.86 0.37 18.71
CA GLU A 2 4.05 -0.82 17.88
C GLU A 2 2.87 -0.96 16.92
N PHE A 3 3.15 -1.31 15.67
CA PHE A 3 2.12 -1.75 14.74
C PHE A 3 1.48 -3.03 15.29
N LYS A 4 0.15 -3.06 15.35
CA LYS A 4 -0.63 -4.24 15.73
C LYS A 4 -1.23 -4.82 14.46
N ALA A 5 -0.93 -6.08 14.16
CA ALA A 5 -1.51 -6.78 13.01
C ALA A 5 -2.99 -7.05 13.25
N GLY A 6 -3.81 -6.97 12.18
CA GLY A 6 -5.17 -7.48 12.18
C GLY A 6 -5.19 -8.87 11.54
N SER A 7 -6.34 -9.28 10.98
CA SER A 7 -6.49 -10.55 10.30
C SER A 7 -6.20 -10.40 8.80
N ALA A 8 -5.79 -11.50 8.16
CA ALA A 8 -5.70 -11.59 6.71
C ALA A 8 -7.11 -11.61 6.11
N LYS A 9 -8.00 -12.38 6.75
CA LYS A 9 -9.41 -12.32 6.40
C LYS A 9 -9.95 -10.97 6.87
N LYS A 10 -11.05 -10.49 6.29
CA LYS A 10 -11.58 -9.13 6.46
C LYS A 10 -10.69 -8.13 5.70
N GLY A 11 -9.39 -8.15 5.97
CA GLY A 11 -8.41 -7.33 5.28
C GLY A 11 -8.54 -7.46 3.77
N ALA A 12 -8.79 -8.68 3.28
CA ALA A 12 -9.08 -8.95 1.89
C ALA A 12 -10.27 -8.10 1.39
N THR A 13 -11.37 -8.12 2.14
CA THR A 13 -12.58 -7.39 1.80
C THR A 13 -12.30 -5.90 1.78
N LEU A 14 -11.51 -5.43 2.75
CA LEU A 14 -11.11 -4.04 2.82
C LEU A 14 -10.33 -3.67 1.56
N PHE A 15 -9.27 -4.42 1.25
CA PHE A 15 -8.52 -4.25 0.01
C PHE A 15 -9.48 -4.15 -1.17
N LYS A 16 -10.36 -5.15 -1.29
CA LYS A 16 -11.30 -5.24 -2.40
C LYS A 16 -12.21 -4.03 -2.50
N THR A 17 -12.59 -3.42 -1.37
CA THR A 17 -13.51 -2.29 -1.37
C THR A 17 -12.80 -0.93 -1.36
N ARG A 18 -11.49 -0.87 -1.09
CA ARG A 18 -10.74 0.38 -0.98
C ARG A 18 -9.71 0.46 -2.11
N CYS A 19 -8.76 -0.48 -2.10
CA CYS A 19 -7.49 -0.39 -2.79
C CYS A 19 -7.64 -0.92 -4.21
N LEU A 20 -8.36 -2.04 -4.34
CA LEU A 20 -8.58 -2.74 -5.61
C LEU A 20 -9.05 -1.79 -6.72
N GLN A 21 -9.84 -0.79 -6.34
CA GLN A 21 -10.20 0.35 -7.17
C GLN A 21 -9.05 0.74 -8.09
N CYS A 22 -7.90 1.05 -7.49
CA CYS A 22 -6.77 1.70 -8.15
C CYS A 22 -5.61 0.74 -8.39
N HIS A 23 -5.47 -0.24 -7.49
CA HIS A 23 -4.39 -1.21 -7.44
C HIS A 23 -4.85 -2.63 -7.78
N THR A 24 -3.88 -3.54 -7.79
CA THR A 24 -4.03 -4.99 -7.77
C THR A 24 -3.01 -5.50 -6.75
N VAL A 25 -3.31 -6.64 -6.14
CA VAL A 25 -2.51 -7.26 -5.09
C VAL A 25 -1.76 -8.47 -5.64
N GLU A 26 -2.47 -9.30 -6.40
CA GLU A 26 -2.01 -10.55 -6.95
C GLU A 26 -0.94 -10.30 -8.02
N LYS A 27 -0.16 -11.33 -8.37
CA LYS A 27 0.79 -11.24 -9.45
C LYS A 27 0.06 -11.08 -10.78
N GLY A 28 0.65 -10.32 -11.71
CA GLY A 28 0.17 -10.22 -13.08
C GLY A 28 -0.79 -9.05 -13.30
N GLY A 29 -1.30 -8.41 -12.26
CA GLY A 29 -2.14 -7.24 -12.43
C GLY A 29 -1.31 -6.08 -12.99
N PRO A 30 -1.84 -5.30 -13.94
CA PRO A 30 -1.12 -4.17 -14.51
C PRO A 30 -1.09 -3.01 -13.53
N HIS A 31 -0.14 -2.08 -13.71
CA HIS A 31 -0.08 -0.86 -12.91
C HIS A 31 -1.21 0.07 -13.37
N LYS A 32 -2.43 -0.16 -12.86
CA LYS A 32 -3.66 0.52 -13.27
C LYS A 32 -3.59 2.03 -12.97
N VAL A 33 -4.11 2.46 -11.81
CA VAL A 33 -3.96 3.83 -11.34
C VAL A 33 -2.78 3.83 -10.40
N GLY A 34 -2.75 2.89 -9.44
CA GLY A 34 -1.61 2.63 -8.59
C GLY A 34 -0.92 1.33 -9.05
N PRO A 35 0.35 1.13 -8.71
CA PRO A 35 1.11 -0.04 -9.16
C PRO A 35 0.68 -1.31 -8.41
N ASN A 36 0.94 -2.47 -9.02
CA ASN A 36 0.62 -3.77 -8.42
C ASN A 36 1.41 -3.97 -7.13
N LEU A 37 0.74 -4.17 -5.99
CA LEU A 37 1.35 -4.16 -4.66
C LEU A 37 1.87 -5.57 -4.30
N HIS A 38 2.50 -6.22 -5.27
CA HIS A 38 3.13 -7.51 -5.12
C HIS A 38 4.53 -7.31 -4.53
N GLY A 39 4.97 -8.23 -3.66
CA GLY A 39 6.31 -8.24 -3.08
C GLY A 39 6.71 -6.93 -2.39
N ILE A 40 5.73 -6.11 -1.99
CA ILE A 40 5.96 -4.73 -1.55
C ILE A 40 6.70 -4.67 -0.20
N PHE A 41 6.22 -5.44 0.79
CA PHE A 41 6.74 -5.43 2.14
C PHE A 41 8.21 -5.80 2.16
N GLY A 42 9.05 -4.80 2.41
CA GLY A 42 10.48 -4.97 2.52
C GLY A 42 11.19 -4.93 1.15
N ARG A 43 10.54 -4.39 0.12
CA ARG A 43 11.23 -4.05 -1.12
C ARG A 43 11.80 -2.65 -0.95
N GLN A 44 11.25 -1.66 -1.65
CA GLN A 44 11.46 -0.24 -1.47
C GLN A 44 10.29 0.41 -2.20
N SER A 45 10.20 1.73 -2.14
CA SER A 45 9.19 2.53 -2.79
C SER A 45 9.69 2.91 -4.18
N GLY A 46 8.85 2.75 -5.21
CA GLY A 46 9.33 2.87 -6.57
C GLY A 46 9.84 1.51 -7.07
N GLN A 47 8.93 0.53 -7.23
CA GLN A 47 9.24 -0.82 -7.67
C GLN A 47 8.63 -1.20 -9.03
N ALA A 48 7.62 -0.45 -9.49
CA ALA A 48 6.89 -0.75 -10.71
C ALA A 48 7.78 -0.73 -11.97
N GLU A 49 7.28 -1.35 -13.05
CA GLU A 49 7.97 -1.42 -14.32
C GLU A 49 7.58 -0.20 -15.18
N GLY A 50 7.00 -0.42 -16.37
CA GLY A 50 6.61 0.64 -17.28
C GLY A 50 5.39 1.39 -16.75
N TYR A 51 5.59 2.25 -15.74
CA TYR A 51 4.52 2.95 -15.06
C TYR A 51 4.96 4.37 -14.67
N SER A 52 4.02 5.32 -14.74
CA SER A 52 4.23 6.74 -14.56
C SER A 52 4.41 7.08 -13.07
N TYR A 53 5.64 6.89 -12.59
CA TYR A 53 6.01 7.11 -11.20
C TYR A 53 6.29 8.58 -10.87
N THR A 54 6.85 8.83 -9.67
CA THR A 54 7.12 10.18 -9.19
C THR A 54 8.53 10.37 -8.65
N ASP A 55 9.10 11.53 -9.01
CA ASP A 55 10.26 12.15 -8.35
C ASP A 55 10.06 12.13 -6.83
N ALA A 56 8.87 12.51 -6.39
CA ALA A 56 8.46 12.48 -5.00
C ALA A 56 8.67 11.10 -4.38
N ASN A 57 8.05 10.04 -4.92
CA ASN A 57 8.23 8.70 -4.37
C ASN A 57 9.73 8.35 -4.32
N ILE A 58 10.44 8.56 -5.43
CA ILE A 58 11.87 8.28 -5.50
C ILE A 58 12.63 8.99 -4.36
N LYS A 59 12.55 10.32 -4.28
CA LYS A 59 13.28 11.08 -3.29
C LYS A 59 12.83 10.77 -1.86
N LYS A 60 11.59 10.31 -1.69
CA LYS A 60 11.07 9.83 -0.43
C LYS A 60 11.21 8.30 -0.35
N ASN A 61 12.29 7.75 -0.93
CA ASN A 61 12.63 6.33 -0.92
C ASN A 61 12.34 5.66 0.44
N VAL A 62 11.23 4.92 0.52
CA VAL A 62 10.76 4.25 1.72
C VAL A 62 10.81 2.74 1.50
N LEU A 63 11.39 2.02 2.46
CA LEU A 63 11.52 0.55 2.48
C LEU A 63 10.16 -0.14 2.26
N TRP A 64 9.08 0.46 2.79
CA TRP A 64 7.76 -0.13 2.93
C TRP A 64 7.80 -1.27 3.94
N ASP A 65 7.85 -0.87 5.22
CA ASP A 65 7.43 -1.68 6.33
C ASP A 65 5.97 -1.34 6.66
N GLU A 66 5.40 -2.07 7.62
CA GLU A 66 4.04 -1.91 8.09
C GLU A 66 3.81 -0.51 8.66
N ASN A 67 4.72 -0.03 9.51
CA ASN A 67 4.60 1.28 10.14
C ASN A 67 4.55 2.40 9.09
N ASN A 68 5.57 2.45 8.23
CA ASN A 68 5.66 3.47 7.19
C ASN A 68 4.44 3.38 6.27
N MET A 69 4.09 2.17 5.82
CA MET A 69 2.90 2.00 5.00
C MET A 69 1.64 2.44 5.75
N SER A 70 1.58 2.22 7.06
CA SER A 70 0.45 2.66 7.89
C SER A 70 0.31 4.19 7.85
N GLU A 71 1.39 4.95 8.09
CA GLU A 71 1.32 6.42 8.02
C GLU A 71 0.94 6.84 6.59
N TYR A 72 1.59 6.25 5.59
CA TYR A 72 1.24 6.48 4.19
C TYR A 72 -0.26 6.31 3.98
N LEU A 73 -0.82 5.15 4.30
CA LEU A 73 -2.27 4.91 4.23
C LEU A 73 -3.06 5.95 5.03
N THR A 74 -2.56 6.35 6.20
CA THR A 74 -3.19 7.40 6.98
C THR A 74 -3.29 8.72 6.20
N ASN A 75 -2.35 9.01 5.30
CA ASN A 75 -2.36 10.22 4.46
C ASN A 75 -1.29 10.16 3.36
N PRO A 76 -1.59 9.59 2.19
CA PRO A 76 -0.56 9.25 1.23
C PRO A 76 0.16 10.49 0.72
N LYS A 78 0.49 13.33 2.05
CA LYS A 78 1.27 14.00 3.07
C LYS A 78 2.63 13.31 3.12
N TYR A 79 2.57 11.98 3.27
CA TYR A 79 3.73 11.17 3.52
C TYR A 79 4.68 11.17 2.30
N ILE A 80 4.11 11.11 1.09
CA ILE A 80 4.85 11.28 -0.17
C ILE A 80 4.42 12.64 -0.76
N PRO A 81 5.17 13.73 -0.54
CA PRO A 81 4.73 15.08 -0.88
C PRO A 81 4.88 15.35 -2.39
N GLY A 82 4.09 14.67 -3.21
CA GLY A 82 3.99 14.90 -4.65
C GLY A 82 3.63 13.62 -5.39
N THR A 83 2.62 12.90 -4.87
CA THR A 83 2.14 11.65 -5.41
C THR A 83 0.89 11.89 -6.25
N LYS A 84 0.67 11.03 -7.24
CA LYS A 84 -0.58 10.92 -7.97
C LYS A 84 -1.68 10.33 -7.06
N ALA A 85 -1.30 9.63 -6.00
CA ALA A 85 -2.22 8.95 -5.11
C ALA A 85 -3.16 9.95 -4.44
N ALA A 86 -4.45 9.57 -4.31
CA ALA A 86 -5.48 10.43 -3.76
C ALA A 86 -6.69 9.58 -3.39
N PHE A 87 -6.89 9.31 -2.10
CA PHE A 87 -8.11 8.64 -1.63
C PHE A 87 -8.32 9.02 -0.15
N GLY A 88 -9.46 8.61 0.41
CA GLY A 88 -9.80 8.84 1.81
C GLY A 88 -8.87 8.06 2.74
N GLY A 89 -7.67 8.61 2.97
CA GLY A 89 -6.64 8.09 3.86
C GLY A 89 -7.20 7.38 5.10
N LEU A 90 -6.70 6.18 5.37
CA LEU A 90 -7.22 5.28 6.39
C LEU A 90 -6.85 5.72 7.81
N LYS A 91 -7.35 6.89 8.23
CA LYS A 91 -7.30 7.34 9.61
C LYS A 91 -7.78 6.20 10.52
N LYS A 92 -9.00 5.73 10.28
CA LYS A 92 -9.71 4.63 10.89
C LYS A 92 -8.89 3.72 11.81
N GLU A 93 -7.83 3.08 11.31
CA GLU A 93 -6.88 2.23 12.03
C GLU A 93 -7.46 0.83 12.23
N LYS A 94 -8.73 0.78 12.63
CA LYS A 94 -9.46 -0.41 13.03
C LYS A 94 -9.59 -1.42 11.90
N ASP A 95 -9.77 -0.91 10.69
CA ASP A 95 -9.73 -1.70 9.46
C ASP A 95 -8.31 -1.78 8.90
N ARG A 96 -7.59 -0.66 8.98
CA ARG A 96 -6.21 -0.56 8.49
C ARG A 96 -5.38 -1.74 8.98
N ASN A 97 -5.40 -2.08 10.27
CA ASN A 97 -4.61 -3.21 10.77
C ASN A 97 -4.92 -4.51 10.02
N ASP A 98 -6.20 -4.82 9.79
CA ASP A 98 -6.59 -5.99 8.99
C ASP A 98 -6.02 -5.90 7.58
N LEU A 99 -6.36 -4.81 6.90
CA LEU A 99 -5.89 -4.54 5.53
C LEU A 99 -4.37 -4.73 5.44
N ILE A 100 -3.60 -4.08 6.32
CA ILE A 100 -2.16 -4.22 6.35
C ILE A 100 -1.78 -5.69 6.52
N THR A 101 -2.38 -6.45 7.45
CA THR A 101 -2.08 -7.88 7.55
C THR A 101 -2.35 -8.60 6.22
N TYR A 102 -3.50 -8.34 5.59
CA TYR A 102 -3.81 -8.96 4.31
C TYR A 102 -2.70 -8.66 3.31
N LEU A 103 -2.35 -7.38 3.16
CA LEU A 103 -1.29 -6.94 2.25
C LEU A 103 0.03 -7.62 2.57
N LYS A 104 0.40 -7.64 3.85
CA LYS A 104 1.59 -8.29 4.38
C LYS A 104 1.70 -9.69 3.80
N LYS A 105 0.66 -10.51 4.00
CA LYS A 105 0.69 -11.86 3.47
C LYS A 105 0.75 -11.75 1.95
N ALA A 106 -0.28 -11.14 1.37
CA ALA A 106 -0.59 -11.19 -0.05
C ALA A 106 0.53 -10.68 -0.95
N SER A 107 1.49 -9.93 -0.40
CA SER A 107 2.72 -9.63 -1.12
C SER A 107 3.45 -10.88 -1.63
N GLU A 108 3.35 -11.99 -0.89
CA GLU A 108 3.73 -13.35 -1.22
C GLU A 108 2.47 -14.07 -1.76
N THR A 1 6.90 -0.62 18.11
CA THR A 1 7.80 -1.46 17.32
C THR A 1 7.04 -2.71 16.86
N GLU A 2 6.35 -3.43 17.75
CA GLU A 2 5.59 -4.61 17.38
C GLU A 2 4.38 -4.22 16.53
N PHE A 3 4.43 -4.54 15.22
CA PHE A 3 3.22 -4.49 14.40
C PHE A 3 2.28 -5.59 14.89
N LYS A 4 1.43 -5.25 15.87
CA LYS A 4 0.23 -6.00 16.15
C LYS A 4 -0.53 -6.20 14.83
N ALA A 5 -0.76 -7.44 14.41
CA ALA A 5 -1.38 -7.75 13.14
C ALA A 5 -2.86 -8.06 13.33
N GLY A 6 -3.72 -7.64 12.40
CA GLY A 6 -5.12 -8.04 12.39
C GLY A 6 -5.27 -9.35 11.62
N SER A 7 -6.49 -9.67 11.17
CA SER A 7 -6.83 -10.91 10.48
C SER A 7 -6.43 -10.86 9.01
N ALA A 8 -7.00 -11.76 8.22
CA ALA A 8 -6.90 -11.80 6.76
C ALA A 8 -8.28 -11.55 6.16
N LYS A 9 -9.28 -12.30 6.62
CA LYS A 9 -10.66 -11.97 6.33
C LYS A 9 -10.99 -10.67 7.05
N LYS A 10 -11.72 -9.79 6.36
CA LYS A 10 -11.96 -8.39 6.63
C LYS A 10 -10.95 -7.59 5.82
N GLY A 11 -9.65 -7.77 6.08
CA GLY A 11 -8.58 -7.13 5.33
C GLY A 11 -8.76 -7.32 3.83
N ALA A 12 -9.10 -8.54 3.42
CA ALA A 12 -9.45 -8.86 2.03
C ALA A 12 -10.57 -7.95 1.53
N THR A 13 -11.63 -7.82 2.31
CA THR A 13 -12.81 -7.04 1.96
C THR A 13 -12.44 -5.56 1.85
N LEU A 14 -11.62 -5.07 2.78
CA LEU A 14 -11.12 -3.71 2.79
C LEU A 14 -10.36 -3.46 1.49
N PHE A 15 -9.37 -4.31 1.21
CA PHE A 15 -8.62 -4.26 -0.04
C PHE A 15 -9.59 -4.16 -1.21
N LYS A 16 -10.53 -5.09 -1.28
CA LYS A 16 -11.52 -5.14 -2.37
C LYS A 16 -12.34 -3.85 -2.47
N THR A 17 -12.76 -3.27 -1.35
CA THR A 17 -13.64 -2.12 -1.37
C THR A 17 -12.88 -0.80 -1.53
N ARG A 18 -11.54 -0.79 -1.43
CA ARG A 18 -10.77 0.45 -1.43
C ARG A 18 -9.56 0.40 -2.36
N CYS A 19 -8.66 -0.55 -2.14
CA CYS A 19 -7.35 -0.54 -2.77
C CYS A 19 -7.51 -1.07 -4.20
N LEU A 20 -8.24 -2.17 -4.34
CA LEU A 20 -8.54 -2.85 -5.60
C LEU A 20 -9.01 -1.86 -6.67
N GLN A 21 -9.75 -0.82 -6.26
CA GLN A 21 -10.16 0.29 -7.12
C GLN A 21 -9.01 0.68 -8.06
N CYS A 22 -7.84 0.95 -7.49
CA CYS A 22 -6.73 1.61 -8.15
C CYS A 22 -5.56 0.64 -8.40
N HIS A 23 -5.41 -0.34 -7.51
CA HIS A 23 -4.30 -1.28 -7.46
C HIS A 23 -4.70 -2.69 -7.90
N THR A 24 -3.69 -3.56 -7.92
CA THR A 24 -3.80 -5.00 -7.87
C THR A 24 -2.78 -5.52 -6.85
N VAL A 25 -3.07 -6.67 -6.24
CA VAL A 25 -2.23 -7.39 -5.29
C VAL A 25 -1.78 -8.75 -5.87
N GLU A 26 -2.54 -9.31 -6.80
CA GLU A 26 -2.29 -10.57 -7.46
C GLU A 26 -1.04 -10.47 -8.36
N LYS A 27 -0.28 -11.57 -8.46
CA LYS A 27 0.85 -11.66 -9.35
C LYS A 27 0.39 -11.43 -10.79
N GLY A 28 1.01 -10.48 -11.47
CA GLY A 28 0.69 -10.15 -12.86
C GLY A 28 -0.47 -9.16 -12.99
N GLY A 29 -1.07 -8.73 -11.88
CA GLY A 29 -2.07 -7.67 -11.95
C GLY A 29 -1.42 -6.38 -12.46
N PRO A 30 -2.08 -5.60 -13.34
CA PRO A 30 -1.48 -4.41 -13.94
C PRO A 30 -1.42 -3.22 -12.98
N HIS A 31 -0.52 -2.27 -13.28
CA HIS A 31 -0.34 -1.02 -12.56
C HIS A 31 -1.42 -0.02 -13.01
N LYS A 32 -2.69 -0.32 -12.71
CA LYS A 32 -3.86 0.37 -13.24
C LYS A 32 -3.80 1.88 -12.99
N VAL A 33 -4.18 2.33 -11.79
CA VAL A 33 -4.03 3.70 -11.36
C VAL A 33 -2.81 3.74 -10.44
N GLY A 34 -2.77 2.84 -9.45
CA GLY A 34 -1.62 2.62 -8.58
C GLY A 34 -0.87 1.38 -9.03
N PRO A 35 0.39 1.20 -8.61
CA PRO A 35 1.21 0.08 -9.03
C PRO A 35 0.74 -1.23 -8.40
N ASN A 36 1.03 -2.34 -9.06
CA ASN A 36 0.79 -3.66 -8.49
C ASN A 36 1.61 -3.81 -7.20
N LEU A 37 0.98 -4.27 -6.12
CA LEU A 37 1.59 -4.31 -4.79
C LEU A 37 2.20 -5.67 -4.48
N HIS A 38 2.36 -6.56 -5.47
CA HIS A 38 2.91 -7.87 -5.22
C HIS A 38 4.43 -7.82 -5.03
N GLY A 39 4.84 -7.60 -3.79
CA GLY A 39 6.23 -7.51 -3.36
C GLY A 39 6.56 -6.09 -2.93
N ILE A 40 5.63 -5.43 -2.24
CA ILE A 40 5.80 -4.10 -1.69
C ILE A 40 6.55 -4.18 -0.36
N PHE A 41 6.10 -5.05 0.54
CA PHE A 41 6.61 -5.19 1.89
C PHE A 41 8.11 -5.45 1.89
N GLY A 42 8.85 -4.46 2.37
CA GLY A 42 10.29 -4.51 2.53
C GLY A 42 11.04 -4.28 1.21
N ARG A 43 10.38 -3.72 0.19
CA ARG A 43 10.99 -3.27 -1.04
C ARG A 43 10.80 -1.76 -1.10
N GLN A 44 11.78 -1.02 -1.63
CA GLN A 44 11.72 0.42 -1.61
C GLN A 44 10.51 0.95 -2.37
N SER A 45 10.08 2.13 -1.96
CA SER A 45 9.07 2.90 -2.65
C SER A 45 9.68 3.35 -3.98
N GLY A 46 8.92 3.23 -5.07
CA GLY A 46 9.53 3.45 -6.37
C GLY A 46 10.41 2.26 -6.77
N GLN A 47 9.79 1.13 -7.16
CA GLN A 47 10.48 -0.05 -7.68
C GLN A 47 9.98 -0.50 -9.06
N ALA A 48 8.71 -0.24 -9.42
CA ALA A 48 8.21 -0.59 -10.76
C ALA A 48 8.90 0.23 -11.86
N GLU A 49 8.89 -0.28 -13.10
CA GLU A 49 9.49 0.39 -14.25
C GLU A 49 8.40 0.98 -15.17
N GLY A 50 7.70 0.12 -15.92
CA GLY A 50 6.79 0.54 -16.97
C GLY A 50 5.48 1.07 -16.41
N TYR A 51 5.52 2.21 -15.72
CA TYR A 51 4.37 2.77 -15.02
C TYR A 51 4.63 4.24 -14.67
N SER A 52 3.57 5.05 -14.64
CA SER A 52 3.61 6.49 -14.40
C SER A 52 3.86 6.80 -12.92
N TYR A 53 5.11 6.62 -12.48
CA TYR A 53 5.60 6.90 -11.14
C TYR A 53 5.87 8.40 -10.91
N THR A 54 6.54 8.74 -9.80
CA THR A 54 6.84 10.13 -9.44
C THR A 54 8.27 10.31 -8.90
N ASP A 55 8.86 11.47 -9.21
CA ASP A 55 10.04 11.99 -8.52
C ASP A 55 9.80 12.00 -7.02
N ALA A 56 8.63 12.51 -6.63
CA ALA A 56 8.16 12.53 -5.25
C ALA A 56 8.36 11.18 -4.57
N ASN A 57 7.76 10.10 -5.11
CA ASN A 57 7.94 8.78 -4.51
C ASN A 57 9.44 8.42 -4.44
N ILE A 58 10.16 8.53 -5.56
CA ILE A 58 11.58 8.19 -5.61
C ILE A 58 12.36 8.91 -4.49
N LYS A 59 12.31 10.23 -4.44
CA LYS A 59 13.01 11.02 -3.43
C LYS A 59 12.57 10.62 -2.03
N LYS A 60 11.30 10.24 -1.86
CA LYS A 60 10.76 9.79 -0.58
C LYS A 60 10.99 8.28 -0.39
N ASN A 61 11.98 7.69 -1.10
CA ASN A 61 12.49 6.33 -0.95
C ASN A 61 12.24 5.73 0.44
N VAL A 62 11.20 4.91 0.55
CA VAL A 62 10.76 4.27 1.78
C VAL A 62 10.76 2.75 1.57
N LEU A 63 11.50 2.04 2.41
CA LEU A 63 11.63 0.58 2.50
C LEU A 63 10.28 -0.16 2.51
N TRP A 64 9.19 0.51 2.89
CA TRP A 64 7.85 -0.08 3.00
C TRP A 64 7.83 -1.24 4.00
N ASP A 65 8.16 -0.92 5.24
CA ASP A 65 7.73 -1.71 6.38
C ASP A 65 6.29 -1.36 6.72
N GLU A 66 5.66 -2.20 7.53
CA GLU A 66 4.27 -2.07 7.96
C GLU A 66 3.99 -0.74 8.69
N ASN A 67 4.97 -0.19 9.43
CA ASN A 67 4.75 1.00 10.24
C ASN A 67 4.76 2.24 9.36
N ASN A 68 5.77 2.39 8.50
CA ASN A 68 5.75 3.44 7.49
C ASN A 68 4.50 3.31 6.64
N MET A 69 4.18 2.09 6.18
CA MET A 69 3.02 1.88 5.34
C MET A 69 1.74 2.28 6.07
N SER A 70 1.61 1.99 7.37
CA SER A 70 0.49 2.48 8.15
C SER A 70 0.32 3.99 8.00
N GLU A 71 1.40 4.76 8.23
CA GLU A 71 1.31 6.21 8.15
C GLU A 71 0.93 6.64 6.73
N TYR A 72 1.63 6.10 5.74
CA TYR A 72 1.29 6.35 4.34
C TYR A 72 -0.20 6.12 4.09
N LEU A 73 -0.73 4.95 4.46
CA LEU A 73 -2.17 4.68 4.36
C LEU A 73 -3.00 5.67 5.17
N THR A 74 -2.49 6.18 6.30
CA THR A 74 -3.18 7.23 7.04
C THR A 74 -3.24 8.54 6.24
N ASN A 75 -2.22 8.87 5.44
CA ASN A 75 -2.17 10.12 4.67
C ASN A 75 -1.14 10.09 3.53
N PRO A 76 -1.47 9.49 2.37
CA PRO A 76 -0.49 9.21 1.34
C PRO A 76 0.03 10.50 0.71
N LYS A 78 0.34 13.34 1.80
CA LYS A 78 1.17 14.11 2.71
C LYS A 78 2.50 13.37 2.86
N TYR A 79 2.43 12.08 3.20
CA TYR A 79 3.59 11.26 3.47
C TYR A 79 4.52 11.18 2.25
N ILE A 80 3.97 11.23 1.02
CA ILE A 80 4.72 11.43 -0.21
C ILE A 80 4.30 12.77 -0.81
N PRO A 81 5.12 13.83 -0.71
CA PRO A 81 4.75 15.18 -1.12
C PRO A 81 4.76 15.28 -2.66
N GLY A 82 3.70 14.76 -3.28
CA GLY A 82 3.45 14.82 -4.71
C GLY A 82 3.20 13.44 -5.32
N THR A 83 2.58 12.51 -4.57
CA THR A 83 2.11 11.27 -5.14
C THR A 83 0.91 11.53 -6.05
N LYS A 84 0.77 10.69 -7.09
CA LYS A 84 -0.42 10.66 -7.93
C LYS A 84 -1.62 10.07 -7.18
N ALA A 85 -1.38 9.42 -6.05
CA ALA A 85 -2.38 8.69 -5.27
C ALA A 85 -3.47 9.60 -4.70
N ALA A 86 -4.53 9.84 -5.48
CA ALA A 86 -5.73 10.55 -5.05
C ALA A 86 -6.57 9.70 -4.08
N PHE A 87 -5.99 9.27 -2.95
CA PHE A 87 -6.65 8.55 -1.87
C PHE A 87 -6.60 9.43 -0.62
N GLY A 88 -7.67 9.39 0.18
CA GLY A 88 -7.79 10.20 1.39
C GLY A 88 -6.91 9.65 2.49
N GLY A 89 -7.28 8.49 3.05
CA GLY A 89 -6.47 7.81 4.05
C GLY A 89 -7.30 6.91 4.96
N LEU A 90 -6.79 5.72 5.31
CA LEU A 90 -7.36 4.86 6.34
C LEU A 90 -7.06 5.44 7.72
N LYS A 91 -7.74 6.54 8.06
CA LYS A 91 -7.66 7.22 9.36
C LYS A 91 -7.94 6.23 10.50
N LYS A 92 -8.97 5.39 10.31
CA LYS A 92 -9.57 4.49 11.28
C LYS A 92 -8.61 3.73 12.20
N GLU A 93 -7.45 3.29 11.68
CA GLU A 93 -6.44 2.45 12.34
C GLU A 93 -6.90 1.01 12.33
N LYS A 94 -8.10 0.78 12.84
CA LYS A 94 -8.59 -0.55 13.18
C LYS A 94 -8.67 -1.43 11.93
N ASP A 95 -9.31 -0.93 10.87
CA ASP A 95 -9.40 -1.69 9.63
C ASP A 95 -8.02 -1.88 9.01
N ARG A 96 -7.26 -0.78 8.91
CA ARG A 96 -5.87 -0.74 8.47
C ARG A 96 -5.05 -1.87 9.10
N ASN A 97 -5.22 -2.06 10.42
CA ASN A 97 -4.58 -3.11 11.20
C ASN A 97 -4.77 -4.49 10.57
N ASP A 98 -5.92 -4.73 9.93
CA ASP A 98 -6.31 -5.98 9.29
C ASP A 98 -5.86 -6.00 7.82
N LEU A 99 -6.21 -4.92 7.10
CA LEU A 99 -5.82 -4.71 5.72
C LEU A 99 -4.32 -4.94 5.54
N ILE A 100 -3.47 -4.33 6.38
CA ILE A 100 -2.03 -4.50 6.24
C ILE A 100 -1.65 -5.99 6.34
N THR A 101 -2.15 -6.72 7.33
CA THR A 101 -1.90 -8.15 7.43
C THR A 101 -2.31 -8.84 6.13
N TYR A 102 -3.54 -8.59 5.66
CA TYR A 102 -4.03 -9.20 4.44
C TYR A 102 -3.06 -8.93 3.29
N LEU A 103 -2.71 -7.66 3.09
CA LEU A 103 -1.79 -7.23 2.04
C LEU A 103 -0.51 -8.04 2.16
N LYS A 104 0.13 -7.95 3.33
CA LYS A 104 1.37 -8.62 3.64
C LYS A 104 1.30 -10.10 3.26
N LYS A 105 0.27 -10.82 3.69
CA LYS A 105 0.17 -12.23 3.40
C LYS A 105 0.02 -12.44 1.90
N ALA A 106 -0.90 -11.68 1.31
CA ALA A 106 -1.23 -11.75 -0.10
C ALA A 106 -0.02 -11.47 -1.00
N SER A 107 0.89 -10.60 -0.55
CA SER A 107 2.09 -10.22 -1.29
C SER A 107 3.37 -10.49 -0.49
N GLU A 108 3.41 -11.63 0.22
CA GLU A 108 4.57 -12.02 1.00
C GLU A 108 5.68 -12.51 0.05
N THR A 1 9.52 -0.85 19.49
CA THR A 1 8.86 -0.49 18.23
C THR A 1 8.52 -1.79 17.49
N GLU A 2 7.25 -2.06 17.23
CA GLU A 2 6.80 -3.36 16.76
C GLU A 2 5.37 -3.20 16.23
N PHE A 3 5.15 -3.45 14.92
CA PHE A 3 3.81 -3.64 14.38
C PHE A 3 3.33 -5.02 14.83
N LYS A 4 2.04 -5.15 15.18
CA LYS A 4 1.40 -6.41 15.45
C LYS A 4 0.22 -6.56 14.48
N ALA A 5 0.01 -7.78 13.98
CA ALA A 5 -0.96 -8.03 12.94
C ALA A 5 -2.41 -8.03 13.48
N GLY A 6 -3.34 -7.76 12.57
CA GLY A 6 -4.76 -8.01 12.74
C GLY A 6 -5.08 -9.40 12.18
N SER A 7 -6.18 -9.54 11.44
CA SER A 7 -6.57 -10.81 10.82
C SER A 7 -6.12 -10.86 9.36
N ALA A 8 -5.92 -12.08 8.83
CA ALA A 8 -5.50 -12.30 7.45
C ALA A 8 -6.67 -12.08 6.49
N LYS A 9 -7.83 -12.67 6.82
CA LYS A 9 -9.07 -12.35 6.13
C LYS A 9 -9.56 -10.98 6.63
N LYS A 10 -10.72 -10.51 6.17
CA LYS A 10 -11.37 -9.25 6.55
C LYS A 10 -10.65 -8.08 5.88
N GLY A 11 -9.35 -7.98 6.12
CA GLY A 11 -8.44 -7.13 5.39
C GLY A 11 -8.59 -7.34 3.88
N ALA A 12 -8.89 -8.58 3.47
CA ALA A 12 -9.18 -8.92 2.09
C ALA A 12 -10.39 -8.12 1.58
N THR A 13 -11.50 -8.20 2.30
CA THR A 13 -12.74 -7.52 1.95
C THR A 13 -12.49 -6.01 1.90
N LEU A 14 -11.74 -5.51 2.88
CA LEU A 14 -11.38 -4.12 2.98
C LEU A 14 -10.59 -3.71 1.74
N PHE A 15 -9.52 -4.43 1.42
CA PHE A 15 -8.75 -4.23 0.19
C PHE A 15 -9.69 -4.17 -1.02
N LYS A 16 -10.56 -5.18 -1.14
CA LYS A 16 -11.51 -5.29 -2.24
C LYS A 16 -12.43 -4.06 -2.32
N THR A 17 -12.82 -3.49 -1.18
CA THR A 17 -13.72 -2.34 -1.12
C THR A 17 -12.97 -1.00 -0.94
N ARG A 18 -11.64 -0.97 -1.05
CA ARG A 18 -10.87 0.27 -0.95
C ARG A 18 -9.81 0.35 -2.05
N CYS A 19 -8.89 -0.61 -2.07
CA CYS A 19 -7.62 -0.49 -2.78
C CYS A 19 -7.77 -1.05 -4.19
N LEU A 20 -8.43 -2.21 -4.29
CA LEU A 20 -8.65 -2.94 -5.54
C LEU A 20 -9.16 -2.01 -6.65
N GLN A 21 -10.01 -1.05 -6.29
CA GLN A 21 -10.41 0.06 -7.15
C GLN A 21 -9.27 0.49 -8.09
N CYS A 22 -8.14 0.85 -7.50
CA CYS A 22 -7.05 1.57 -8.17
C CYS A 22 -5.83 0.66 -8.40
N HIS A 23 -5.63 -0.30 -7.50
CA HIS A 23 -4.47 -1.18 -7.45
C HIS A 23 -4.80 -2.62 -7.86
N THR A 24 -3.76 -3.45 -7.83
CA THR A 24 -3.83 -4.89 -7.89
C THR A 24 -2.83 -5.49 -6.90
N VAL A 25 -3.08 -6.74 -6.48
CA VAL A 25 -2.29 -7.48 -5.48
C VAL A 25 -1.68 -8.75 -6.08
N GLU A 26 -2.08 -9.14 -7.29
CA GLU A 26 -1.59 -10.30 -7.99
C GLU A 26 -0.14 -10.10 -8.43
N LYS A 27 0.59 -11.18 -8.70
CA LYS A 27 1.95 -11.13 -9.18
C LYS A 27 2.08 -10.19 -10.40
N GLY A 28 2.88 -9.13 -10.25
CA GLY A 28 3.14 -8.18 -11.31
C GLY A 28 1.94 -7.25 -11.50
N GLY A 29 0.87 -7.80 -12.05
CA GLY A 29 -0.44 -7.15 -12.20
C GLY A 29 -0.43 -5.85 -13.00
N PRO A 30 -1.62 -5.39 -13.45
CA PRO A 30 -1.76 -4.12 -14.13
C PRO A 30 -1.65 -2.95 -13.15
N HIS A 31 -0.80 -1.98 -13.49
CA HIS A 31 -0.66 -0.72 -12.77
C HIS A 31 -1.81 0.22 -13.19
N LYS A 32 -3.03 -0.12 -12.81
CA LYS A 32 -4.25 0.50 -13.30
C LYS A 32 -4.27 2.01 -13.06
N VAL A 33 -4.62 2.44 -11.85
CA VAL A 33 -4.53 3.83 -11.43
C VAL A 33 -3.29 3.96 -10.56
N GLY A 34 -3.16 3.08 -9.57
CA GLY A 34 -1.96 2.95 -8.77
C GLY A 34 -1.07 1.85 -9.36
N PRO A 35 0.16 1.70 -8.85
CA PRO A 35 1.01 0.56 -9.16
C PRO A 35 0.40 -0.73 -8.60
N ASN A 36 1.08 -1.85 -8.79
CA ASN A 36 0.69 -3.12 -8.19
C ASN A 36 1.40 -3.26 -6.84
N LEU A 37 0.74 -3.85 -5.85
CA LEU A 37 1.24 -3.90 -4.48
C LEU A 37 1.74 -5.29 -4.07
N HIS A 38 1.87 -6.22 -5.01
CA HIS A 38 2.43 -7.54 -4.72
C HIS A 38 3.90 -7.38 -4.40
N GLY A 39 4.36 -8.01 -3.31
CA GLY A 39 5.74 -7.89 -2.89
C GLY A 39 6.09 -6.46 -2.48
N ILE A 40 5.11 -5.63 -2.09
CA ILE A 40 5.42 -4.27 -1.63
C ILE A 40 6.29 -4.35 -0.36
N PHE A 41 5.83 -5.15 0.62
CA PHE A 41 6.47 -5.25 1.91
C PHE A 41 7.91 -5.71 1.77
N GLY A 42 8.82 -4.80 2.08
CA GLY A 42 10.25 -5.05 2.04
C GLY A 42 10.78 -5.09 0.61
N ARG A 43 10.12 -4.39 -0.32
CA ARG A 43 10.75 -3.88 -1.52
C ARG A 43 10.61 -2.37 -1.41
N GLN A 44 11.59 -1.61 -1.90
CA GLN A 44 11.60 -0.18 -1.70
C GLN A 44 10.46 0.45 -2.53
N SER A 45 10.17 1.72 -2.28
CA SER A 45 9.17 2.47 -3.00
C SER A 45 9.70 2.79 -4.41
N GLY A 46 8.81 3.12 -5.33
CA GLY A 46 9.21 3.60 -6.64
C GLY A 46 10.13 2.66 -7.42
N GLN A 47 9.93 1.33 -7.33
CA GLN A 47 10.71 0.34 -8.06
C GLN A 47 9.88 -0.82 -8.61
N ALA A 48 8.72 -0.50 -9.22
CA ALA A 48 7.97 -1.38 -10.10
C ALA A 48 8.40 -1.17 -11.55
N GLU A 49 7.61 -1.65 -12.52
CA GLU A 49 7.87 -1.45 -13.93
C GLU A 49 7.60 0.01 -14.34
N GLY A 50 7.77 0.31 -15.63
CA GLY A 50 7.71 1.67 -16.17
C GLY A 50 6.29 2.22 -16.25
N TYR A 51 5.63 2.36 -15.10
CA TYR A 51 4.34 3.02 -14.94
C TYR A 51 4.57 4.50 -14.58
N SER A 52 3.50 5.30 -14.59
CA SER A 52 3.53 6.73 -14.34
C SER A 52 3.88 7.02 -12.87
N TYR A 53 5.16 6.91 -12.53
CA TYR A 53 5.72 7.19 -11.23
C TYR A 53 6.09 8.66 -11.08
N THR A 54 6.77 9.00 -9.97
CA THR A 54 7.13 10.38 -9.66
C THR A 54 8.57 10.49 -9.14
N ASP A 55 9.23 11.58 -9.56
CA ASP A 55 10.45 12.13 -9.00
C ASP A 55 10.44 12.04 -7.47
N ALA A 56 9.35 12.56 -6.89
CA ALA A 56 9.14 12.58 -5.45
C ALA A 56 9.16 11.17 -4.87
N ASN A 57 8.34 10.26 -5.39
CA ASN A 57 8.30 8.88 -4.90
C ASN A 57 9.69 8.27 -4.96
N ILE A 58 10.37 8.39 -6.11
CA ILE A 58 11.74 7.90 -6.29
C ILE A 58 12.66 8.44 -5.19
N LYS A 59 12.76 9.76 -5.00
CA LYS A 59 13.61 10.32 -3.95
C LYS A 59 13.14 9.94 -2.55
N LYS A 60 11.86 9.56 -2.40
CA LYS A 60 11.30 9.07 -1.15
C LYS A 60 11.36 7.53 -1.15
N ASN A 61 12.50 7.01 -1.62
CA ASN A 61 12.96 5.63 -1.53
C ASN A 61 12.77 5.06 -0.12
N VAL A 62 11.59 4.50 0.14
CA VAL A 62 11.11 4.00 1.41
C VAL A 62 11.01 2.48 1.31
N LEU A 63 11.53 1.76 2.30
CA LEU A 63 11.61 0.30 2.33
C LEU A 63 10.25 -0.41 2.27
N TRP A 64 9.17 0.31 2.61
CA TRP A 64 7.83 -0.23 2.78
C TRP A 64 7.79 -1.39 3.77
N ASP A 65 7.88 -1.05 5.05
CA ASP A 65 7.48 -1.89 6.18
C ASP A 65 6.07 -1.48 6.62
N GLU A 66 5.49 -2.29 7.51
CA GLU A 66 4.14 -2.13 8.03
C GLU A 66 3.96 -0.83 8.83
N ASN A 67 5.00 -0.38 9.54
CA ASN A 67 4.88 0.78 10.43
C ASN A 67 4.85 2.05 9.58
N ASN A 68 5.72 2.13 8.58
CA ASN A 68 5.64 3.19 7.59
C ASN A 68 4.30 3.12 6.84
N MET A 69 3.90 1.92 6.37
CA MET A 69 2.65 1.75 5.66
C MET A 69 1.48 2.32 6.45
N SER A 70 1.45 2.07 7.76
CA SER A 70 0.46 2.60 8.68
C SER A 70 0.32 4.13 8.61
N GLU A 71 1.42 4.85 8.38
CA GLU A 71 1.39 6.30 8.22
C GLU A 71 0.96 6.64 6.80
N TYR A 72 1.65 6.05 5.81
CA TYR A 72 1.35 6.29 4.40
C TYR A 72 -0.15 6.20 4.13
N LEU A 73 -0.77 5.08 4.50
CA LEU A 73 -2.20 4.89 4.26
C LEU A 73 -3.06 5.97 4.89
N THR A 74 -2.71 6.38 6.11
CA THR A 74 -3.45 7.42 6.80
C THR A 74 -3.19 8.80 6.20
N ASN A 75 -2.04 9.06 5.57
CA ASN A 75 -1.76 10.37 4.97
C ASN A 75 -0.80 10.30 3.76
N PRO A 76 -1.26 9.76 2.62
CA PRO A 76 -0.38 9.38 1.52
C PRO A 76 0.26 10.60 0.87
N LYS A 78 1.00 13.34 2.00
CA LYS A 78 1.94 14.02 2.88
C LYS A 78 3.17 13.14 3.01
N TYR A 79 2.96 11.85 3.24
CA TYR A 79 4.02 10.88 3.39
C TYR A 79 4.91 10.84 2.16
N ILE A 80 4.32 10.85 0.95
CA ILE A 80 5.05 11.02 -0.30
C ILE A 80 4.82 12.46 -0.77
N PRO A 81 5.85 13.31 -0.86
CA PRO A 81 5.67 14.72 -1.20
C PRO A 81 5.52 14.89 -2.73
N GLY A 82 4.47 14.29 -3.30
CA GLY A 82 4.22 14.28 -4.73
C GLY A 82 3.80 12.89 -5.17
N THR A 83 2.54 12.54 -4.89
CA THR A 83 1.92 11.28 -5.28
C THR A 83 0.62 11.59 -5.99
N LYS A 84 0.28 10.78 -6.99
CA LYS A 84 -1.02 10.82 -7.65
C LYS A 84 -2.15 10.37 -6.70
N ALA A 85 -1.82 9.61 -5.65
CA ALA A 85 -2.78 8.94 -4.79
C ALA A 85 -3.81 9.90 -4.17
N ALA A 86 -5.09 9.54 -4.26
CA ALA A 86 -6.18 10.35 -3.73
C ALA A 86 -7.45 9.50 -3.57
N PHE A 87 -7.56 8.77 -2.46
CA PHE A 87 -8.77 7.99 -2.14
C PHE A 87 -9.41 8.40 -0.80
N GLY A 88 -8.77 9.31 -0.05
CA GLY A 88 -9.17 9.67 1.30
C GLY A 88 -8.33 8.88 2.29
N GLY A 89 -7.26 9.50 2.79
CA GLY A 89 -6.36 8.93 3.80
C GLY A 89 -7.13 8.17 4.88
N LEU A 90 -6.73 6.93 5.17
CA LEU A 90 -7.43 6.09 6.13
C LEU A 90 -7.54 6.79 7.49
N LYS A 91 -8.65 6.51 8.19
CA LYS A 91 -8.95 7.10 9.49
C LYS A 91 -9.51 6.10 10.50
N LYS A 92 -10.15 5.02 10.04
CA LYS A 92 -10.76 4.05 10.95
C LYS A 92 -9.69 3.39 11.82
N GLU A 93 -8.58 2.95 11.20
CA GLU A 93 -7.44 2.26 11.80
C GLU A 93 -7.77 0.78 12.08
N LYS A 94 -9.00 0.55 12.53
CA LYS A 94 -9.64 -0.74 12.68
C LYS A 94 -9.64 -1.49 11.35
N ASP A 95 -9.84 -0.78 10.24
CA ASP A 95 -9.50 -1.24 8.91
C ASP A 95 -8.00 -1.50 8.80
N ARG A 96 -7.22 -0.43 8.95
CA ARG A 96 -5.81 -0.37 8.59
C ARG A 96 -5.04 -1.59 9.08
N ASN A 97 -5.18 -1.92 10.36
CA ASN A 97 -4.49 -3.11 10.89
C ASN A 97 -4.85 -4.37 10.09
N ASP A 98 -6.14 -4.60 9.81
CA ASP A 98 -6.53 -5.81 9.09
C ASP A 98 -6.02 -5.73 7.66
N LEU A 99 -6.32 -4.62 6.99
CA LEU A 99 -5.89 -4.31 5.64
C LEU A 99 -4.38 -4.57 5.48
N ILE A 100 -3.52 -3.93 6.28
CA ILE A 100 -2.08 -4.16 6.21
C ILE A 100 -1.76 -5.64 6.37
N THR A 101 -2.33 -6.32 7.38
CA THR A 101 -2.07 -7.74 7.59
C THR A 101 -2.40 -8.55 6.33
N TYR A 102 -3.60 -8.35 5.79
CA TYR A 102 -4.01 -8.99 4.56
C TYR A 102 -3.00 -8.69 3.46
N LEU A 103 -2.67 -7.41 3.26
CA LEU A 103 -1.80 -6.98 2.18
C LEU A 103 -0.47 -7.70 2.29
N LYS A 104 0.12 -7.68 3.48
CA LYS A 104 1.33 -8.39 3.81
C LYS A 104 1.24 -9.85 3.40
N LYS A 105 0.15 -10.54 3.74
CA LYS A 105 0.02 -11.93 3.38
C LYS A 105 -0.05 -12.07 1.86
N ALA A 106 -0.99 -11.34 1.26
CA ALA A 106 -1.28 -11.32 -0.17
C ALA A 106 -0.05 -10.91 -1.00
N SER A 107 0.89 -10.20 -0.39
CA SER A 107 2.18 -9.86 -0.95
C SER A 107 2.91 -11.13 -1.44
N GLU A 108 2.70 -12.25 -0.73
CA GLU A 108 3.17 -13.58 -1.05
C GLU A 108 1.98 -14.37 -1.62
N THR A 1 4.92 -0.73 20.50
CA THR A 1 5.43 0.20 19.48
C THR A 1 5.49 -0.51 18.15
N GLU A 2 5.87 -1.78 18.12
CA GLU A 2 5.85 -2.58 16.91
C GLU A 2 4.41 -2.66 16.35
N PHE A 3 4.30 -2.84 15.03
CA PHE A 3 3.03 -3.15 14.40
C PHE A 3 2.45 -4.43 15.01
N LYS A 4 1.14 -4.45 15.24
CA LYS A 4 0.41 -5.63 15.67
C LYS A 4 -0.52 -6.05 14.54
N ALA A 5 -0.40 -7.28 14.08
CA ALA A 5 -1.24 -7.80 13.02
C ALA A 5 -2.69 -7.91 13.46
N GLY A 6 -3.60 -7.63 12.53
CA GLY A 6 -5.01 -7.93 12.64
C GLY A 6 -5.25 -9.33 12.08
N SER A 7 -6.35 -9.51 11.36
CA SER A 7 -6.71 -10.78 10.73
C SER A 7 -6.28 -10.78 9.26
N ALA A 8 -6.28 -11.98 8.65
CA ALA A 8 -6.10 -12.16 7.21
C ALA A 8 -7.43 -11.92 6.50
N LYS A 9 -8.50 -12.53 7.03
CA LYS A 9 -9.85 -12.19 6.61
C LYS A 9 -10.13 -10.73 7.01
N LYS A 10 -11.21 -10.16 6.49
CA LYS A 10 -11.63 -8.76 6.68
C LYS A 10 -10.71 -7.84 5.88
N GLY A 11 -9.40 -7.95 6.11
CA GLY A 11 -8.39 -7.21 5.37
C GLY A 11 -8.59 -7.36 3.86
N ALA A 12 -8.90 -8.58 3.42
CA ALA A 12 -9.25 -8.86 2.02
C ALA A 12 -10.41 -7.98 1.57
N THR A 13 -11.50 -7.98 2.33
CA THR A 13 -12.71 -7.24 2.01
C THR A 13 -12.40 -5.74 1.98
N LEU A 14 -11.61 -5.27 2.93
CA LEU A 14 -11.20 -3.89 3.02
C LEU A 14 -10.38 -3.51 1.79
N PHE A 15 -9.38 -4.32 1.43
CA PHE A 15 -8.65 -4.16 0.17
C PHE A 15 -9.64 -4.03 -0.98
N LYS A 16 -10.56 -5.01 -1.09
CA LYS A 16 -11.54 -5.05 -2.16
C LYS A 16 -12.43 -3.80 -2.20
N THR A 17 -12.75 -3.21 -1.05
CA THR A 17 -13.64 -2.06 -0.98
C THR A 17 -12.89 -0.73 -0.82
N ARG A 18 -11.57 -0.69 -1.04
CA ARG A 18 -10.81 0.56 -1.04
C ARG A 18 -9.72 0.51 -2.11
N CYS A 19 -8.80 -0.43 -1.98
CA CYS A 19 -7.53 -0.40 -2.69
C CYS A 19 -7.72 -0.95 -4.11
N LEU A 20 -8.42 -2.07 -4.22
CA LEU A 20 -8.72 -2.77 -5.47
C LEU A 20 -9.20 -1.82 -6.56
N GLN A 21 -9.98 -0.80 -6.17
CA GLN A 21 -10.41 0.28 -7.05
C GLN A 21 -9.28 0.70 -7.99
N CYS A 22 -8.12 1.00 -7.40
CA CYS A 22 -7.00 1.65 -8.09
C CYS A 22 -5.87 0.66 -8.34
N HIS A 23 -5.67 -0.29 -7.43
CA HIS A 23 -4.57 -1.25 -7.40
C HIS A 23 -5.02 -2.68 -7.74
N THR A 24 -4.02 -3.57 -7.78
CA THR A 24 -4.14 -5.01 -7.77
C THR A 24 -3.22 -5.55 -6.68
N VAL A 25 -3.63 -6.67 -6.09
CA VAL A 25 -2.98 -7.34 -4.98
C VAL A 25 -2.20 -8.56 -5.47
N GLU A 26 -2.77 -9.27 -6.45
CA GLU A 26 -2.31 -10.54 -6.94
C GLU A 26 -0.89 -10.42 -7.52
N LYS A 27 -0.18 -11.55 -7.56
CA LYS A 27 1.18 -11.59 -8.02
C LYS A 27 1.22 -11.57 -9.55
N GLY A 28 1.06 -10.36 -10.07
CA GLY A 28 1.21 -10.01 -11.49
C GLY A 28 -0.10 -9.60 -12.16
N GLY A 29 -0.69 -8.49 -11.71
CA GLY A 29 -1.75 -7.77 -12.40
C GLY A 29 -1.22 -6.42 -12.90
N PRO A 30 -2.01 -5.68 -13.71
CA PRO A 30 -1.57 -4.44 -14.35
C PRO A 30 -1.50 -3.27 -13.36
N HIS A 31 -0.59 -2.33 -13.60
CA HIS A 31 -0.52 -1.07 -12.86
C HIS A 31 -1.65 -0.18 -13.38
N LYS A 32 -2.85 -0.34 -12.81
CA LYS A 32 -4.07 0.33 -13.27
C LYS A 32 -4.00 1.85 -12.99
N VAL A 33 -4.56 2.31 -11.87
CA VAL A 33 -4.38 3.69 -11.43
C VAL A 33 -3.14 3.70 -10.56
N GLY A 34 -3.08 2.79 -9.57
CA GLY A 34 -1.92 2.57 -8.74
C GLY A 34 -1.17 1.32 -9.19
N PRO A 35 0.11 1.16 -8.82
CA PRO A 35 0.92 0.03 -9.22
C PRO A 35 0.54 -1.23 -8.45
N ASN A 36 0.83 -2.39 -9.04
CA ASN A 36 0.53 -3.68 -8.40
C ASN A 36 1.32 -3.79 -7.09
N LEU A 37 0.67 -4.17 -5.99
CA LEU A 37 1.28 -4.18 -4.67
C LEU A 37 1.93 -5.54 -4.38
N HIS A 38 2.59 -6.10 -5.40
CA HIS A 38 3.31 -7.37 -5.33
C HIS A 38 4.70 -7.11 -4.77
N GLY A 39 5.13 -7.92 -3.79
CA GLY A 39 6.42 -7.79 -3.13
C GLY A 39 6.60 -6.45 -2.44
N ILE A 40 5.48 -5.77 -2.14
CA ILE A 40 5.53 -4.41 -1.62
C ILE A 40 6.19 -4.39 -0.24
N PHE A 41 5.87 -5.35 0.62
CA PHE A 41 6.51 -5.50 1.91
C PHE A 41 7.92 -6.06 1.73
N GLY A 42 8.83 -5.23 1.21
CA GLY A 42 10.20 -5.61 0.95
C GLY A 42 10.81 -4.70 -0.11
N ARG A 43 10.14 -4.54 -1.25
CA ARG A 43 10.64 -3.66 -2.29
C ARG A 43 10.55 -2.20 -1.80
N GLN A 44 11.63 -1.42 -1.96
CA GLN A 44 11.55 -0.01 -1.66
C GLN A 44 10.52 0.69 -2.57
N SER A 45 10.12 1.88 -2.17
CA SER A 45 9.18 2.69 -2.91
C SER A 45 9.85 3.16 -4.21
N GLY A 46 9.05 3.38 -5.25
CA GLY A 46 9.58 3.90 -6.51
C GLY A 46 10.55 2.91 -7.18
N GLN A 47 10.12 1.65 -7.38
CA GLN A 47 10.91 0.63 -8.09
C GLN A 47 10.20 0.00 -9.30
N ALA A 48 8.86 -0.02 -9.33
CA ALA A 48 8.12 -0.50 -10.50
C ALA A 48 8.21 0.50 -11.67
N GLU A 49 9.36 0.55 -12.33
CA GLU A 49 9.63 1.41 -13.48
C GLU A 49 8.62 1.23 -14.62
N GLY A 50 8.71 2.10 -15.63
CA GLY A 50 7.85 2.07 -16.80
C GLY A 50 6.49 2.72 -16.50
N TYR A 51 5.83 2.22 -15.45
CA TYR A 51 4.62 2.82 -14.92
C TYR A 51 4.88 4.28 -14.49
N SER A 52 3.82 5.10 -14.54
CA SER A 52 3.83 6.54 -14.29
C SER A 52 4.02 6.87 -12.81
N TYR A 53 5.23 6.62 -12.30
CA TYR A 53 5.67 6.98 -10.98
C TYR A 53 6.08 8.45 -10.88
N THR A 54 6.74 8.84 -9.77
CA THR A 54 7.17 10.22 -9.54
C THR A 54 8.60 10.30 -8.98
N ASP A 55 9.27 11.39 -9.38
CA ASP A 55 10.47 11.94 -8.75
C ASP A 55 10.36 11.88 -7.23
N ALA A 56 9.25 12.41 -6.72
CA ALA A 56 8.97 12.48 -5.30
C ALA A 56 8.97 11.10 -4.65
N ASN A 57 8.21 10.13 -5.18
CA ASN A 57 8.20 8.78 -4.60
C ASN A 57 9.62 8.22 -4.56
N ILE A 58 10.36 8.33 -5.67
CA ILE A 58 11.75 7.89 -5.73
C ILE A 58 12.59 8.56 -4.62
N LYS A 59 12.65 9.88 -4.61
CA LYS A 59 13.44 10.62 -3.62
C LYS A 59 13.04 10.24 -2.20
N LYS A 60 11.74 10.08 -1.95
CA LYS A 60 11.22 9.70 -0.65
C LYS A 60 11.28 8.18 -0.45
N ASN A 61 12.19 7.50 -1.14
CA ASN A 61 12.59 6.10 -0.95
C ASN A 61 12.21 5.53 0.42
N VAL A 62 11.11 4.81 0.48
CA VAL A 62 10.58 4.17 1.69
C VAL A 62 10.60 2.66 1.48
N LEU A 63 11.14 1.91 2.44
CA LEU A 63 11.31 0.46 2.34
C LEU A 63 9.97 -0.27 2.21
N TRP A 64 8.88 0.35 2.70
CA TRP A 64 7.54 -0.22 2.78
C TRP A 64 7.50 -1.38 3.78
N ASP A 65 7.37 -1.04 5.07
CA ASP A 65 6.95 -1.95 6.13
C ASP A 65 5.54 -1.54 6.57
N GLU A 66 4.94 -2.31 7.48
CA GLU A 66 3.64 -2.01 8.06
C GLU A 66 3.57 -0.61 8.65
N ASN A 67 4.58 -0.18 9.40
CA ASN A 67 4.58 1.13 10.05
C ASN A 67 4.53 2.25 8.99
N ASN A 68 5.53 2.28 8.10
CA ASN A 68 5.61 3.27 7.04
C ASN A 68 4.33 3.25 6.20
N MET A 69 3.92 2.05 5.78
CA MET A 69 2.75 1.92 4.93
C MET A 69 1.48 2.36 5.66
N SER A 70 1.36 2.06 6.96
CA SER A 70 0.22 2.55 7.74
C SER A 70 0.15 4.08 7.66
N GLU A 71 1.26 4.76 7.94
CA GLU A 71 1.28 6.22 7.89
C GLU A 71 0.88 6.69 6.49
N TYR A 72 1.53 6.14 5.48
CA TYR A 72 1.20 6.42 4.09
C TYR A 72 -0.31 6.28 3.83
N LEU A 73 -0.89 5.11 4.10
CA LEU A 73 -2.32 4.89 3.98
C LEU A 73 -3.13 5.91 4.76
N THR A 74 -2.67 6.30 5.95
CA THR A 74 -3.35 7.30 6.75
C THR A 74 -3.31 8.68 6.06
N ASN A 75 -2.20 9.03 5.40
CA ASN A 75 -2.06 10.33 4.73
C ASN A 75 -1.02 10.31 3.59
N PRO A 76 -1.39 9.81 2.39
CA PRO A 76 -0.42 9.47 1.36
C PRO A 76 0.27 10.71 0.78
N LYS A 78 0.85 13.47 1.97
CA LYS A 78 1.66 14.14 2.96
C LYS A 78 2.93 13.33 3.17
N TYR A 79 2.75 12.02 3.36
CA TYR A 79 3.86 11.12 3.60
C TYR A 79 4.81 11.07 2.41
N ILE A 80 4.28 11.02 1.19
CA ILE A 80 5.04 11.17 -0.05
C ILE A 80 4.70 12.55 -0.64
N PRO A 81 5.63 13.52 -0.68
CA PRO A 81 5.34 14.87 -1.14
C PRO A 81 5.28 14.91 -2.66
N GLY A 82 4.30 14.22 -3.25
CA GLY A 82 4.09 14.12 -4.69
C GLY A 82 3.81 12.68 -5.09
N THR A 83 2.83 12.05 -4.45
CA THR A 83 2.24 10.81 -4.92
C THR A 83 1.04 11.17 -5.79
N LYS A 84 0.90 10.49 -6.93
CA LYS A 84 -0.25 10.58 -7.82
C LYS A 84 -1.54 10.35 -7.02
N ALA A 85 -1.49 9.34 -6.16
CA ALA A 85 -2.57 8.86 -5.31
C ALA A 85 -3.43 9.98 -4.71
N ALA A 86 -4.75 9.87 -4.89
CA ALA A 86 -5.73 10.76 -4.29
C ALA A 86 -6.92 9.93 -3.83
N PHE A 87 -6.89 9.45 -2.58
CA PHE A 87 -8.01 8.77 -1.96
C PHE A 87 -8.11 9.22 -0.50
N GLY A 88 -9.25 8.93 0.14
CA GLY A 88 -9.52 9.33 1.52
C GLY A 88 -8.70 8.48 2.50
N GLY A 89 -7.56 9.03 2.94
CA GLY A 89 -6.64 8.45 3.92
C GLY A 89 -7.32 7.60 5.00
N LEU A 90 -6.80 6.40 5.26
CA LEU A 90 -7.37 5.41 6.17
C LEU A 90 -7.31 5.86 7.62
N LYS A 91 -8.27 6.71 8.03
CA LYS A 91 -8.51 7.07 9.41
C LYS A 91 -8.66 5.82 10.28
N LYS A 92 -9.51 4.88 9.86
CA LYS A 92 -9.84 3.72 10.67
C LYS A 92 -8.66 2.75 10.79
N GLU A 93 -7.77 3.04 11.74
CA GLU A 93 -6.78 2.13 12.31
C GLU A 93 -7.32 0.69 12.36
N LYS A 94 -8.53 0.54 12.89
CA LYS A 94 -9.16 -0.75 13.17
C LYS A 94 -9.22 -1.63 11.91
N ASP A 95 -9.51 -1.01 10.78
CA ASP A 95 -9.59 -1.66 9.48
C ASP A 95 -8.22 -1.73 8.83
N ARG A 96 -7.49 -0.62 8.86
CA ARG A 96 -6.12 -0.51 8.38
C ARG A 96 -5.27 -1.70 8.85
N ASN A 97 -5.28 -1.99 10.15
CA ASN A 97 -4.49 -3.10 10.68
C ASN A 97 -4.80 -4.44 9.97
N ASP A 98 -6.08 -4.78 9.80
CA ASP A 98 -6.49 -5.98 9.07
C ASP A 98 -5.96 -5.92 7.64
N LEU A 99 -6.30 -4.83 6.95
CA LEU A 99 -5.89 -4.59 5.57
C LEU A 99 -4.38 -4.80 5.40
N ILE A 100 -3.56 -4.13 6.21
CA ILE A 100 -2.12 -4.28 6.16
C ILE A 100 -1.73 -5.75 6.35
N THR A 101 -2.29 -6.42 7.37
CA THR A 101 -2.00 -7.82 7.62
C THR A 101 -2.26 -8.67 6.37
N TYR A 102 -3.46 -8.50 5.79
CA TYR A 102 -3.83 -9.19 4.57
C TYR A 102 -2.79 -8.90 3.47
N LEU A 103 -2.49 -7.62 3.24
CA LEU A 103 -1.59 -7.19 2.18
C LEU A 103 -0.22 -7.82 2.33
N LYS A 104 0.31 -7.75 3.56
CA LYS A 104 1.57 -8.36 3.93
C LYS A 104 1.62 -9.81 3.44
N LYS A 105 0.59 -10.59 3.75
CA LYS A 105 0.57 -11.98 3.30
C LYS A 105 0.42 -12.06 1.79
N ALA A 106 -0.43 -11.20 1.25
CA ALA A 106 -0.66 -11.16 -0.18
C ALA A 106 0.64 -10.97 -0.98
N SER A 107 1.58 -10.19 -0.44
CA SER A 107 2.90 -10.01 -1.04
C SER A 107 3.88 -11.16 -0.78
N GLU A 108 3.49 -12.14 0.03
CA GLU A 108 4.27 -13.33 0.37
C GLU A 108 4.23 -14.27 -0.85
N THR A 1 7.65 -8.49 17.91
CA THR A 1 7.40 -7.26 17.14
C THR A 1 6.44 -6.39 17.95
N GLU A 2 6.06 -5.23 17.43
CA GLU A 2 5.28 -4.20 18.10
C GLU A 2 3.91 -4.06 17.44
N PHE A 3 3.87 -3.88 16.11
CA PHE A 3 2.66 -4.13 15.33
C PHE A 3 2.18 -5.55 15.67
N LYS A 4 0.89 -5.71 15.94
CA LYS A 4 0.25 -7.01 16.08
C LYS A 4 -0.68 -7.21 14.89
N ALA A 5 -0.65 -8.41 14.32
CA ALA A 5 -1.50 -8.76 13.19
C ALA A 5 -2.97 -8.73 13.60
N GLY A 6 -3.82 -8.20 12.72
CA GLY A 6 -5.26 -8.43 12.74
C GLY A 6 -5.54 -9.78 12.08
N SER A 7 -6.61 -9.89 11.29
CA SER A 7 -6.86 -11.09 10.51
C SER A 7 -6.18 -10.97 9.14
N ALA A 8 -5.87 -12.13 8.55
CA ALA A 8 -5.54 -12.21 7.13
C ALA A 8 -6.82 -12.06 6.30
N LYS A 9 -7.94 -12.56 6.82
CA LYS A 9 -9.24 -12.36 6.17
C LYS A 9 -9.74 -10.98 6.59
N LYS A 10 -10.85 -10.50 6.02
CA LYS A 10 -11.52 -9.25 6.38
C LYS A 10 -10.76 -8.07 5.78
N GLY A 11 -9.46 -7.99 6.06
CA GLY A 11 -8.52 -7.13 5.37
C GLY A 11 -8.62 -7.34 3.86
N ALA A 12 -8.81 -8.60 3.44
CA ALA A 12 -9.08 -8.95 2.05
C ALA A 12 -10.29 -8.20 1.52
N THR A 13 -11.40 -8.25 2.25
CA THR A 13 -12.63 -7.58 1.88
C THR A 13 -12.39 -6.08 1.78
N LEU A 14 -11.69 -5.52 2.78
CA LEU A 14 -11.34 -4.11 2.84
C LEU A 14 -10.56 -3.71 1.59
N PHE A 15 -9.49 -4.46 1.28
CA PHE A 15 -8.74 -4.28 0.05
C PHE A 15 -9.68 -4.26 -1.15
N LYS A 16 -10.53 -5.29 -1.23
CA LYS A 16 -11.47 -5.45 -2.33
C LYS A 16 -12.43 -4.25 -2.44
N THR A 17 -12.86 -3.65 -1.32
CA THR A 17 -13.79 -2.54 -1.33
C THR A 17 -13.06 -1.18 -1.28
N ARG A 18 -11.74 -1.13 -1.42
CA ARG A 18 -11.00 0.13 -1.42
C ARG A 18 -9.88 0.10 -2.46
N CYS A 19 -8.83 -0.67 -2.21
CA CYS A 19 -7.57 -0.56 -2.92
C CYS A 19 -7.76 -1.11 -4.33
N LEU A 20 -8.42 -2.26 -4.42
CA LEU A 20 -8.72 -2.97 -5.66
C LEU A 20 -9.28 -2.04 -6.75
N GLN A 21 -10.03 -1.00 -6.37
CA GLN A 21 -10.46 0.06 -7.26
C GLN A 21 -9.32 0.46 -8.20
N CYS A 22 -8.20 0.87 -7.60
CA CYS A 22 -7.11 1.59 -8.25
C CYS A 22 -5.90 0.69 -8.50
N HIS A 23 -5.71 -0.29 -7.61
CA HIS A 23 -4.55 -1.15 -7.52
C HIS A 23 -4.84 -2.60 -7.95
N THR A 24 -3.77 -3.39 -7.91
CA THR A 24 -3.77 -4.85 -8.03
C THR A 24 -2.73 -5.37 -7.03
N VAL A 25 -2.87 -6.64 -6.59
CA VAL A 25 -1.93 -7.32 -5.70
C VAL A 25 -1.43 -8.64 -6.31
N GLU A 26 -1.85 -8.94 -7.54
CA GLU A 26 -1.38 -10.10 -8.29
C GLU A 26 0.08 -9.87 -8.72
N LYS A 27 0.79 -10.95 -9.07
CA LYS A 27 2.16 -10.87 -9.54
C LYS A 27 2.31 -9.85 -10.68
N GLY A 28 3.10 -8.80 -10.45
CA GLY A 28 3.40 -7.79 -11.46
C GLY A 28 2.21 -6.84 -11.61
N GLY A 29 1.11 -7.35 -12.17
CA GLY A 29 -0.21 -6.75 -12.22
C GLY A 29 -0.31 -5.40 -12.98
N PRO A 30 -1.45 -5.15 -13.64
CA PRO A 30 -1.69 -3.88 -14.28
C PRO A 30 -1.76 -2.78 -13.22
N HIS A 31 -0.95 -1.74 -13.38
CA HIS A 31 -0.90 -0.59 -12.51
C HIS A 31 -2.04 0.36 -12.90
N LYS A 32 -3.28 -0.11 -12.80
CA LYS A 32 -4.48 0.50 -13.35
C LYS A 32 -4.51 2.01 -13.15
N VAL A 33 -4.76 2.43 -11.90
CA VAL A 33 -4.66 3.82 -11.49
C VAL A 33 -3.42 3.98 -10.63
N GLY A 34 -3.21 3.07 -9.67
CA GLY A 34 -2.07 3.05 -8.78
C GLY A 34 -1.18 1.85 -9.08
N PRO A 35 0.10 1.88 -8.66
CA PRO A 35 1.05 0.83 -8.94
C PRO A 35 0.69 -0.46 -8.23
N ASN A 36 1.03 -1.60 -8.84
CA ASN A 36 0.74 -2.90 -8.26
C ASN A 36 1.42 -3.06 -6.89
N LEU A 37 0.72 -3.65 -5.93
CA LEU A 37 1.14 -3.76 -4.54
C LEU A 37 1.56 -5.20 -4.19
N HIS A 38 1.89 -6.02 -5.17
CA HIS A 38 2.47 -7.33 -4.91
C HIS A 38 3.90 -7.16 -4.42
N GLY A 39 4.34 -7.99 -3.48
CA GLY A 39 5.67 -7.90 -2.89
C GLY A 39 5.95 -6.55 -2.25
N ILE A 40 4.93 -5.76 -1.94
CA ILE A 40 5.16 -4.40 -1.46
C ILE A 40 5.88 -4.41 -0.10
N PHE A 41 5.66 -5.42 0.74
CA PHE A 41 6.31 -5.50 2.05
C PHE A 41 7.75 -5.95 1.89
N GLY A 42 8.69 -5.02 2.04
CA GLY A 42 10.11 -5.29 2.18
C GLY A 42 10.88 -4.93 0.91
N ARG A 43 10.22 -4.97 -0.25
CA ARG A 43 10.81 -4.47 -1.48
C ARG A 43 10.70 -2.95 -1.41
N GLN A 44 11.83 -2.23 -1.44
CA GLN A 44 11.84 -0.78 -1.39
C GLN A 44 10.89 -0.18 -2.44
N SER A 45 10.56 1.08 -2.20
CA SER A 45 9.60 1.83 -2.97
C SER A 45 10.13 2.04 -4.38
N GLY A 46 9.21 2.16 -5.33
CA GLY A 46 9.58 2.54 -6.67
C GLY A 46 10.48 1.50 -7.37
N GLN A 47 10.06 0.23 -7.42
CA GLN A 47 10.72 -0.80 -8.22
C GLN A 47 9.72 -1.68 -8.99
N ALA A 48 8.54 -1.13 -9.30
CA ALA A 48 7.50 -1.80 -10.04
C ALA A 48 7.72 -1.64 -11.55
N GLU A 49 6.68 -1.84 -12.35
CA GLU A 49 6.83 -1.83 -13.82
C GLU A 49 6.97 -0.40 -14.36
N GLY A 50 6.92 -0.23 -15.69
CA GLY A 50 7.16 1.04 -16.36
C GLY A 50 5.93 1.94 -16.31
N TYR A 51 5.40 2.13 -15.11
CA TYR A 51 4.21 2.93 -14.83
C TYR A 51 4.61 4.38 -14.51
N SER A 52 3.63 5.29 -14.47
CA SER A 52 3.82 6.72 -14.29
C SER A 52 4.28 7.05 -12.85
N TYR A 53 5.56 6.84 -12.58
CA TYR A 53 6.23 7.14 -11.33
C TYR A 53 6.34 8.65 -11.10
N THR A 54 6.87 9.06 -9.94
CA THR A 54 7.11 10.46 -9.61
C THR A 54 8.52 10.66 -9.05
N ASP A 55 9.10 11.83 -9.36
CA ASP A 55 10.35 12.29 -8.78
C ASP A 55 10.26 12.26 -7.26
N ALA A 56 9.17 12.80 -6.74
CA ALA A 56 8.88 12.83 -5.31
C ALA A 56 8.99 11.41 -4.72
N ASN A 57 8.28 10.45 -5.30
CA ASN A 57 8.31 9.06 -4.85
C ASN A 57 9.74 8.55 -4.82
N ILE A 58 10.50 8.74 -5.91
CA ILE A 58 11.91 8.35 -5.99
C ILE A 58 12.71 9.00 -4.85
N LYS A 59 12.72 10.33 -4.77
CA LYS A 59 13.48 11.06 -3.76
C LYS A 59 13.07 10.66 -2.34
N LYS A 60 11.81 10.28 -2.14
CA LYS A 60 11.27 9.84 -0.86
C LYS A 60 11.45 8.33 -0.69
N ASN A 61 12.48 7.74 -1.33
CA ASN A 61 12.69 6.30 -1.36
C ASN A 61 12.48 5.63 0.02
N VAL A 62 11.46 4.79 0.14
CA VAL A 62 10.98 4.18 1.38
C VAL A 62 11.08 2.66 1.29
N LEU A 63 11.28 1.97 2.42
CA LEU A 63 11.45 0.51 2.46
C LEU A 63 10.13 -0.25 2.23
N TRP A 64 9.02 0.30 2.74
CA TRP A 64 7.69 -0.32 2.78
C TRP A 64 7.66 -1.52 3.73
N ASP A 65 7.30 -1.23 4.99
CA ASP A 65 7.02 -2.18 6.04
C ASP A 65 5.67 -1.81 6.67
N GLU A 66 5.29 -2.51 7.73
CA GLU A 66 4.15 -2.21 8.57
C GLU A 66 4.10 -0.74 8.98
N ASN A 67 5.15 -0.24 9.63
CA ASN A 67 5.20 1.11 10.15
C ASN A 67 4.99 2.12 9.03
N ASN A 68 5.85 2.06 8.03
CA ASN A 68 5.89 3.03 6.96
C ASN A 68 4.59 3.00 6.17
N MET A 69 4.09 1.80 5.85
CA MET A 69 2.81 1.69 5.17
C MET A 69 1.68 2.20 6.05
N SER A 70 1.67 1.91 7.36
CA SER A 70 0.63 2.43 8.24
C SER A 70 0.58 3.95 8.13
N GLU A 71 1.73 4.62 8.29
CA GLU A 71 1.78 6.08 8.19
C GLU A 71 1.28 6.53 6.82
N TYR A 72 1.94 6.05 5.75
CA TYR A 72 1.56 6.37 4.38
C TYR A 72 0.06 6.25 4.19
N LEU A 73 -0.49 5.10 4.53
CA LEU A 73 -1.89 4.79 4.29
C LEU A 73 -2.80 5.65 5.17
N THR A 74 -2.30 6.20 6.28
CA THR A 74 -3.00 7.20 7.05
C THR A 74 -2.99 8.55 6.32
N ASN A 75 -1.90 8.92 5.63
CA ASN A 75 -1.86 10.17 4.86
C ASN A 75 -0.87 10.11 3.67
N PRO A 76 -1.29 9.59 2.52
CA PRO A 76 -0.39 9.26 1.42
C PRO A 76 0.18 10.54 0.80
N LYS A 78 0.80 13.30 1.93
CA LYS A 78 1.74 14.01 2.77
C LYS A 78 3.02 13.19 2.88
N TYR A 79 2.87 11.90 3.15
CA TYR A 79 4.01 11.00 3.31
C TYR A 79 4.86 10.97 2.04
N ILE A 80 4.23 10.92 0.86
CA ILE A 80 4.91 11.11 -0.42
C ILE A 80 4.53 12.51 -0.93
N PRO A 81 5.45 13.48 -0.95
CA PRO A 81 5.13 14.86 -1.31
C PRO A 81 5.06 14.99 -2.84
N GLY A 82 4.12 14.29 -3.46
CA GLY A 82 3.96 14.23 -4.91
C GLY A 82 3.48 12.85 -5.30
N THR A 83 2.21 12.56 -5.03
CA THR A 83 1.54 11.33 -5.38
C THR A 83 0.23 11.66 -6.09
N LYS A 84 -0.07 10.89 -7.13
CA LYS A 84 -1.35 10.87 -7.82
C LYS A 84 -2.51 10.42 -6.91
N ALA A 85 -2.19 9.74 -5.80
CA ALA A 85 -3.15 9.04 -4.96
C ALA A 85 -4.22 9.94 -4.32
N ALA A 86 -5.28 10.22 -5.08
CA ALA A 86 -6.51 10.79 -4.55
C ALA A 86 -7.27 9.75 -3.70
N PHE A 87 -6.67 9.29 -2.60
CA PHE A 87 -7.25 8.32 -1.68
C PHE A 87 -7.42 8.95 -0.29
N GLY A 88 -8.60 8.74 0.31
CA GLY A 88 -8.93 9.20 1.65
C GLY A 88 -8.28 8.30 2.70
N GLY A 89 -7.04 8.65 3.06
CA GLY A 89 -6.23 8.05 4.11
C GLY A 89 -7.01 7.30 5.21
N LEU A 90 -6.62 6.05 5.50
CA LEU A 90 -7.24 5.19 6.51
C LEU A 90 -6.98 5.71 7.93
N LYS A 91 -7.72 6.75 8.29
CA LYS A 91 -7.85 7.29 9.64
C LYS A 91 -8.56 6.31 10.58
N LYS A 92 -9.51 5.52 10.06
CA LYS A 92 -10.34 4.62 10.85
C LYS A 92 -9.49 3.66 11.70
N GLU A 93 -8.34 3.26 11.16
CA GLU A 93 -7.25 2.56 11.83
C GLU A 93 -7.55 1.08 12.03
N LYS A 94 -8.78 0.76 12.39
CA LYS A 94 -9.20 -0.62 12.58
C LYS A 94 -9.16 -1.35 11.22
N ASP A 95 -9.83 -0.76 10.24
CA ASP A 95 -9.68 -1.09 8.83
C ASP A 95 -8.22 -1.30 8.49
N ARG A 96 -7.42 -0.29 8.82
CA ARG A 96 -6.01 -0.26 8.52
C ARG A 96 -5.29 -1.47 9.11
N ASN A 97 -5.58 -1.83 10.37
CA ASN A 97 -5.00 -3.03 10.97
C ASN A 97 -5.32 -4.26 10.13
N ASP A 98 -6.61 -4.52 9.87
CA ASP A 98 -6.95 -5.77 9.17
C ASP A 98 -6.35 -5.72 7.76
N LEU A 99 -6.55 -4.60 7.07
CA LEU A 99 -6.07 -4.36 5.73
C LEU A 99 -4.55 -4.57 5.64
N ILE A 100 -3.74 -3.83 6.39
CA ILE A 100 -2.30 -3.97 6.36
C ILE A 100 -1.89 -5.41 6.69
N THR A 101 -2.53 -6.06 7.67
CA THR A 101 -2.27 -7.48 7.92
C THR A 101 -2.49 -8.31 6.64
N TYR A 102 -3.67 -8.19 6.02
CA TYR A 102 -3.97 -8.90 4.80
C TYR A 102 -2.90 -8.62 3.75
N LEU A 103 -2.62 -7.34 3.49
CA LEU A 103 -1.69 -6.92 2.46
C LEU A 103 -0.33 -7.53 2.72
N LYS A 104 0.15 -7.44 3.95
CA LYS A 104 1.40 -8.04 4.36
C LYS A 104 1.47 -9.52 3.99
N LYS A 105 0.35 -10.24 4.18
CA LYS A 105 0.28 -11.64 3.84
C LYS A 105 0.29 -11.82 2.32
N ALA A 106 -0.66 -11.17 1.65
CA ALA A 106 -0.87 -11.22 0.20
C ALA A 106 0.29 -10.63 -0.60
N SER A 107 1.22 -9.93 0.07
CA SER A 107 2.46 -9.43 -0.49
C SER A 107 3.20 -10.59 -1.18
N GLU A 108 3.19 -11.77 -0.56
CA GLU A 108 3.83 -12.97 -1.09
C GLU A 108 2.75 -13.79 -1.81
N THR A 1 -3.12 4.14 17.52
CA THR A 1 -2.34 3.63 18.65
C THR A 1 -1.29 2.68 18.08
N GLU A 2 -0.66 1.86 18.92
CA GLU A 2 0.27 0.83 18.46
C GLU A 2 -0.44 -0.15 17.52
N PHE A 3 0.28 -0.62 16.50
CA PHE A 3 -0.27 -1.57 15.54
C PHE A 3 -0.49 -2.92 16.24
N LYS A 4 -1.73 -3.42 16.22
CA LYS A 4 -2.09 -4.79 16.54
C LYS A 4 -2.49 -5.44 15.23
N ALA A 5 -1.81 -6.52 14.84
CA ALA A 5 -2.08 -7.22 13.60
C ALA A 5 -3.50 -7.76 13.57
N GLY A 6 -4.07 -7.86 12.37
CA GLY A 6 -5.41 -8.34 12.12
C GLY A 6 -5.42 -9.83 11.80
N SER A 7 -6.48 -10.30 11.14
CA SER A 7 -6.80 -11.72 11.03
C SER A 7 -6.48 -12.30 9.65
N ALA A 8 -5.61 -11.65 8.88
CA ALA A 8 -5.21 -12.01 7.52
C ALA A 8 -6.35 -11.87 6.52
N LYS A 9 -7.44 -12.62 6.72
CA LYS A 9 -8.71 -12.36 6.08
C LYS A 9 -9.30 -11.09 6.71
N LYS A 10 -10.51 -10.67 6.30
CA LYS A 10 -11.13 -9.38 6.60
C LYS A 10 -10.45 -8.32 5.73
N GLY A 11 -9.13 -8.19 5.91
CA GLY A 11 -8.31 -7.23 5.18
C GLY A 11 -8.45 -7.42 3.67
N ALA A 12 -8.61 -8.66 3.23
CA ALA A 12 -8.89 -8.99 1.84
C ALA A 12 -10.12 -8.23 1.34
N THR A 13 -11.20 -8.27 2.11
CA THR A 13 -12.47 -7.64 1.75
C THR A 13 -12.25 -6.13 1.66
N LEU A 14 -11.57 -5.56 2.66
CA LEU A 14 -11.27 -4.14 2.71
C LEU A 14 -10.46 -3.72 1.48
N PHE A 15 -9.39 -4.46 1.18
CA PHE A 15 -8.61 -4.27 -0.03
C PHE A 15 -9.56 -4.25 -1.24
N LYS A 16 -10.40 -5.28 -1.33
CA LYS A 16 -11.33 -5.44 -2.44
C LYS A 16 -12.28 -4.25 -2.57
N THR A 17 -12.70 -3.63 -1.46
CA THR A 17 -13.65 -2.53 -1.48
C THR A 17 -13.00 -1.14 -1.41
N ARG A 18 -11.66 -1.02 -1.37
CA ARG A 18 -10.99 0.27 -1.24
C ARG A 18 -9.76 0.44 -2.13
N CYS A 19 -8.94 -0.61 -2.28
CA CYS A 19 -7.66 -0.51 -2.95
C CYS A 19 -7.80 -1.05 -4.38
N LEU A 20 -8.41 -2.24 -4.49
CA LEU A 20 -8.60 -2.98 -5.73
C LEU A 20 -9.12 -2.11 -6.87
N GLN A 21 -10.02 -1.18 -6.58
CA GLN A 21 -10.49 -0.20 -7.56
C GLN A 21 -9.33 0.37 -8.38
N CYS A 22 -8.31 0.89 -7.70
CA CYS A 22 -7.21 1.66 -8.30
C CYS A 22 -5.99 0.79 -8.55
N HIS A 23 -5.75 -0.19 -7.68
CA HIS A 23 -4.57 -1.04 -7.64
C HIS A 23 -4.86 -2.48 -8.06
N THR A 24 -3.81 -3.29 -8.02
CA THR A 24 -3.89 -4.74 -7.95
C THR A 24 -2.87 -5.23 -6.91
N VAL A 25 -3.17 -6.36 -6.26
CA VAL A 25 -2.28 -7.04 -5.33
C VAL A 25 -1.65 -8.25 -6.03
N GLU A 26 -2.44 -8.93 -6.86
CA GLU A 26 -2.08 -10.21 -7.44
C GLU A 26 -0.87 -10.07 -8.37
N LYS A 27 -0.07 -11.14 -8.47
CA LYS A 27 1.21 -11.15 -9.13
C LYS A 27 1.05 -10.88 -10.62
N GLY A 28 1.62 -9.77 -11.09
CA GLY A 28 1.51 -9.35 -12.48
C GLY A 28 0.18 -8.65 -12.76
N GLY A 29 -0.59 -8.28 -11.73
CA GLY A 29 -1.74 -7.42 -11.93
C GLY A 29 -1.29 -6.07 -12.48
N PRO A 30 -2.04 -5.45 -13.40
CA PRO A 30 -1.62 -4.23 -14.05
C PRO A 30 -1.61 -3.01 -13.11
N HIS A 31 -0.81 -2.01 -13.49
CA HIS A 31 -0.80 -0.69 -12.88
C HIS A 31 -1.94 0.11 -13.51
N LYS A 32 -3.11 0.11 -12.86
CA LYS A 32 -4.29 0.76 -13.39
C LYS A 32 -4.24 2.26 -13.07
N VAL A 33 -4.81 2.69 -11.94
CA VAL A 33 -4.66 4.05 -11.49
C VAL A 33 -3.42 4.09 -10.62
N GLY A 34 -3.30 3.15 -9.67
CA GLY A 34 -2.11 2.96 -8.86
C GLY A 34 -1.29 1.77 -9.40
N PRO A 35 -0.05 1.62 -8.92
CA PRO A 35 0.83 0.50 -9.27
C PRO A 35 0.31 -0.82 -8.70
N ASN A 36 1.08 -1.91 -8.90
CA ASN A 36 0.76 -3.22 -8.34
C ASN A 36 1.48 -3.37 -7.01
N LEU A 37 0.83 -3.99 -6.02
CA LEU A 37 1.30 -4.03 -4.65
C LEU A 37 1.81 -5.43 -4.23
N HIS A 38 2.08 -6.33 -5.17
CA HIS A 38 2.84 -7.54 -4.87
C HIS A 38 4.25 -7.15 -4.44
N GLY A 39 4.84 -7.88 -3.49
CA GLY A 39 6.21 -7.66 -3.07
C GLY A 39 6.47 -6.24 -2.59
N ILE A 40 5.46 -5.52 -2.12
CA ILE A 40 5.63 -4.17 -1.62
C ILE A 40 6.31 -4.22 -0.25
N PHE A 41 5.91 -5.15 0.62
CA PHE A 41 6.42 -5.21 1.99
C PHE A 41 7.89 -5.59 1.99
N GLY A 42 8.72 -4.61 2.32
CA GLY A 42 10.15 -4.78 2.49
C GLY A 42 10.88 -4.78 1.16
N ARG A 43 10.30 -4.22 0.10
CA ARG A 43 11.02 -3.74 -1.07
C ARG A 43 10.80 -2.22 -1.07
N GLN A 44 11.83 -1.45 -1.44
CA GLN A 44 11.75 -0.01 -1.35
C GLN A 44 10.74 0.55 -2.36
N SER A 45 10.42 1.83 -2.21
CA SER A 45 9.26 2.43 -2.85
C SER A 45 9.50 2.61 -4.35
N GLY A 46 8.47 2.38 -5.17
CA GLY A 46 8.63 2.42 -6.60
C GLY A 46 9.62 1.36 -7.10
N GLN A 47 9.25 0.08 -7.01
CA GLN A 47 10.01 -1.03 -7.60
C GLN A 47 9.12 -1.90 -8.49
N ALA A 48 8.43 -1.27 -9.43
CA ALA A 48 7.54 -1.90 -10.40
C ALA A 48 8.00 -1.56 -11.83
N GLU A 49 7.21 -1.92 -12.83
CA GLU A 49 7.53 -1.64 -14.22
C GLU A 49 7.36 -0.14 -14.52
N GLY A 50 7.57 0.24 -15.78
CA GLY A 50 7.59 1.64 -16.23
C GLY A 50 6.20 2.26 -16.30
N TYR A 51 5.52 2.34 -15.15
CA TYR A 51 4.27 3.06 -14.96
C TYR A 51 4.60 4.52 -14.58
N SER A 52 3.59 5.38 -14.46
CA SER A 52 3.76 6.81 -14.18
C SER A 52 4.25 7.02 -12.75
N TYR A 53 5.56 6.96 -12.54
CA TYR A 53 6.23 7.16 -11.27
C TYR A 53 6.33 8.67 -10.94
N THR A 54 6.93 9.03 -9.80
CA THR A 54 7.27 10.40 -9.45
C THR A 54 8.71 10.49 -8.94
N ASP A 55 9.37 11.62 -9.25
CA ASP A 55 10.66 11.99 -8.67
C ASP A 55 10.57 11.93 -7.14
N ALA A 56 9.48 12.49 -6.62
CA ALA A 56 9.15 12.47 -5.20
C ALA A 56 9.24 11.07 -4.61
N ASN A 57 8.50 10.09 -5.14
CA ASN A 57 8.54 8.73 -4.60
C ASN A 57 9.98 8.21 -4.60
N ILE A 58 10.67 8.34 -5.74
CA ILE A 58 12.05 7.89 -5.86
C ILE A 58 12.93 8.53 -4.77
N LYS A 59 12.96 9.86 -4.67
CA LYS A 59 13.80 10.55 -3.71
C LYS A 59 13.38 10.26 -2.27
N LYS A 60 12.08 10.01 -2.04
CA LYS A 60 11.56 9.61 -0.74
C LYS A 60 11.67 8.09 -0.57
N ASN A 61 12.59 7.43 -1.28
CA ASN A 61 12.90 6.00 -1.29
C ASN A 61 12.56 5.26 0.02
N VAL A 62 11.33 4.79 0.17
CA VAL A 62 10.78 4.28 1.43
C VAL A 62 10.73 2.75 1.40
N LEU A 63 11.18 2.11 2.49
CA LEU A 63 11.32 0.65 2.62
C LEU A 63 10.00 -0.11 2.51
N TRP A 64 8.87 0.55 2.80
CA TRP A 64 7.55 -0.06 2.89
C TRP A 64 7.54 -1.22 3.88
N ASP A 65 7.52 -0.88 5.17
CA ASP A 65 7.15 -1.79 6.24
C ASP A 65 5.73 -1.44 6.72
N GLU A 66 5.28 -2.18 7.73
CA GLU A 66 4.05 -2.01 8.46
C GLU A 66 3.87 -0.56 8.96
N ASN A 67 4.89 -0.02 9.61
CA ASN A 67 4.86 1.33 10.17
C ASN A 67 4.72 2.36 9.06
N ASN A 68 5.63 2.34 8.09
CA ASN A 68 5.62 3.30 6.99
C ASN A 68 4.32 3.21 6.23
N MET A 69 3.82 2.00 5.96
CA MET A 69 2.54 1.81 5.31
C MET A 69 1.40 2.37 6.16
N SER A 70 1.40 2.08 7.47
CA SER A 70 0.45 2.63 8.43
C SER A 70 0.35 4.14 8.26
N GLU A 71 1.48 4.83 8.35
CA GLU A 71 1.53 6.28 8.20
C GLU A 71 1.01 6.68 6.81
N TYR A 72 1.66 6.18 5.76
CA TYR A 72 1.30 6.49 4.39
C TYR A 72 -0.20 6.41 4.16
N LEU A 73 -0.81 5.28 4.50
CA LEU A 73 -2.23 5.09 4.26
C LEU A 73 -3.11 6.11 4.97
N THR A 74 -2.77 6.50 6.20
CA THR A 74 -3.47 7.61 6.85
C THR A 74 -3.28 8.94 6.10
N ASN A 75 -2.13 9.18 5.45
CA ASN A 75 -1.86 10.46 4.81
C ASN A 75 -0.83 10.36 3.65
N PRO A 76 -1.24 9.87 2.48
CA PRO A 76 -0.30 9.43 1.45
C PRO A 76 0.45 10.62 0.83
N LYS A 78 1.17 13.40 1.91
CA LYS A 78 2.02 14.09 2.86
C LYS A 78 3.26 13.24 3.07
N TYR A 79 3.04 11.94 3.32
CA TYR A 79 4.15 11.02 3.59
C TYR A 79 5.06 10.89 2.37
N ILE A 80 4.49 10.77 1.17
CA ILE A 80 5.21 10.92 -0.09
C ILE A 80 4.86 12.29 -0.64
N PRO A 81 5.79 13.25 -0.70
CA PRO A 81 5.49 14.62 -1.12
C PRO A 81 5.41 14.70 -2.65
N GLY A 82 4.45 13.99 -3.23
CA GLY A 82 4.26 13.90 -4.67
C GLY A 82 3.79 12.49 -5.04
N THR A 83 2.50 12.24 -4.82
CA THR A 83 1.80 11.05 -5.28
C THR A 83 0.48 11.52 -5.86
N LYS A 84 0.07 10.92 -6.98
CA LYS A 84 -1.23 11.13 -7.60
C LYS A 84 -2.36 10.55 -6.72
N ALA A 85 -2.04 9.73 -5.72
CA ALA A 85 -3.04 9.04 -4.93
C ALA A 85 -3.94 9.99 -4.14
N ALA A 86 -5.24 10.03 -4.48
CA ALA A 86 -6.20 10.93 -3.87
C ALA A 86 -7.55 10.24 -3.66
N PHE A 87 -7.59 9.23 -2.78
CA PHE A 87 -8.82 8.50 -2.47
C PHE A 87 -9.44 8.95 -1.14
N GLY A 88 -8.61 9.22 -0.12
CA GLY A 88 -9.06 9.63 1.21
C GLY A 88 -8.37 8.80 2.29
N GLY A 89 -7.39 9.40 2.97
CA GLY A 89 -6.53 8.75 3.96
C GLY A 89 -7.29 7.83 4.94
N LEU A 90 -6.83 6.59 5.10
CA LEU A 90 -7.46 5.58 5.95
C LEU A 90 -7.28 5.91 7.44
N LYS A 91 -8.21 6.69 8.00
CA LYS A 91 -8.22 6.99 9.43
C LYS A 91 -8.31 5.71 10.25
N LYS A 92 -9.42 4.97 10.10
CA LYS A 92 -9.78 3.86 10.98
C LYS A 92 -8.67 2.81 11.08
N GLU A 93 -7.90 2.88 12.17
CA GLU A 93 -6.85 1.93 12.48
C GLU A 93 -7.37 0.50 12.53
N LYS A 94 -8.61 0.27 12.98
CA LYS A 94 -9.18 -1.07 12.97
C LYS A 94 -9.15 -1.70 11.57
N ASP A 95 -9.86 -1.11 10.59
CA ASP A 95 -9.91 -1.72 9.27
C ASP A 95 -8.53 -1.70 8.64
N ARG A 96 -7.85 -0.56 8.74
CA ARG A 96 -6.48 -0.39 8.25
C ARG A 96 -5.57 -1.50 8.75
N ASN A 97 -5.62 -1.84 10.03
CA ASN A 97 -4.78 -2.88 10.58
C ASN A 97 -5.03 -4.21 9.87
N ASP A 98 -6.29 -4.64 9.74
CA ASP A 98 -6.60 -5.86 9.00
C ASP A 98 -6.10 -5.76 7.57
N LEU A 99 -6.44 -4.67 6.88
CA LEU A 99 -6.02 -4.41 5.51
C LEU A 99 -4.50 -4.54 5.38
N ILE A 100 -3.73 -3.81 6.17
CA ILE A 100 -2.27 -3.89 6.18
C ILE A 100 -1.82 -5.32 6.44
N THR A 101 -2.41 -6.01 7.43
CA THR A 101 -2.05 -7.39 7.70
C THR A 101 -2.24 -8.26 6.45
N TYR A 102 -3.41 -8.14 5.82
CA TYR A 102 -3.70 -8.85 4.59
C TYR A 102 -2.64 -8.53 3.55
N LEU A 103 -2.39 -7.25 3.31
CA LEU A 103 -1.44 -6.78 2.30
C LEU A 103 -0.06 -7.37 2.55
N LYS A 104 0.40 -7.26 3.79
CA LYS A 104 1.66 -7.78 4.27
C LYS A 104 1.82 -9.24 3.89
N LYS A 105 0.77 -10.05 4.09
CA LYS A 105 0.80 -11.44 3.71
C LYS A 105 0.77 -11.57 2.18
N ALA A 106 -0.24 -10.98 1.55
CA ALA A 106 -0.49 -11.05 0.11
C ALA A 106 0.68 -10.50 -0.73
N SER A 107 1.56 -9.72 -0.10
CA SER A 107 2.81 -9.26 -0.69
C SER A 107 3.72 -10.44 -1.09
N GLU A 108 3.55 -11.59 -0.44
CA GLU A 108 4.34 -12.81 -0.61
C GLU A 108 3.74 -13.67 -1.75
N THR A 1 5.77 -3.88 16.85
CA THR A 1 5.36 -4.08 18.24
C THR A 1 4.33 -3.01 18.61
N GLU A 2 4.53 -1.77 18.17
CA GLU A 2 3.49 -0.75 18.27
C GLU A 2 2.35 -1.12 17.31
N PHE A 3 2.68 -1.43 16.07
CA PHE A 3 1.77 -2.11 15.16
C PHE A 3 1.42 -3.49 15.74
N LYS A 4 0.16 -3.91 15.52
CA LYS A 4 -0.38 -5.20 15.88
C LYS A 4 -1.09 -5.75 14.64
N ALA A 5 -0.90 -7.04 14.35
CA ALA A 5 -1.57 -7.66 13.22
C ALA A 5 -3.06 -7.81 13.50
N GLY A 6 -3.87 -7.75 12.44
CA GLY A 6 -5.28 -8.11 12.44
C GLY A 6 -5.42 -9.52 11.87
N SER A 7 -6.45 -9.77 11.07
CA SER A 7 -6.62 -11.03 10.35
C SER A 7 -6.24 -10.86 8.88
N ALA A 8 -6.31 -11.97 8.15
CA ALA A 8 -6.18 -12.00 6.70
C ALA A 8 -7.56 -11.74 6.09
N LYS A 9 -8.57 -12.45 6.60
CA LYS A 9 -9.95 -12.13 6.25
C LYS A 9 -10.30 -10.78 6.87
N LYS A 10 -11.38 -10.14 6.40
CA LYS A 10 -11.81 -8.79 6.78
C LYS A 10 -10.91 -7.76 6.09
N GLY A 11 -9.60 -7.87 6.31
CA GLY A 11 -8.60 -7.09 5.61
C GLY A 11 -8.76 -7.27 4.10
N ALA A 12 -9.01 -8.52 3.70
CA ALA A 12 -9.37 -8.87 2.34
C ALA A 12 -10.53 -8.01 1.83
N THR A 13 -11.60 -7.94 2.61
CA THR A 13 -12.80 -7.23 2.24
C THR A 13 -12.49 -5.74 2.10
N LEU A 14 -11.75 -5.19 3.05
CA LEU A 14 -11.33 -3.80 3.05
C LEU A 14 -10.55 -3.51 1.76
N PHE A 15 -9.48 -4.29 1.52
CA PHE A 15 -8.72 -4.18 0.28
C PHE A 15 -9.66 -4.19 -0.93
N LYS A 16 -10.54 -5.20 -0.98
CA LYS A 16 -11.41 -5.44 -2.10
C LYS A 16 -12.38 -4.27 -2.33
N THR A 17 -12.81 -3.59 -1.27
CA THR A 17 -13.75 -2.49 -1.38
C THR A 17 -13.06 -1.12 -1.49
N ARG A 18 -11.74 -1.01 -1.31
CA ARG A 18 -11.07 0.29 -1.21
C ARG A 18 -9.82 0.38 -2.09
N CYS A 19 -8.95 -0.62 -2.06
CA CYS A 19 -7.65 -0.55 -2.72
C CYS A 19 -7.77 -1.12 -4.12
N LEU A 20 -8.43 -2.29 -4.24
CA LEU A 20 -8.67 -3.00 -5.49
C LEU A 20 -9.20 -2.08 -6.58
N GLN A 21 -10.03 -1.10 -6.19
CA GLN A 21 -10.46 0.01 -7.03
C GLN A 21 -9.35 0.45 -7.98
N CYS A 22 -8.20 0.81 -7.41
CA CYS A 22 -7.12 1.47 -8.12
C CYS A 22 -5.94 0.53 -8.38
N HIS A 23 -5.72 -0.42 -7.46
CA HIS A 23 -4.56 -1.31 -7.41
C HIS A 23 -4.88 -2.75 -7.82
N THR A 24 -3.82 -3.56 -7.82
CA THR A 24 -3.83 -5.01 -7.84
C THR A 24 -2.77 -5.48 -6.83
N VAL A 25 -2.91 -6.69 -6.28
CA VAL A 25 -1.96 -7.31 -5.35
C VAL A 25 -1.47 -8.68 -5.85
N GLU A 26 -2.01 -9.16 -6.97
CA GLU A 26 -1.67 -10.44 -7.58
C GLU A 26 -0.30 -10.35 -8.26
N LYS A 27 0.40 -11.49 -8.39
CA LYS A 27 1.62 -11.55 -9.15
C LYS A 27 1.31 -11.25 -10.61
N GLY A 28 1.82 -10.11 -11.11
CA GLY A 28 1.69 -9.72 -12.51
C GLY A 28 0.37 -8.99 -12.77
N GLY A 29 -0.32 -8.50 -11.74
CA GLY A 29 -1.46 -7.62 -11.96
C GLY A 29 -0.99 -6.33 -12.62
N PRO A 30 -1.78 -5.73 -13.52
CA PRO A 30 -1.38 -4.50 -14.18
C PRO A 30 -1.35 -3.32 -13.19
N HIS A 31 -0.53 -2.32 -13.51
CA HIS A 31 -0.47 -1.04 -12.83
C HIS A 31 -1.63 -0.22 -13.38
N LYS A 32 -2.81 -0.34 -12.78
CA LYS A 32 -4.03 0.29 -13.26
C LYS A 32 -3.98 1.80 -12.97
N VAL A 33 -4.67 2.26 -11.93
CA VAL A 33 -4.54 3.64 -11.47
C VAL A 33 -3.34 3.68 -10.55
N GLY A 34 -3.25 2.75 -9.60
CA GLY A 34 -2.09 2.58 -8.74
C GLY A 34 -1.24 1.41 -9.22
N PRO A 35 0.05 1.35 -8.83
CA PRO A 35 0.93 0.26 -9.20
C PRO A 35 0.53 -1.03 -8.49
N ASN A 36 0.93 -2.17 -9.05
CA ASN A 36 0.71 -3.46 -8.42
C ASN A 36 1.47 -3.52 -7.08
N LEU A 37 0.81 -3.99 -6.03
CA LEU A 37 1.32 -4.02 -4.66
C LEU A 37 1.84 -5.40 -4.28
N HIS A 38 2.17 -6.27 -5.24
CA HIS A 38 2.81 -7.54 -4.93
C HIS A 38 4.29 -7.33 -4.61
N GLY A 39 4.82 -8.08 -3.64
CA GLY A 39 6.19 -7.96 -3.18
C GLY A 39 6.53 -6.53 -2.70
N ILE A 40 5.53 -5.76 -2.27
CA ILE A 40 5.73 -4.40 -1.80
C ILE A 40 6.48 -4.43 -0.46
N PHE A 41 6.01 -5.27 0.46
CA PHE A 41 6.55 -5.40 1.80
C PHE A 41 8.02 -5.81 1.75
N GLY A 42 8.89 -4.85 2.04
CA GLY A 42 10.33 -5.03 2.11
C GLY A 42 11.06 -4.54 0.86
N ARG A 43 10.34 -4.12 -0.18
CA ARG A 43 10.91 -3.58 -1.40
C ARG A 43 10.68 -2.07 -1.40
N GLN A 44 11.72 -1.29 -1.68
CA GLN A 44 11.68 0.16 -1.70
C GLN A 44 10.51 0.70 -2.52
N SER A 45 10.11 1.93 -2.21
CA SER A 45 9.07 2.65 -2.91
C SER A 45 9.61 3.16 -4.25
N GLY A 46 8.72 3.49 -5.18
CA GLY A 46 9.15 4.05 -6.46
C GLY A 46 10.09 3.08 -7.20
N GLN A 47 9.69 1.79 -7.27
CA GLN A 47 10.52 0.70 -7.76
C GLN A 47 10.04 0.07 -9.06
N ALA A 48 8.72 0.00 -9.29
CA ALA A 48 8.14 -0.61 -10.49
C ALA A 48 8.26 0.34 -11.70
N GLU A 49 9.28 0.15 -12.53
CA GLU A 49 9.60 1.02 -13.65
C GLU A 49 8.47 1.07 -14.70
N GLY A 50 8.60 1.97 -15.67
CA GLY A 50 7.71 2.07 -16.82
C GLY A 50 6.42 2.80 -16.48
N TYR A 51 5.73 2.36 -15.43
CA TYR A 51 4.50 2.97 -14.94
C TYR A 51 4.70 4.44 -14.57
N SER A 52 3.60 5.21 -14.58
CA SER A 52 3.59 6.64 -14.32
C SER A 52 3.87 6.95 -12.85
N TYR A 53 5.14 6.89 -12.47
CA TYR A 53 5.64 7.17 -11.13
C TYR A 53 6.06 8.63 -10.97
N THR A 54 6.74 8.94 -9.85
CA THR A 54 7.22 10.29 -9.55
C THR A 54 8.66 10.30 -9.03
N ASP A 55 9.38 11.35 -9.42
CA ASP A 55 10.63 11.80 -8.80
C ASP A 55 10.49 11.78 -7.27
N ALA A 56 9.41 12.39 -6.79
CA ALA A 56 9.09 12.47 -5.38
C ALA A 56 9.09 11.09 -4.70
N ASN A 57 8.32 10.12 -5.22
CA ASN A 57 8.26 8.79 -4.62
C ASN A 57 9.68 8.20 -4.57
N ILE A 58 10.42 8.26 -5.68
CA ILE A 58 11.81 7.80 -5.72
C ILE A 58 12.64 8.48 -4.62
N LYS A 59 12.64 9.81 -4.55
CA LYS A 59 13.42 10.54 -3.55
C LYS A 59 12.95 10.23 -2.13
N LYS A 60 11.68 9.87 -1.95
CA LYS A 60 11.14 9.38 -0.69
C LYS A 60 11.21 7.84 -0.68
N ASN A 61 12.31 7.29 -1.19
CA ASN A 61 12.66 5.87 -1.19
C ASN A 61 12.36 5.20 0.17
N VAL A 62 11.15 4.67 0.33
CA VAL A 62 10.66 4.07 1.55
C VAL A 62 10.66 2.55 1.40
N LEU A 63 11.29 1.84 2.33
CA LEU A 63 11.45 0.38 2.33
C LEU A 63 10.13 -0.39 2.22
N TRP A 64 9.02 0.22 2.66
CA TRP A 64 7.71 -0.39 2.80
C TRP A 64 7.72 -1.53 3.82
N ASP A 65 7.65 -1.16 5.10
CA ASP A 65 7.31 -2.04 6.21
C ASP A 65 5.89 -1.70 6.69
N GLU A 66 5.33 -2.53 7.58
CA GLU A 66 4.01 -2.33 8.17
C GLU A 66 3.88 -0.94 8.81
N ASN A 67 4.87 -0.54 9.59
CA ASN A 67 4.81 0.67 10.39
C ASN A 67 4.73 1.90 9.49
N ASN A 68 5.67 2.02 8.53
CA ASN A 68 5.67 3.11 7.57
C ASN A 68 4.42 3.03 6.70
N MET A 69 4.12 1.86 6.12
CA MET A 69 2.96 1.65 5.27
C MET A 69 1.70 2.17 5.96
N SER A 70 1.51 1.80 7.23
CA SER A 70 0.40 2.27 8.04
C SER A 70 0.24 3.78 7.90
N GLU A 71 1.30 4.54 8.16
CA GLU A 71 1.21 5.99 8.22
C GLU A 71 1.10 6.61 6.83
N TYR A 72 1.89 6.10 5.87
CA TYR A 72 1.68 6.45 4.46
C TYR A 72 0.19 6.37 4.14
N LEU A 73 -0.41 5.22 4.47
CA LEU A 73 -1.77 4.93 4.12
C LEU A 73 -2.78 5.81 4.87
N THR A 74 -2.40 6.44 6.00
CA THR A 74 -3.26 7.45 6.60
C THR A 74 -3.26 8.72 5.76
N ASN A 75 -2.11 9.10 5.19
CA ASN A 75 -1.98 10.41 4.56
C ASN A 75 -0.92 10.41 3.44
N PRO A 76 -1.25 9.82 2.29
CA PRO A 76 -0.27 9.42 1.30
C PRO A 76 0.46 10.63 0.74
N LYS A 78 0.84 13.50 1.93
CA LYS A 78 1.60 14.23 2.94
C LYS A 78 2.93 13.51 3.10
N TYR A 79 2.84 12.19 3.28
CA TYR A 79 3.97 11.31 3.48
C TYR A 79 4.94 11.39 2.29
N ILE A 80 4.38 11.29 1.08
CA ILE A 80 5.09 11.41 -0.20
C ILE A 80 4.55 12.67 -0.89
N PRO A 81 5.25 13.81 -0.83
CA PRO A 81 4.75 15.06 -1.39
C PRO A 81 4.93 15.06 -2.92
N GLY A 82 4.16 14.21 -3.60
CA GLY A 82 4.23 14.04 -5.04
C GLY A 82 3.75 12.64 -5.39
N THR A 83 2.44 12.44 -5.34
CA THR A 83 1.78 11.19 -5.66
C THR A 83 0.48 11.54 -6.38
N LYS A 84 0.12 10.75 -7.39
CA LYS A 84 -1.17 10.87 -8.06
C LYS A 84 -2.31 10.31 -7.19
N ALA A 85 -1.99 9.67 -6.06
CA ALA A 85 -2.96 8.98 -5.23
C ALA A 85 -3.99 9.91 -4.59
N ALA A 86 -5.01 10.29 -5.35
CA ALA A 86 -6.23 10.91 -4.83
C ALA A 86 -7.06 9.87 -4.06
N PHE A 87 -6.49 9.32 -2.99
CA PHE A 87 -7.09 8.30 -2.15
C PHE A 87 -7.50 8.95 -0.82
N GLY A 88 -8.71 8.67 -0.36
CA GLY A 88 -9.22 9.10 0.93
C GLY A 88 -8.52 8.36 2.07
N GLY A 89 -7.28 8.81 2.35
CA GLY A 89 -6.42 8.45 3.47
C GLY A 89 -7.12 7.75 4.63
N LEU A 90 -6.65 6.56 5.01
CA LEU A 90 -7.25 5.81 6.12
C LEU A 90 -7.04 6.55 7.44
N LYS A 91 -7.69 6.07 8.51
CA LYS A 91 -7.61 6.72 9.81
C LYS A 91 -7.94 5.70 10.90
N LYS A 92 -9.16 5.14 10.80
CA LYS A 92 -9.87 4.28 11.74
C LYS A 92 -9.04 3.29 12.57
N GLU A 93 -7.89 2.83 12.05
CA GLU A 93 -6.83 2.11 12.76
C GLU A 93 -7.17 0.62 12.79
N LYS A 94 -8.39 0.31 13.20
CA LYS A 94 -8.91 -1.06 13.27
C LYS A 94 -8.80 -1.69 11.88
N ASP A 95 -9.56 -1.10 10.95
CA ASP A 95 -9.61 -1.41 9.53
C ASP A 95 -8.20 -1.58 8.98
N ARG A 96 -7.40 -0.55 9.23
CA ARG A 96 -6.01 -0.48 8.80
C ARG A 96 -5.26 -1.72 9.27
N ASN A 97 -5.37 -2.11 10.55
CA ASN A 97 -4.68 -3.31 11.04
C ASN A 97 -5.03 -4.50 10.16
N ASP A 98 -6.34 -4.73 9.93
CA ASP A 98 -6.77 -5.89 9.15
C ASP A 98 -6.22 -5.78 7.73
N LEU A 99 -6.51 -4.65 7.07
CA LEU A 99 -6.07 -4.37 5.72
C LEU A 99 -4.55 -4.60 5.56
N ILE A 100 -3.71 -3.92 6.35
CA ILE A 100 -2.27 -4.10 6.30
C ILE A 100 -1.93 -5.58 6.42
N THR A 101 -2.49 -6.28 7.40
CA THR A 101 -2.22 -7.70 7.59
C THR A 101 -2.55 -8.49 6.32
N TYR A 102 -3.77 -8.32 5.78
CA TYR A 102 -4.16 -8.96 4.54
C TYR A 102 -3.15 -8.65 3.46
N LEU A 103 -2.79 -7.37 3.29
CA LEU A 103 -1.89 -6.96 2.23
C LEU A 103 -0.60 -7.74 2.37
N LYS A 104 0.03 -7.63 3.55
CA LYS A 104 1.26 -8.30 3.87
C LYS A 104 1.21 -9.79 3.58
N LYS A 105 0.10 -10.47 3.88
CA LYS A 105 -0.04 -11.89 3.59
C LYS A 105 -0.15 -12.09 2.06
N ALA A 106 -0.97 -11.28 1.40
CA ALA A 106 -1.23 -11.35 -0.03
C ALA A 106 0.03 -11.09 -0.86
N SER A 107 0.88 -10.17 -0.41
CA SER A 107 2.11 -9.77 -1.06
C SER A 107 3.33 -10.15 -0.21
N GLU A 108 3.26 -11.31 0.42
CA GLU A 108 4.34 -11.92 1.20
C GLU A 108 5.38 -12.48 0.22
N THR A 1 2.64 1.52 22.22
CA THR A 1 2.36 2.24 20.98
C THR A 1 2.81 1.43 19.75
N GLU A 2 2.06 0.39 19.40
CA GLU A 2 2.48 -0.63 18.46
C GLU A 2 1.27 -1.10 17.63
N PHE A 3 1.54 -1.48 16.37
CA PHE A 3 0.58 -2.14 15.51
C PHE A 3 0.27 -3.52 16.11
N LYS A 4 -1.00 -3.94 16.04
CA LYS A 4 -1.40 -5.32 16.25
C LYS A 4 -1.83 -5.87 14.90
N ALA A 5 -1.41 -7.09 14.58
CA ALA A 5 -1.92 -7.79 13.41
C ALA A 5 -3.44 -7.90 13.48
N GLY A 6 -4.07 -7.99 12.32
CA GLY A 6 -5.48 -8.28 12.17
C GLY A 6 -5.67 -9.77 11.88
N SER A 7 -6.85 -10.16 11.38
CA SER A 7 -7.26 -11.55 11.33
C SER A 7 -7.01 -12.19 9.95
N ALA A 8 -6.00 -11.71 9.21
CA ALA A 8 -5.62 -12.13 7.87
C ALA A 8 -6.71 -11.84 6.82
N LYS A 9 -7.87 -12.47 6.97
CA LYS A 9 -9.07 -12.07 6.24
C LYS A 9 -9.60 -10.78 6.88
N LYS A 10 -10.83 -10.35 6.54
CA LYS A 10 -11.38 -9.01 6.78
C LYS A 10 -10.68 -8.03 5.85
N GLY A 11 -9.37 -7.93 6.00
CA GLY A 11 -8.51 -7.06 5.22
C GLY A 11 -8.70 -7.27 3.71
N ALA A 12 -8.94 -8.51 3.29
CA ALA A 12 -9.26 -8.85 1.91
C ALA A 12 -10.45 -8.03 1.40
N THR A 13 -11.51 -7.93 2.20
CA THR A 13 -12.72 -7.21 1.85
C THR A 13 -12.41 -5.73 1.72
N LEU A 14 -11.66 -5.18 2.69
CA LEU A 14 -11.26 -3.79 2.71
C LEU A 14 -10.44 -3.47 1.47
N PHE A 15 -9.43 -4.29 1.18
CA PHE A 15 -8.64 -4.20 -0.04
C PHE A 15 -9.58 -4.13 -1.24
N LYS A 16 -10.50 -5.10 -1.32
CA LYS A 16 -11.46 -5.17 -2.41
C LYS A 16 -12.33 -3.91 -2.53
N THR A 17 -12.74 -3.30 -1.41
CA THR A 17 -13.61 -2.13 -1.43
C THR A 17 -12.84 -0.80 -1.42
N ARG A 18 -11.50 -0.81 -1.50
CA ARG A 18 -10.71 0.41 -1.45
C ARG A 18 -9.54 0.37 -2.43
N CYS A 19 -8.63 -0.59 -2.26
CA CYS A 19 -7.35 -0.57 -2.92
C CYS A 19 -7.53 -1.12 -4.33
N LEU A 20 -8.19 -2.27 -4.44
CA LEU A 20 -8.50 -2.96 -5.68
C LEU A 20 -9.04 -2.01 -6.75
N GLN A 21 -9.82 -1.00 -6.34
CA GLN A 21 -10.25 0.09 -7.20
C GLN A 21 -9.13 0.53 -8.16
N CYS A 22 -7.98 0.90 -7.58
CA CYS A 22 -6.89 1.56 -8.28
C CYS A 22 -5.72 0.59 -8.52
N HIS A 23 -5.52 -0.33 -7.59
CA HIS A 23 -4.38 -1.23 -7.50
C HIS A 23 -4.74 -2.67 -7.88
N THR A 24 -3.72 -3.52 -7.81
CA THR A 24 -3.73 -4.96 -7.93
C THR A 24 -2.71 -5.49 -6.92
N VAL A 25 -2.84 -6.75 -6.49
CA VAL A 25 -1.93 -7.41 -5.56
C VAL A 25 -1.34 -8.69 -6.15
N GLU A 26 -2.07 -9.39 -7.02
CA GLU A 26 -1.65 -10.64 -7.62
C GLU A 26 -0.69 -10.36 -8.78
N LYS A 27 0.42 -11.10 -8.87
CA LYS A 27 1.36 -11.05 -9.96
C LYS A 27 0.65 -11.37 -11.28
N GLY A 28 0.30 -10.32 -12.02
CA GLY A 28 -0.45 -10.41 -13.26
C GLY A 28 -1.29 -9.16 -13.45
N GLY A 29 -1.92 -8.68 -12.36
CA GLY A 29 -2.78 -7.52 -12.44
C GLY A 29 -1.95 -6.25 -12.70
N PRO A 30 -2.16 -5.51 -13.80
CA PRO A 30 -1.29 -4.42 -14.19
C PRO A 30 -1.38 -3.21 -13.25
N HIS A 31 -0.48 -2.24 -13.46
CA HIS A 31 -0.38 -1.01 -12.67
C HIS A 31 -1.48 -0.03 -13.11
N LYS A 32 -2.75 -0.41 -12.87
CA LYS A 32 -3.93 0.24 -13.40
C LYS A 32 -3.91 1.76 -13.17
N VAL A 33 -4.24 2.18 -11.94
CA VAL A 33 -4.09 3.56 -11.49
C VAL A 33 -2.94 3.61 -10.52
N GLY A 34 -2.90 2.70 -9.55
CA GLY A 34 -1.79 2.52 -8.62
C GLY A 34 -0.99 1.28 -9.04
N PRO A 35 0.29 1.17 -8.64
CA PRO A 35 1.13 0.06 -9.03
C PRO A 35 0.72 -1.24 -8.33
N ASN A 36 1.07 -2.37 -8.93
CA ASN A 36 0.81 -3.68 -8.33
C ASN A 36 1.57 -3.81 -7.01
N LEU A 37 0.87 -4.19 -5.92
CA LEU A 37 1.41 -4.20 -4.57
C LEU A 37 1.95 -5.57 -4.15
N HIS A 38 2.24 -6.47 -5.10
CA HIS A 38 2.90 -7.73 -4.79
C HIS A 38 4.27 -7.50 -4.18
N GLY A 39 4.66 -8.30 -3.18
CA GLY A 39 5.99 -8.25 -2.59
C GLY A 39 6.39 -6.89 -2.03
N ILE A 40 5.42 -5.99 -1.83
CA ILE A 40 5.66 -4.59 -1.46
C ILE A 40 6.41 -4.50 -0.12
N PHE A 41 5.98 -5.31 0.85
CA PHE A 41 6.56 -5.36 2.18
C PHE A 41 8.02 -5.78 2.10
N GLY A 42 8.92 -4.81 2.19
CA GLY A 42 10.36 -4.98 2.13
C GLY A 42 10.91 -4.76 0.72
N ARG A 43 10.16 -4.09 -0.17
CA ARG A 43 10.65 -3.62 -1.45
C ARG A 43 10.53 -2.11 -1.47
N GLN A 44 11.66 -1.39 -1.60
CA GLN A 44 11.71 0.04 -1.50
C GLN A 44 10.76 0.69 -2.52
N SER A 45 10.24 1.86 -2.16
CA SER A 45 9.24 2.60 -2.90
C SER A 45 9.79 3.01 -4.27
N GLY A 46 8.92 3.14 -5.27
CA GLY A 46 9.36 3.66 -6.55
C GLY A 46 10.29 2.69 -7.29
N GLN A 47 9.88 1.42 -7.48
CA GLN A 47 10.69 0.42 -8.18
C GLN A 47 9.99 -0.31 -9.35
N ALA A 48 8.68 -0.13 -9.52
CA ALA A 48 7.97 -0.63 -10.70
C ALA A 48 8.40 0.15 -11.96
N GLU A 49 9.56 -0.20 -12.53
CA GLU A 49 10.09 0.38 -13.76
C GLU A 49 9.23 0.06 -15.00
N GLY A 50 8.03 0.63 -15.08
CA GLY A 50 7.17 0.49 -16.26
C GLY A 50 5.76 1.00 -15.95
N TYR A 51 5.67 2.22 -15.44
CA TYR A 51 4.42 2.80 -14.94
C TYR A 51 4.67 4.28 -14.64
N SER A 52 3.60 5.09 -14.60
CA SER A 52 3.64 6.52 -14.37
C SER A 52 3.94 6.80 -12.89
N TYR A 53 5.23 6.89 -12.55
CA TYR A 53 5.71 7.09 -11.19
C TYR A 53 6.05 8.57 -10.90
N THR A 54 6.72 8.83 -9.77
CA THR A 54 7.05 10.18 -9.33
C THR A 54 8.50 10.30 -8.82
N ASP A 55 9.14 11.42 -9.16
CA ASP A 55 10.37 11.87 -8.51
C ASP A 55 10.14 11.90 -7.01
N ALA A 56 9.00 12.48 -6.62
CA ALA A 56 8.56 12.54 -5.24
C ALA A 56 8.68 11.18 -4.56
N ASN A 57 8.06 10.13 -5.11
CA ASN A 57 8.22 8.80 -4.53
C ASN A 57 9.69 8.40 -4.48
N ILE A 58 10.43 8.51 -5.58
CA ILE A 58 11.85 8.15 -5.63
C ILE A 58 12.64 8.84 -4.50
N LYS A 59 12.64 10.17 -4.43
CA LYS A 59 13.32 10.90 -3.37
C LYS A 59 12.81 10.50 -1.99
N LYS A 60 11.55 10.05 -1.88
CA LYS A 60 10.99 9.52 -0.65
C LYS A 60 11.17 7.99 -0.58
N ASN A 61 12.26 7.47 -1.17
CA ASN A 61 12.73 6.08 -1.07
C ASN A 61 12.41 5.48 0.31
N VAL A 62 11.33 4.70 0.40
CA VAL A 62 10.80 4.14 1.63
C VAL A 62 10.76 2.62 1.49
N LEU A 63 11.32 1.90 2.46
CA LEU A 63 11.44 0.45 2.44
C LEU A 63 10.11 -0.29 2.21
N TRP A 64 9.01 0.34 2.62
CA TRP A 64 7.66 -0.20 2.67
C TRP A 64 7.57 -1.37 3.64
N ASP A 65 7.03 -1.08 4.82
CA ASP A 65 6.90 -1.99 5.94
C ASP A 65 5.61 -1.66 6.68
N GLU A 66 5.31 -2.50 7.68
CA GLU A 66 4.15 -2.45 8.52
C GLU A 66 3.93 -1.08 9.15
N ASN A 67 4.99 -0.34 9.46
CA ASN A 67 4.90 0.95 10.12
C ASN A 67 4.78 2.06 9.08
N ASN A 68 5.76 2.13 8.18
CA ASN A 68 5.84 3.18 7.16
C ASN A 68 4.59 3.18 6.29
N MET A 69 4.15 1.99 5.85
CA MET A 69 2.95 1.92 5.03
C MET A 69 1.74 2.36 5.83
N SER A 70 1.65 1.98 7.11
CA SER A 70 0.55 2.42 7.95
C SER A 70 0.48 3.94 7.97
N GLU A 71 1.61 4.60 8.21
CA GLU A 71 1.69 6.06 8.17
C GLU A 71 1.21 6.58 6.82
N TYR A 72 1.94 6.22 5.75
CA TYR A 72 1.61 6.63 4.38
C TYR A 72 0.10 6.53 4.13
N LEU A 73 -0.44 5.34 4.38
CA LEU A 73 -1.82 5.02 4.07
C LEU A 73 -2.81 5.83 4.92
N THR A 74 -2.37 6.36 6.07
CA THR A 74 -3.16 7.31 6.84
C THR A 74 -3.29 8.64 6.08
N ASN A 75 -2.23 9.06 5.37
CA ASN A 75 -2.16 10.38 4.75
C ASN A 75 -1.08 10.42 3.66
N PRO A 76 -1.38 9.93 2.45
CA PRO A 76 -0.38 9.65 1.42
C PRO A 76 0.28 10.94 0.93
N LYS A 78 0.85 13.72 2.24
CA LYS A 78 1.76 14.38 3.15
C LYS A 78 3.07 13.63 3.12
N TYR A 79 2.95 12.30 3.23
CA TYR A 79 4.08 11.42 3.29
C TYR A 79 4.90 11.51 1.99
N ILE A 80 4.23 11.58 0.83
CA ILE A 80 4.86 11.77 -0.48
C ILE A 80 4.31 13.07 -1.08
N PRO A 81 4.98 14.22 -0.88
CA PRO A 81 4.49 15.53 -1.30
C PRO A 81 4.67 15.73 -2.80
N GLY A 82 3.92 14.96 -3.59
CA GLY A 82 3.91 15.03 -5.04
C GLY A 82 3.51 13.67 -5.60
N THR A 83 2.42 13.12 -5.08
CA THR A 83 1.91 11.79 -5.42
C THR A 83 0.62 11.96 -6.23
N LYS A 84 0.43 11.08 -7.22
CA LYS A 84 -0.81 10.98 -7.97
C LYS A 84 -1.94 10.57 -7.02
N ALA A 85 -1.63 9.59 -6.17
CA ALA A 85 -2.53 9.00 -5.19
C ALA A 85 -3.37 10.03 -4.43
N ALA A 86 -4.69 9.82 -4.41
CA ALA A 86 -5.61 10.61 -3.62
C ALA A 86 -6.84 9.76 -3.29
N PHE A 87 -7.06 9.47 -2.00
CA PHE A 87 -8.27 8.82 -1.53
C PHE A 87 -8.42 9.15 -0.03
N GLY A 88 -9.50 8.69 0.58
CA GLY A 88 -9.76 8.88 2.01
C GLY A 88 -8.77 8.10 2.87
N GLY A 89 -7.58 8.68 3.07
CA GLY A 89 -6.54 8.25 3.99
C GLY A 89 -7.07 7.50 5.23
N LEU A 90 -6.55 6.31 5.50
CA LEU A 90 -7.11 5.36 6.45
C LEU A 90 -6.89 5.74 7.92
N LYS A 91 -7.55 6.82 8.35
CA LYS A 91 -7.68 7.22 9.74
C LYS A 91 -8.36 6.13 10.58
N LYS A 92 -9.26 5.34 9.99
CA LYS A 92 -10.02 4.28 10.65
C LYS A 92 -9.19 3.40 11.58
N GLU A 93 -7.96 3.06 11.17
CA GLU A 93 -6.87 2.44 11.91
C GLU A 93 -7.11 0.95 12.13
N LYS A 94 -8.29 0.60 12.61
CA LYS A 94 -8.66 -0.78 12.92
C LYS A 94 -8.71 -1.55 11.61
N ASP A 95 -9.52 -1.03 10.69
CA ASP A 95 -9.67 -1.54 9.36
C ASP A 95 -8.33 -1.60 8.64
N ARG A 96 -7.58 -0.50 8.71
CA ARG A 96 -6.20 -0.42 8.28
C ARG A 96 -5.39 -1.60 8.82
N ASN A 97 -5.45 -1.90 10.12
CA ASN A 97 -4.66 -2.98 10.71
C ASN A 97 -4.95 -4.30 9.98
N ASP A 98 -6.23 -4.65 9.82
CA ASP A 98 -6.62 -5.84 9.06
C ASP A 98 -6.11 -5.76 7.63
N LEU A 99 -6.43 -4.68 6.92
CA LEU A 99 -6.01 -4.45 5.55
C LEU A 99 -4.50 -4.67 5.39
N ILE A 100 -3.68 -3.98 6.18
CA ILE A 100 -2.24 -4.13 6.16
C ILE A 100 -1.87 -5.60 6.36
N THR A 101 -2.42 -6.25 7.39
CA THR A 101 -2.15 -7.66 7.63
C THR A 101 -2.44 -8.48 6.37
N TYR A 102 -3.63 -8.34 5.82
CA TYR A 102 -4.03 -9.03 4.60
C TYR A 102 -2.98 -8.77 3.52
N LEU A 103 -2.64 -7.49 3.28
CA LEU A 103 -1.74 -7.10 2.22
C LEU A 103 -0.41 -7.82 2.39
N LYS A 104 0.16 -7.70 3.59
CA LYS A 104 1.40 -8.33 4.00
C LYS A 104 1.39 -9.81 3.66
N LYS A 105 0.29 -10.51 4.00
CA LYS A 105 0.13 -11.93 3.75
C LYS A 105 -0.13 -12.22 2.27
N ALA A 106 -0.79 -11.30 1.58
CA ALA A 106 -1.02 -11.39 0.13
C ALA A 106 0.30 -11.23 -0.64
N SER A 107 1.25 -10.49 -0.07
CA SER A 107 2.60 -10.31 -0.58
C SER A 107 3.56 -11.33 0.03
N GLU A 108 3.05 -12.54 0.30
CA GLU A 108 3.82 -13.71 0.71
C GLU A 108 4.07 -14.69 -0.47
N THR A 1 8.55 -4.60 20.21
CA THR A 1 8.05 -3.70 19.17
C THR A 1 7.97 -4.46 17.84
N GLU A 2 6.78 -4.96 17.50
CA GLU A 2 6.57 -5.99 16.49
C GLU A 2 5.25 -5.71 15.76
N PHE A 3 5.16 -6.20 14.51
CA PHE A 3 3.98 -6.01 13.67
C PHE A 3 2.77 -6.68 14.31
N LYS A 4 1.72 -5.91 14.56
CA LYS A 4 0.47 -6.39 15.10
C LYS A 4 -0.43 -6.88 13.96
N ALA A 5 -0.56 -8.19 13.85
CA ALA A 5 -1.31 -8.83 12.78
C ALA A 5 -2.81 -8.84 13.09
N GLY A 6 -3.61 -8.52 12.07
CA GLY A 6 -5.04 -8.79 12.05
C GLY A 6 -5.28 -10.21 11.55
N SER A 7 -6.50 -10.48 11.06
CA SER A 7 -7.01 -11.84 10.89
C SER A 7 -6.61 -12.49 9.55
N ALA A 8 -5.51 -12.04 8.93
CA ALA A 8 -4.98 -12.48 7.64
C ALA A 8 -5.93 -12.22 6.48
N LYS A 9 -7.08 -12.91 6.47
CA LYS A 9 -8.21 -12.51 5.65
C LYS A 9 -8.84 -11.26 6.28
N LYS A 10 -10.09 -10.93 5.93
CA LYS A 10 -10.83 -9.75 6.39
C LYS A 10 -10.32 -8.52 5.66
N GLY A 11 -9.01 -8.28 5.76
CA GLY A 11 -8.27 -7.27 5.03
C GLY A 11 -8.53 -7.37 3.53
N ALA A 12 -8.78 -8.59 3.04
CA ALA A 12 -9.22 -8.83 1.67
C ALA A 12 -10.41 -7.95 1.32
N THR A 13 -11.42 -7.91 2.19
CA THR A 13 -12.64 -7.16 1.95
C THR A 13 -12.32 -5.66 1.88
N LEU A 14 -11.49 -5.17 2.80
CA LEU A 14 -11.11 -3.78 2.87
C LEU A 14 -10.36 -3.41 1.60
N PHE A 15 -9.35 -4.20 1.23
CA PHE A 15 -8.64 -4.06 -0.04
C PHE A 15 -9.66 -3.96 -1.17
N LYS A 16 -10.54 -4.95 -1.27
CA LYS A 16 -11.54 -5.06 -2.32
C LYS A 16 -12.47 -3.84 -2.38
N THR A 17 -12.76 -3.20 -1.24
CA THR A 17 -13.67 -2.07 -1.19
C THR A 17 -12.96 -0.70 -1.15
N ARG A 18 -11.62 -0.65 -1.05
CA ARG A 18 -10.89 0.61 -0.93
C ARG A 18 -9.76 0.74 -1.95
N CYS A 19 -8.93 -0.28 -2.07
CA CYS A 19 -7.68 -0.21 -2.82
C CYS A 19 -7.92 -0.74 -4.24
N LEU A 20 -8.59 -1.89 -4.32
CA LEU A 20 -8.82 -2.67 -5.54
C LEU A 20 -9.24 -1.81 -6.72
N GLN A 21 -10.11 -0.83 -6.51
CA GLN A 21 -10.51 0.09 -7.56
C GLN A 21 -9.29 0.57 -8.36
N CYS A 22 -8.30 1.14 -7.66
CA CYS A 22 -7.16 1.82 -8.24
C CYS A 22 -5.99 0.86 -8.47
N HIS A 23 -5.88 -0.14 -7.59
CA HIS A 23 -4.74 -1.05 -7.49
C HIS A 23 -5.08 -2.50 -7.89
N THR A 24 -4.07 -3.34 -7.75
CA THR A 24 -4.11 -4.79 -7.77
C THR A 24 -3.15 -5.30 -6.69
N VAL A 25 -3.46 -6.47 -6.13
CA VAL A 25 -2.65 -7.15 -5.12
C VAL A 25 -2.12 -8.47 -5.66
N GLU A 26 -2.95 -9.20 -6.42
CA GLU A 26 -2.56 -10.45 -7.04
C GLU A 26 -1.59 -10.16 -8.20
N LYS A 27 -0.69 -11.08 -8.48
CA LYS A 27 0.21 -11.02 -9.62
C LYS A 27 -0.56 -10.86 -10.94
N GLY A 28 0.09 -10.32 -11.97
CA GLY A 28 -0.50 -10.16 -13.29
C GLY A 28 -1.31 -8.88 -13.39
N GLY A 29 -2.17 -8.62 -12.41
CA GLY A 29 -3.01 -7.42 -12.33
C GLY A 29 -2.21 -6.13 -12.60
N PRO A 30 -2.48 -5.37 -13.67
CA PRO A 30 -1.60 -4.31 -14.13
C PRO A 30 -1.62 -3.07 -13.23
N HIS A 31 -0.63 -2.18 -13.44
CA HIS A 31 -0.49 -0.91 -12.72
C HIS A 31 -1.54 0.08 -13.25
N LYS A 32 -2.80 -0.14 -12.88
CA LYS A 32 -3.96 0.61 -13.35
C LYS A 32 -3.87 2.11 -13.04
N VAL A 33 -4.39 2.53 -11.88
CA VAL A 33 -4.30 3.91 -11.42
C VAL A 33 -3.12 3.96 -10.47
N GLY A 34 -3.07 3.02 -9.53
CA GLY A 34 -1.93 2.81 -8.64
C GLY A 34 -1.22 1.52 -9.04
N PRO A 35 0.06 1.37 -8.70
CA PRO A 35 0.86 0.22 -9.09
C PRO A 35 0.45 -1.05 -8.33
N ASN A 36 0.69 -2.21 -8.94
CA ASN A 36 0.46 -3.49 -8.29
C ASN A 36 1.23 -3.57 -6.96
N LEU A 37 0.58 -4.04 -5.89
CA LEU A 37 1.12 -4.00 -4.54
C LEU A 37 1.64 -5.36 -4.05
N HIS A 38 1.74 -6.34 -4.94
CA HIS A 38 2.52 -7.55 -4.69
C HIS A 38 3.98 -7.16 -4.44
N GLY A 39 4.70 -7.94 -3.64
CA GLY A 39 6.10 -7.72 -3.37
C GLY A 39 6.41 -6.31 -2.86
N ILE A 40 5.49 -5.69 -2.12
CA ILE A 40 5.71 -4.36 -1.55
C ILE A 40 6.40 -4.46 -0.18
N PHE A 41 5.92 -5.33 0.71
CA PHE A 41 6.37 -5.35 2.09
C PHE A 41 7.79 -5.89 2.19
N GLY A 42 8.74 -4.96 2.35
CA GLY A 42 10.15 -5.27 2.51
C GLY A 42 10.90 -5.12 1.19
N ARG A 43 10.24 -4.57 0.16
CA ARG A 43 10.91 -3.97 -0.98
C ARG A 43 10.70 -2.46 -0.82
N GLN A 44 11.60 -1.65 -1.37
CA GLN A 44 11.51 -0.22 -1.17
C GLN A 44 10.35 0.35 -1.99
N SER A 45 10.05 1.63 -1.79
CA SER A 45 9.06 2.37 -2.57
C SER A 45 9.64 2.69 -3.94
N GLY A 46 8.79 2.87 -4.95
CA GLY A 46 9.26 3.43 -6.22
C GLY A 46 10.23 2.50 -6.95
N GLN A 47 10.02 1.18 -6.90
CA GLN A 47 10.84 0.18 -7.56
C GLN A 47 10.03 -1.01 -8.12
N ALA A 48 8.84 -0.73 -8.67
CA ALA A 48 8.05 -1.66 -9.45
C ALA A 48 8.41 -1.54 -10.94
N GLU A 49 7.52 -2.00 -11.82
CA GLU A 49 7.63 -1.85 -13.26
C GLU A 49 7.67 -0.36 -13.65
N GLY A 50 8.10 -0.07 -14.88
CA GLY A 50 8.18 1.29 -15.43
C GLY A 50 6.80 1.88 -15.75
N TYR A 51 5.95 1.95 -14.73
CA TYR A 51 4.67 2.62 -14.75
C TYR A 51 4.91 4.12 -14.45
N SER A 52 3.86 4.96 -14.52
CA SER A 52 3.95 6.39 -14.30
C SER A 52 4.30 6.71 -12.83
N TYR A 53 5.57 6.61 -12.48
CA TYR A 53 6.12 6.86 -11.16
C TYR A 53 6.54 8.32 -10.96
N THR A 54 7.16 8.62 -9.82
CA THR A 54 7.45 9.98 -9.39
C THR A 54 8.87 10.15 -8.84
N ASP A 55 9.51 11.27 -9.19
CA ASP A 55 10.73 11.77 -8.54
C ASP A 55 10.50 11.82 -7.04
N ALA A 56 9.33 12.31 -6.66
CA ALA A 56 8.84 12.33 -5.29
C ALA A 56 9.00 10.95 -4.64
N ASN A 57 8.32 9.90 -5.15
CA ASN A 57 8.45 8.58 -4.54
C ASN A 57 9.93 8.17 -4.48
N ILE A 58 10.65 8.25 -5.60
CA ILE A 58 12.05 7.87 -5.68
C ILE A 58 12.87 8.53 -4.56
N LYS A 59 12.89 9.87 -4.50
CA LYS A 59 13.65 10.61 -3.50
C LYS A 59 13.13 10.36 -2.09
N LYS A 60 11.85 10.01 -1.95
CA LYS A 60 11.25 9.61 -0.69
C LYS A 60 11.36 8.09 -0.52
N ASN A 61 12.42 7.48 -1.07
CA ASN A 61 12.75 6.05 -0.94
C ASN A 61 12.46 5.48 0.46
N VAL A 62 11.31 4.82 0.59
CA VAL A 62 10.81 4.24 1.83
C VAL A 62 10.87 2.72 1.71
N LEU A 63 10.75 1.99 2.83
CA LEU A 63 10.94 0.55 2.92
C LEU A 63 9.60 -0.22 2.94
N TRP A 64 8.51 0.48 3.24
CA TRP A 64 7.16 -0.08 3.32
C TRP A 64 7.03 -1.12 4.43
N ASP A 65 7.36 -0.69 5.65
CA ASP A 65 6.99 -1.29 6.93
C ASP A 65 5.59 -0.84 7.36
N GLU A 66 5.06 -1.43 8.44
CA GLU A 66 3.78 -1.10 9.02
C GLU A 66 3.63 0.40 9.24
N ASN A 67 4.61 1.05 9.85
CA ASN A 67 4.42 2.38 10.39
C ASN A 67 4.36 3.38 9.23
N ASN A 68 5.38 3.34 8.38
CA ASN A 68 5.44 4.21 7.21
C ASN A 68 4.24 3.94 6.30
N MET A 69 3.92 2.67 6.04
CA MET A 69 2.76 2.34 5.23
C MET A 69 1.49 2.91 5.87
N SER A 70 1.30 2.72 7.18
CA SER A 70 0.12 3.20 7.85
C SER A 70 -0.02 4.72 7.70
N GLU A 71 1.06 5.47 7.93
CA GLU A 71 1.02 6.93 7.80
C GLU A 71 0.71 7.31 6.35
N TYR A 72 1.46 6.72 5.40
CA TYR A 72 1.22 6.90 3.98
C TYR A 72 -0.25 6.72 3.65
N LEU A 73 -0.80 5.56 4.00
CA LEU A 73 -2.21 5.25 3.77
C LEU A 73 -3.12 6.26 4.45
N THR A 74 -2.77 6.73 5.66
CA THR A 74 -3.47 7.85 6.27
C THR A 74 -3.44 9.12 5.43
N ASN A 75 -2.31 9.47 4.80
CA ASN A 75 -2.26 10.71 4.04
C ASN A 75 -1.21 10.68 2.93
N PRO A 76 -1.51 10.02 1.80
CA PRO A 76 -0.50 9.67 0.80
C PRO A 76 0.05 10.94 0.15
N LYS A 78 0.51 13.70 1.25
CA LYS A 78 1.32 14.44 2.19
C LYS A 78 2.63 13.68 2.40
N TYR A 79 2.50 12.38 2.63
CA TYR A 79 3.63 11.54 2.98
C TYR A 79 4.61 11.42 1.80
N ILE A 80 4.10 11.34 0.56
CA ILE A 80 4.95 11.42 -0.62
C ILE A 80 4.81 12.83 -1.20
N PRO A 81 5.87 13.64 -1.27
CA PRO A 81 5.79 15.05 -1.60
C PRO A 81 5.59 15.25 -3.12
N GLY A 82 4.38 14.98 -3.60
CA GLY A 82 3.99 15.15 -4.99
C GLY A 82 3.70 13.78 -5.60
N THR A 83 2.50 13.25 -5.33
CA THR A 83 2.10 11.90 -5.67
C THR A 83 0.69 11.96 -6.25
N LYS A 84 0.38 11.09 -7.22
CA LYS A 84 -0.96 11.01 -7.79
C LYS A 84 -1.94 10.36 -6.80
N ALA A 85 -1.43 9.68 -5.78
CA ALA A 85 -2.19 9.03 -4.74
C ALA A 85 -2.95 10.06 -3.89
N ALA A 86 -4.20 10.34 -4.26
CA ALA A 86 -5.06 11.32 -3.60
C ALA A 86 -6.38 10.68 -3.14
N PHE A 87 -6.35 9.43 -2.66
CA PHE A 87 -7.57 8.77 -2.20
C PHE A 87 -7.98 9.21 -0.78
N GLY A 88 -9.14 8.74 -0.33
CA GLY A 88 -9.65 9.00 1.00
C GLY A 88 -8.84 8.30 2.09
N GLY A 89 -7.67 8.88 2.39
CA GLY A 89 -6.71 8.47 3.43
C GLY A 89 -7.32 7.71 4.62
N LEU A 90 -6.78 6.53 4.94
CA LEU A 90 -7.24 5.66 6.03
C LEU A 90 -7.13 6.35 7.40
N LYS A 91 -8.03 6.06 8.34
CA LYS A 91 -8.01 6.63 9.70
C LYS A 91 -7.91 5.52 10.74
N LYS A 92 -8.79 4.52 10.66
CA LYS A 92 -8.89 3.44 11.64
C LYS A 92 -7.55 2.73 11.91
N GLU A 93 -7.56 1.96 13.00
CA GLU A 93 -6.47 1.10 13.44
C GLU A 93 -6.78 -0.36 13.09
N LYS A 94 -7.98 -0.85 13.42
CA LYS A 94 -8.34 -2.26 13.25
C LYS A 94 -8.40 -2.66 11.77
N ASP A 95 -9.32 -2.07 11.01
CA ASP A 95 -9.45 -2.28 9.58
C ASP A 95 -8.09 -2.20 8.90
N ARG A 96 -7.34 -1.16 9.24
CA ARG A 96 -5.99 -0.95 8.78
C ARG A 96 -5.10 -2.15 9.09
N ASN A 97 -5.04 -2.60 10.33
CA ASN A 97 -4.30 -3.81 10.68
C ASN A 97 -4.71 -4.97 9.76
N ASP A 98 -6.02 -5.26 9.67
CA ASP A 98 -6.48 -6.37 8.83
C ASP A 98 -5.97 -6.21 7.40
N LEU A 99 -6.26 -5.05 6.79
CA LEU A 99 -5.80 -4.67 5.46
C LEU A 99 -4.29 -4.90 5.32
N ILE A 100 -3.48 -4.23 6.14
CA ILE A 100 -2.04 -4.37 6.11
C ILE A 100 -1.62 -5.83 6.27
N THR A 101 -2.25 -6.62 7.14
CA THR A 101 -1.92 -8.04 7.25
C THR A 101 -2.15 -8.75 5.92
N TYR A 102 -3.37 -8.62 5.40
CA TYR A 102 -3.73 -9.23 4.14
C TYR A 102 -2.72 -8.85 3.07
N LEU A 103 -2.42 -7.56 2.95
CA LEU A 103 -1.49 -7.05 1.97
C LEU A 103 -0.10 -7.64 2.18
N LYS A 104 0.38 -7.58 3.42
CA LYS A 104 1.66 -8.13 3.85
C LYS A 104 1.81 -9.58 3.43
N LYS A 105 0.77 -10.40 3.63
CA LYS A 105 0.81 -11.78 3.20
C LYS A 105 0.79 -11.83 1.68
N ALA A 106 -0.22 -11.20 1.07
CA ALA A 106 -0.42 -11.18 -0.38
C ALA A 106 0.76 -10.57 -1.15
N SER A 107 1.67 -9.89 -0.45
CA SER A 107 2.96 -9.45 -0.95
C SER A 107 3.77 -10.64 -1.51
N GLU A 108 3.58 -11.83 -0.93
CA GLU A 108 4.19 -13.10 -1.31
C GLU A 108 3.82 -13.47 -2.75
N THR A 1 10.53 -4.44 16.67
CA THR A 1 9.18 -4.91 16.40
C THR A 1 8.25 -4.20 17.38
N GLU A 2 6.98 -3.98 17.02
CA GLU A 2 6.06 -3.16 17.78
C GLU A 2 4.64 -3.45 17.26
N PHE A 3 4.34 -3.04 16.02
CA PHE A 3 3.12 -3.38 15.31
C PHE A 3 2.81 -4.87 15.51
N LYS A 4 1.59 -5.18 15.94
CA LYS A 4 1.07 -6.53 16.08
C LYS A 4 -0.06 -6.72 15.08
N ALA A 5 0.07 -7.70 14.19
CA ALA A 5 -0.90 -7.99 13.14
C ALA A 5 -2.35 -8.09 13.63
N GLY A 6 -3.27 -7.75 12.73
CA GLY A 6 -4.70 -7.97 12.86
C GLY A 6 -5.02 -9.34 12.27
N SER A 7 -6.12 -9.47 11.56
CA SER A 7 -6.49 -10.71 10.88
C SER A 7 -5.94 -10.73 9.45
N ALA A 8 -5.69 -11.94 8.93
CA ALA A 8 -5.18 -12.14 7.57
C ALA A 8 -6.30 -11.91 6.56
N LYS A 9 -7.48 -12.48 6.85
CA LYS A 9 -8.70 -12.13 6.14
C LYS A 9 -9.17 -10.77 6.66
N LYS A 10 -10.37 -10.31 6.31
CA LYS A 10 -10.96 -9.03 6.73
C LYS A 10 -10.32 -7.91 5.90
N GLY A 11 -9.01 -7.80 6.05
CA GLY A 11 -8.15 -6.92 5.27
C GLY A 11 -8.33 -7.18 3.77
N ALA A 12 -8.53 -8.45 3.40
CA ALA A 12 -8.83 -8.84 2.03
C ALA A 12 -10.06 -8.10 1.52
N THR A 13 -11.14 -8.14 2.30
CA THR A 13 -12.41 -7.52 1.96
C THR A 13 -12.23 -6.01 1.84
N LEU A 14 -11.52 -5.42 2.82
CA LEU A 14 -11.21 -4.01 2.85
C LEU A 14 -10.47 -3.61 1.58
N PHE A 15 -9.39 -4.32 1.26
CA PHE A 15 -8.66 -4.14 0.02
C PHE A 15 -9.65 -4.16 -1.15
N LYS A 16 -10.48 -5.21 -1.20
CA LYS A 16 -11.42 -5.39 -2.30
C LYS A 16 -12.40 -4.22 -2.42
N THR A 17 -12.82 -3.61 -1.31
CA THR A 17 -13.81 -2.54 -1.34
C THR A 17 -13.17 -1.15 -1.40
N ARG A 18 -11.85 -1.00 -1.19
CA ARG A 18 -11.22 0.31 -1.05
C ARG A 18 -10.04 0.52 -1.99
N CYS A 19 -9.15 -0.47 -2.11
CA CYS A 19 -7.88 -0.33 -2.80
C CYS A 19 -8.02 -0.86 -4.23
N LEU A 20 -8.69 -2.02 -4.35
CA LEU A 20 -8.84 -2.80 -5.57
C LEU A 20 -9.23 -1.94 -6.76
N GLN A 21 -10.10 -0.94 -6.57
CA GLN A 21 -10.47 -0.01 -7.62
C GLN A 21 -9.24 0.46 -8.41
N CYS A 22 -8.23 0.98 -7.70
CA CYS A 22 -7.07 1.64 -8.29
C CYS A 22 -5.90 0.68 -8.47
N HIS A 23 -5.78 -0.29 -7.55
CA HIS A 23 -4.65 -1.22 -7.45
C HIS A 23 -5.02 -2.64 -7.88
N THR A 24 -4.03 -3.51 -7.76
CA THR A 24 -4.07 -4.95 -7.94
C THR A 24 -3.07 -5.58 -6.97
N VAL A 25 -3.32 -6.84 -6.59
CA VAL A 25 -2.45 -7.68 -5.77
C VAL A 25 -1.96 -8.87 -6.60
N GLU A 26 -2.85 -9.48 -7.37
CA GLU A 26 -2.57 -10.60 -8.24
C GLU A 26 -1.45 -10.26 -9.23
N LYS A 27 -0.38 -11.07 -9.26
CA LYS A 27 0.64 -11.02 -10.28
C LYS A 27 -0.01 -11.26 -11.64
N GLY A 28 -0.26 -10.18 -12.38
CA GLY A 28 -1.00 -10.21 -13.63
C GLY A 28 -1.84 -8.93 -13.75
N GLY A 29 -2.44 -8.48 -12.64
CA GLY A 29 -3.25 -7.28 -12.64
C GLY A 29 -2.34 -6.06 -12.84
N PRO A 30 -2.48 -5.28 -13.92
CA PRO A 30 -1.51 -4.26 -14.28
C PRO A 30 -1.56 -3.03 -13.35
N HIS A 31 -0.60 -2.11 -13.55
CA HIS A 31 -0.47 -0.88 -12.78
C HIS A 31 -1.55 0.11 -13.24
N LYS A 32 -2.82 -0.19 -12.96
CA LYS A 32 -4.00 0.49 -13.46
C LYS A 32 -3.95 2.01 -13.20
N VAL A 33 -4.34 2.40 -11.98
CA VAL A 33 -4.19 3.77 -11.51
C VAL A 33 -3.00 3.78 -10.57
N GLY A 34 -3.00 2.85 -9.59
CA GLY A 34 -1.87 2.62 -8.71
C GLY A 34 -1.11 1.38 -9.17
N PRO A 35 0.15 1.21 -8.74
CA PRO A 35 0.96 0.07 -9.13
C PRO A 35 0.47 -1.23 -8.48
N ASN A 36 0.80 -2.37 -9.09
CA ASN A 36 0.53 -3.67 -8.51
C ASN A 36 1.29 -3.80 -7.19
N LEU A 37 0.63 -4.21 -6.11
CA LEU A 37 1.21 -4.21 -4.77
C LEU A 37 1.77 -5.57 -4.35
N HIS A 38 1.99 -6.50 -5.29
CA HIS A 38 2.61 -7.77 -4.96
C HIS A 38 4.06 -7.57 -4.53
N GLY A 39 4.52 -8.36 -3.56
CA GLY A 39 5.88 -8.32 -3.06
C GLY A 39 6.32 -6.91 -2.66
N ILE A 40 5.39 -6.07 -2.17
CA ILE A 40 5.66 -4.69 -1.79
C ILE A 40 6.50 -4.65 -0.50
N PHE A 41 6.09 -5.42 0.53
CA PHE A 41 6.66 -5.27 1.86
C PHE A 41 8.12 -5.66 1.89
N GLY A 42 9.00 -4.66 1.83
CA GLY A 42 10.45 -4.83 1.87
C GLY A 42 11.12 -4.08 0.72
N ARG A 43 10.43 -3.92 -0.42
CA ARG A 43 11.01 -3.22 -1.55
C ARG A 43 10.87 -1.72 -1.28
N GLN A 44 11.96 -0.95 -1.41
CA GLN A 44 11.87 0.47 -1.24
C GLN A 44 10.95 1.09 -2.30
N SER A 45 10.26 2.15 -1.91
CA SER A 45 9.14 2.72 -2.62
C SER A 45 9.56 3.26 -3.99
N GLY A 46 8.63 3.28 -4.95
CA GLY A 46 8.89 3.96 -6.22
C GLY A 46 9.85 3.19 -7.14
N GLN A 47 9.97 1.86 -7.00
CA GLN A 47 10.91 1.05 -7.80
C GLN A 47 10.26 0.21 -8.90
N ALA A 48 8.94 -0.01 -8.87
CA ALA A 48 8.23 -0.75 -9.90
C ALA A 48 8.16 0.07 -11.20
N GLU A 49 9.28 0.13 -11.91
CA GLU A 49 9.44 0.88 -13.15
C GLU A 49 8.45 0.46 -14.25
N GLY A 50 8.44 1.19 -15.36
CA GLY A 50 7.55 0.96 -16.48
C GLY A 50 6.11 1.32 -16.11
N TYR A 51 5.94 2.45 -15.44
CA TYR A 51 4.66 2.91 -14.91
C TYR A 51 4.81 4.40 -14.56
N SER A 52 3.70 5.14 -14.55
CA SER A 52 3.66 6.57 -14.31
C SER A 52 3.89 6.88 -12.82
N TYR A 53 5.15 6.82 -12.40
CA TYR A 53 5.60 7.07 -11.04
C TYR A 53 5.95 8.54 -10.80
N THR A 54 6.61 8.82 -9.66
CA THR A 54 7.17 10.14 -9.37
C THR A 54 8.61 10.05 -8.87
N ASP A 55 9.41 11.04 -9.26
CA ASP A 55 10.66 11.44 -8.60
C ASP A 55 10.48 11.44 -7.09
N ALA A 56 9.46 12.17 -6.64
CA ALA A 56 9.14 12.34 -5.24
C ALA A 56 9.07 10.99 -4.51
N ASN A 57 8.32 10.02 -5.02
CA ASN A 57 8.28 8.69 -4.42
C ASN A 57 9.70 8.12 -4.33
N ILE A 58 10.44 8.10 -5.45
CA ILE A 58 11.81 7.60 -5.47
C ILE A 58 12.66 8.25 -4.37
N LYS A 59 12.71 9.58 -4.30
CA LYS A 59 13.48 10.27 -3.26
C LYS A 59 12.94 10.01 -1.85
N LYS A 60 11.66 9.63 -1.71
CA LYS A 60 11.07 9.19 -0.46
C LYS A 60 11.14 7.66 -0.36
N ASN A 61 12.27 7.09 -0.81
CA ASN A 61 12.63 5.68 -0.98
C ASN A 61 12.33 4.74 0.22
N VAL A 62 11.05 4.56 0.56
CA VAL A 62 10.58 3.95 1.80
C VAL A 62 10.46 2.44 1.66
N LEU A 63 11.09 1.69 2.57
CA LEU A 63 11.18 0.22 2.61
C LEU A 63 9.83 -0.51 2.52
N TRP A 64 8.75 0.16 2.91
CA TRP A 64 7.42 -0.41 3.04
C TRP A 64 7.39 -1.50 4.10
N ASP A 65 7.84 -1.17 5.31
CA ASP A 65 7.39 -1.84 6.52
C ASP A 65 5.98 -1.35 6.86
N GLU A 66 5.39 -1.99 7.87
CA GLU A 66 4.02 -1.79 8.30
C GLU A 66 3.83 -0.43 8.99
N ASN A 67 4.87 0.10 9.64
CA ASN A 67 4.80 1.35 10.37
C ASN A 67 4.79 2.49 9.35
N ASN A 68 5.72 2.46 8.40
CA ASN A 68 5.69 3.37 7.24
C ASN A 68 4.35 3.25 6.51
N MET A 69 3.97 2.02 6.15
CA MET A 69 2.74 1.77 5.41
C MET A 69 1.54 2.36 6.16
N SER A 70 1.48 2.19 7.49
CA SER A 70 0.44 2.81 8.30
C SER A 70 0.36 4.30 8.01
N GLU A 71 1.45 5.03 8.22
CA GLU A 71 1.44 6.49 8.07
C GLU A 71 1.02 6.85 6.65
N TYR A 72 1.67 6.23 5.66
CA TYR A 72 1.35 6.45 4.26
C TYR A 72 -0.14 6.28 4.01
N LEU A 73 -0.71 5.12 4.33
CA LEU A 73 -2.12 4.87 4.10
C LEU A 73 -3.01 5.85 4.85
N THR A 74 -2.64 6.19 6.07
CA THR A 74 -3.33 7.23 6.82
C THR A 74 -3.35 8.56 6.03
N ASN A 75 -2.22 8.97 5.42
CA ASN A 75 -2.19 10.20 4.62
C ASN A 75 -1.13 10.19 3.51
N PRO A 76 -1.45 9.62 2.33
CA PRO A 76 -0.45 9.26 1.34
C PRO A 76 0.25 10.48 0.77
N LYS A 78 0.59 13.36 1.87
CA LYS A 78 1.35 14.12 2.85
C LYS A 78 2.67 13.38 3.06
N TYR A 79 2.59 12.07 3.29
CA TYR A 79 3.76 11.26 3.58
C TYR A 79 4.73 11.24 2.39
N ILE A 80 4.19 11.10 1.18
CA ILE A 80 4.92 11.28 -0.07
C ILE A 80 4.38 12.57 -0.71
N PRO A 81 5.02 13.73 -0.52
CA PRO A 81 4.53 15.00 -1.03
C PRO A 81 4.82 15.10 -2.53
N GLY A 82 4.13 14.27 -3.33
CA GLY A 82 4.33 14.15 -4.75
C GLY A 82 3.94 12.73 -5.17
N THR A 83 2.64 12.46 -5.21
CA THR A 83 2.09 11.19 -5.62
C THR A 83 0.83 11.46 -6.43
N LYS A 84 0.60 10.65 -7.47
CA LYS A 84 -0.64 10.63 -8.20
C LYS A 84 -1.77 10.06 -7.34
N ALA A 85 -1.45 9.44 -6.21
CA ALA A 85 -2.39 8.75 -5.34
C ALA A 85 -3.46 9.67 -4.75
N ALA A 86 -4.50 9.96 -5.53
CA ALA A 86 -5.70 10.64 -5.06
C ALA A 86 -6.57 9.70 -4.20
N PHE A 87 -5.96 9.11 -3.16
CA PHE A 87 -6.66 8.34 -2.15
C PHE A 87 -6.88 9.28 -0.96
N GLY A 88 -8.10 9.29 -0.41
CA GLY A 88 -8.49 10.16 0.69
C GLY A 88 -7.69 9.89 1.97
N GLY A 89 -7.18 8.67 2.13
CA GLY A 89 -6.49 8.24 3.33
C GLY A 89 -7.39 7.34 4.18
N LEU A 90 -6.81 6.39 4.89
CA LEU A 90 -7.53 5.57 5.87
C LEU A 90 -7.75 6.37 7.16
N LYS A 91 -8.57 5.83 8.07
CA LYS A 91 -8.90 6.48 9.33
C LYS A 91 -9.17 5.46 10.43
N LYS A 92 -10.07 4.51 10.20
CA LYS A 92 -10.36 3.47 11.17
C LYS A 92 -9.15 2.54 11.33
N GLU A 93 -8.37 2.73 12.39
CA GLU A 93 -7.24 1.86 12.66
C GLU A 93 -7.66 0.39 12.72
N LYS A 94 -8.87 0.13 13.25
CA LYS A 94 -9.52 -1.17 13.28
C LYS A 94 -9.54 -1.87 11.93
N ASP A 95 -9.65 -1.10 10.86
CA ASP A 95 -9.57 -1.59 9.50
C ASP A 95 -8.13 -1.57 8.98
N ARG A 96 -7.44 -0.45 9.15
CA ARG A 96 -6.04 -0.31 8.77
C ARG A 96 -5.19 -1.52 9.21
N ASN A 97 -5.18 -1.85 10.50
CA ASN A 97 -4.39 -2.98 10.99
C ASN A 97 -4.67 -4.27 10.20
N ASP A 98 -5.96 -4.59 9.98
CA ASP A 98 -6.36 -5.77 9.22
C ASP A 98 -5.83 -5.65 7.78
N LEU A 99 -6.16 -4.54 7.12
CA LEU A 99 -5.72 -4.26 5.75
C LEU A 99 -4.21 -4.43 5.61
N ILE A 100 -3.41 -3.78 6.46
CA ILE A 100 -1.96 -3.92 6.45
C ILE A 100 -1.57 -5.39 6.60
N THR A 101 -2.14 -6.10 7.58
CA THR A 101 -1.85 -7.51 7.78
C THR A 101 -2.10 -8.31 6.49
N TYR A 102 -3.29 -8.13 5.90
CA TYR A 102 -3.65 -8.77 4.66
C TYR A 102 -2.60 -8.43 3.59
N LEU A 103 -2.31 -7.14 3.40
CA LEU A 103 -1.40 -6.67 2.38
C LEU A 103 -0.05 -7.38 2.54
N LYS A 104 0.46 -7.35 3.77
CA LYS A 104 1.69 -8.00 4.14
C LYS A 104 1.69 -9.48 3.74
N LYS A 105 0.66 -10.22 4.15
CA LYS A 105 0.62 -11.65 3.87
C LYS A 105 0.53 -11.87 2.36
N ALA A 106 -0.40 -11.15 1.73
CA ALA A 106 -0.66 -11.17 0.30
C ALA A 106 0.53 -10.68 -0.54
N SER A 107 1.47 -9.97 0.08
CA SER A 107 2.73 -9.57 -0.53
C SER A 107 3.46 -10.80 -1.07
N GLU A 108 3.40 -11.90 -0.34
CA GLU A 108 4.17 -13.12 -0.59
C GLU A 108 3.68 -13.80 -1.88
N THR A 1 7.28 -1.84 19.77
CA THR A 1 6.24 -2.81 19.38
C THR A 1 4.91 -2.17 19.75
N GLU A 2 3.90 -2.26 18.87
CA GLU A 2 2.69 -1.47 18.95
C GLU A 2 1.61 -2.10 18.08
N PHE A 3 1.82 -2.12 16.77
CA PHE A 3 1.02 -2.91 15.85
C PHE A 3 1.01 -4.36 16.32
N LYS A 4 -0.15 -5.01 16.21
CA LYS A 4 -0.31 -6.45 16.35
C LYS A 4 -1.16 -6.87 15.14
N ALA A 5 -0.88 -8.05 14.59
CA ALA A 5 -1.59 -8.53 13.41
C ALA A 5 -3.09 -8.67 13.69
N GLY A 6 -3.90 -8.35 12.69
CA GLY A 6 -5.32 -8.65 12.65
C GLY A 6 -5.49 -10.02 12.01
N SER A 7 -6.48 -10.17 11.11
CA SER A 7 -6.65 -11.39 10.34
C SER A 7 -5.97 -11.25 8.97
N ALA A 8 -5.64 -12.38 8.36
CA ALA A 8 -5.33 -12.47 6.94
C ALA A 8 -6.61 -12.26 6.12
N LYS A 9 -7.74 -12.76 6.62
CA LYS A 9 -9.03 -12.50 6.01
C LYS A 9 -9.48 -11.10 6.43
N LYS A 10 -10.62 -10.60 5.91
CA LYS A 10 -11.29 -9.38 6.32
C LYS A 10 -10.56 -8.15 5.75
N GLY A 11 -9.28 -8.05 6.03
CA GLY A 11 -8.37 -7.13 5.36
C GLY A 11 -8.48 -7.30 3.84
N ALA A 12 -8.66 -8.55 3.39
CA ALA A 12 -8.94 -8.88 2.01
C ALA A 12 -10.16 -8.12 1.50
N THR A 13 -11.25 -8.16 2.27
CA THR A 13 -12.49 -7.50 1.92
C THR A 13 -12.26 -5.99 1.84
N LEU A 14 -11.54 -5.44 2.83
CA LEU A 14 -11.21 -4.03 2.89
C LEU A 14 -10.44 -3.63 1.62
N PHE A 15 -9.38 -4.37 1.29
CA PHE A 15 -8.64 -4.18 0.06
C PHE A 15 -9.61 -4.15 -1.13
N LYS A 16 -10.47 -5.17 -1.21
CA LYS A 16 -11.44 -5.26 -2.29
C LYS A 16 -12.36 -4.04 -2.34
N THR A 17 -12.78 -3.50 -1.21
CA THR A 17 -13.69 -2.36 -1.17
C THR A 17 -12.93 -1.02 -1.15
N ARG A 18 -11.61 -1.00 -1.36
CA ARG A 18 -10.84 0.23 -1.40
C ARG A 18 -9.75 0.16 -2.45
N CYS A 19 -8.69 -0.59 -2.16
CA CYS A 19 -7.42 -0.48 -2.88
C CYS A 19 -7.62 -0.98 -4.31
N LEU A 20 -8.36 -2.07 -4.45
CA LEU A 20 -8.74 -2.68 -5.72
C LEU A 20 -9.21 -1.65 -6.75
N GLN A 21 -9.90 -0.59 -6.31
CA GLN A 21 -10.30 0.52 -7.15
C GLN A 21 -9.16 0.91 -8.10
N CYS A 22 -7.97 1.11 -7.53
CA CYS A 22 -6.84 1.76 -8.18
C CYS A 22 -5.68 0.79 -8.43
N HIS A 23 -5.50 -0.20 -7.55
CA HIS A 23 -4.37 -1.11 -7.53
C HIS A 23 -4.75 -2.53 -7.95
N THR A 24 -3.74 -3.39 -7.95
CA THR A 24 -3.85 -4.83 -8.03
C THR A 24 -2.86 -5.48 -7.04
N VAL A 25 -3.22 -6.67 -6.52
CA VAL A 25 -2.40 -7.51 -5.67
C VAL A 25 -1.86 -8.71 -6.46
N GLU A 26 -2.69 -9.26 -7.34
CA GLU A 26 -2.40 -10.46 -8.12
C GLU A 26 -1.05 -10.35 -8.84
N LYS A 27 -0.34 -11.47 -8.93
CA LYS A 27 0.96 -11.58 -9.56
C LYS A 27 0.85 -11.32 -11.05
N GLY A 28 1.18 -10.09 -11.45
CA GLY A 28 1.10 -9.63 -12.82
C GLY A 28 -0.14 -8.74 -13.07
N GLY A 29 -0.87 -8.39 -12.01
CA GLY A 29 -1.98 -7.46 -12.15
C GLY A 29 -1.48 -6.11 -12.68
N PRO A 30 -2.20 -5.47 -13.61
CA PRO A 30 -1.73 -4.25 -14.24
C PRO A 30 -1.66 -3.09 -13.25
N HIS A 31 -0.80 -2.11 -13.60
CA HIS A 31 -0.73 -0.82 -12.94
C HIS A 31 -1.86 0.01 -13.54
N LYS A 32 -2.99 0.13 -12.83
CA LYS A 32 -4.16 0.84 -13.31
C LYS A 32 -3.98 2.32 -12.97
N VAL A 33 -4.71 2.82 -11.97
CA VAL A 33 -4.45 4.16 -11.45
C VAL A 33 -3.19 4.11 -10.60
N GLY A 34 -3.07 3.09 -9.74
CA GLY A 34 -1.90 2.84 -8.91
C GLY A 34 -1.12 1.63 -9.43
N PRO A 35 0.12 1.43 -8.97
CA PRO A 35 0.95 0.30 -9.31
C PRO A 35 0.41 -1.02 -8.74
N ASN A 36 1.12 -2.13 -8.93
CA ASN A 36 0.76 -3.43 -8.37
C ASN A 36 1.48 -3.58 -7.03
N LEU A 37 0.81 -4.17 -6.03
CA LEU A 37 1.28 -4.22 -4.65
C LEU A 37 1.76 -5.61 -4.23
N HIS A 38 2.02 -6.51 -5.18
CA HIS A 38 2.70 -7.77 -4.87
C HIS A 38 4.12 -7.47 -4.37
N GLY A 39 4.67 -8.31 -3.48
CA GLY A 39 6.04 -8.20 -3.01
C GLY A 39 6.40 -6.80 -2.51
N ILE A 40 5.45 -6.07 -1.92
CA ILE A 40 5.67 -4.72 -1.43
C ILE A 40 6.38 -4.77 -0.07
N PHE A 41 5.84 -5.53 0.88
CA PHE A 41 6.39 -5.67 2.23
C PHE A 41 7.80 -6.25 2.21
N GLY A 42 8.81 -5.39 2.17
CA GLY A 42 10.21 -5.77 2.20
C GLY A 42 11.03 -5.05 1.13
N ARG A 43 10.39 -4.63 0.04
CA ARG A 43 11.07 -3.92 -1.04
C ARG A 43 10.67 -2.45 -0.98
N GLN A 44 11.67 -1.57 -1.10
CA GLN A 44 11.50 -0.13 -0.99
C GLN A 44 10.59 0.35 -2.10
N SER A 45 10.20 1.61 -1.98
CA SER A 45 9.27 2.25 -2.86
C SER A 45 9.92 2.40 -4.24
N GLY A 46 9.10 2.27 -5.29
CA GLY A 46 9.64 2.22 -6.63
C GLY A 46 10.27 0.83 -6.93
N GLN A 47 9.44 -0.11 -7.39
CA GLN A 47 9.83 -1.45 -7.82
C GLN A 47 8.96 -2.02 -8.95
N ALA A 48 8.54 -1.16 -9.88
CA ALA A 48 7.66 -1.50 -10.99
C ALA A 48 7.83 -0.46 -12.09
N GLU A 49 9.07 -0.33 -12.58
CA GLU A 49 9.45 0.63 -13.60
C GLU A 49 8.60 0.45 -14.87
N GLY A 50 8.38 1.55 -15.59
CA GLY A 50 7.55 1.58 -16.80
C GLY A 50 6.26 2.33 -16.54
N TYR A 51 5.59 2.04 -15.42
CA TYR A 51 4.41 2.77 -15.00
C TYR A 51 4.79 4.22 -14.60
N SER A 52 3.80 5.10 -14.56
CA SER A 52 3.94 6.53 -14.31
C SER A 52 4.35 6.81 -12.86
N TYR A 53 5.66 6.69 -12.60
CA TYR A 53 6.29 6.96 -11.32
C TYR A 53 6.31 8.47 -11.01
N THR A 54 6.81 8.84 -9.83
CA THR A 54 6.99 10.23 -9.41
C THR A 54 8.39 10.45 -8.86
N ASP A 55 8.97 11.63 -9.16
CA ASP A 55 10.18 12.11 -8.50
C ASP A 55 9.97 12.08 -6.99
N ALA A 56 8.79 12.55 -6.56
CA ALA A 56 8.36 12.50 -5.18
C ALA A 56 8.58 11.12 -4.57
N ASN A 57 7.99 10.06 -5.14
CA ASN A 57 8.19 8.72 -4.61
C ASN A 57 9.68 8.37 -4.57
N ILE A 58 10.42 8.63 -5.65
CA ILE A 58 11.87 8.40 -5.66
C ILE A 58 12.57 9.11 -4.49
N LYS A 59 12.52 10.43 -4.42
CA LYS A 59 13.14 11.21 -3.35
C LYS A 59 12.54 10.91 -1.97
N LYS A 60 11.41 10.22 -1.93
CA LYS A 60 10.85 9.64 -0.72
C LYS A 60 10.87 8.11 -0.78
N ASN A 61 12.02 7.58 -1.21
CA ASN A 61 12.38 6.15 -1.22
C ASN A 61 12.07 5.47 0.13
N VAL A 62 10.85 4.97 0.29
CA VAL A 62 10.28 4.49 1.53
C VAL A 62 10.35 2.96 1.57
N LEU A 63 10.77 2.37 2.69
CA LEU A 63 11.09 0.95 2.81
C LEU A 63 9.85 0.04 2.68
N TRP A 64 8.64 0.59 2.86
CA TRP A 64 7.40 -0.16 2.85
C TRP A 64 7.42 -1.30 3.87
N ASP A 65 7.95 -0.99 5.05
CA ASP A 65 7.66 -1.75 6.25
C ASP A 65 6.26 -1.40 6.77
N GLU A 66 5.83 -2.16 7.76
CA GLU A 66 4.57 -2.04 8.46
C GLU A 66 4.30 -0.61 8.93
N ASN A 67 5.30 0.05 9.52
CA ASN A 67 5.09 1.35 10.15
C ASN A 67 5.01 2.44 9.08
N ASN A 68 5.99 2.47 8.18
CA ASN A 68 5.98 3.45 7.09
C ASN A 68 4.71 3.31 6.27
N MET A 69 4.35 2.06 5.92
CA MET A 69 3.10 1.79 5.22
C MET A 69 1.93 2.32 6.03
N SER A 70 1.87 2.00 7.32
CA SER A 70 0.82 2.50 8.19
C SER A 70 0.67 4.01 8.08
N GLU A 71 1.78 4.75 8.26
CA GLU A 71 1.75 6.20 8.24
C GLU A 71 1.27 6.67 6.86
N TYR A 72 1.98 6.27 5.80
CA TYR A 72 1.63 6.57 4.42
C TYR A 72 0.12 6.38 4.18
N LEU A 73 -0.37 5.19 4.51
CA LEU A 73 -1.72 4.79 4.21
C LEU A 73 -2.75 5.57 5.04
N THR A 74 -2.31 6.26 6.09
CA THR A 74 -3.14 7.20 6.82
C THR A 74 -3.19 8.57 6.11
N ASN A 75 -2.22 8.89 5.24
CA ASN A 75 -2.07 10.23 4.66
C ASN A 75 -1.08 10.29 3.49
N PRO A 76 -1.40 9.66 2.34
CA PRO A 76 -0.41 9.33 1.33
C PRO A 76 0.28 10.58 0.77
N LYS A 78 0.51 13.37 2.13
CA LYS A 78 1.24 14.08 3.17
C LYS A 78 2.64 13.47 3.21
N TYR A 79 2.69 12.14 3.28
CA TYR A 79 3.93 11.40 3.46
C TYR A 79 4.83 11.45 2.22
N ILE A 80 4.24 11.34 1.02
CA ILE A 80 4.93 11.48 -0.26
C ILE A 80 4.36 12.72 -0.96
N PRO A 81 4.97 13.92 -0.78
CA PRO A 81 4.37 15.19 -1.16
C PRO A 81 4.53 15.45 -2.67
N GLY A 82 3.89 14.62 -3.49
CA GLY A 82 3.82 14.81 -4.94
C GLY A 82 3.36 13.54 -5.62
N THR A 83 2.28 12.94 -5.08
CA THR A 83 1.71 11.70 -5.55
C THR A 83 0.42 11.97 -6.31
N LYS A 84 0.16 11.16 -7.34
CA LYS A 84 -1.12 11.11 -8.03
C LYS A 84 -2.18 10.41 -7.16
N ALA A 85 -1.78 9.78 -6.06
CA ALA A 85 -2.65 8.96 -5.22
C ALA A 85 -3.76 9.78 -4.55
N ALA A 86 -4.85 10.02 -5.28
CA ALA A 86 -6.07 10.63 -4.77
C ALA A 86 -6.83 9.67 -3.85
N PHE A 87 -6.17 9.21 -2.77
CA PHE A 87 -6.76 8.41 -1.71
C PHE A 87 -6.71 9.25 -0.43
N GLY A 88 -7.81 9.26 0.33
CA GLY A 88 -7.95 10.08 1.51
C GLY A 88 -6.98 9.65 2.62
N GLY A 89 -6.99 8.36 2.96
CA GLY A 89 -6.24 7.81 4.08
C GLY A 89 -7.14 6.94 4.96
N LEU A 90 -6.64 5.80 5.45
CA LEU A 90 -7.39 4.95 6.37
C LEU A 90 -7.42 5.55 7.78
N LYS A 91 -8.15 6.65 7.93
CA LYS A 91 -8.32 7.37 9.19
C LYS A 91 -8.88 6.47 10.30
N LYS A 92 -9.81 5.57 9.95
CA LYS A 92 -10.54 4.75 10.91
C LYS A 92 -9.62 3.88 11.79
N GLU A 93 -8.52 3.35 11.22
CA GLU A 93 -7.41 2.68 11.90
C GLU A 93 -7.73 1.21 12.25
N LYS A 94 -8.96 1.01 12.73
CA LYS A 94 -9.49 -0.30 13.11
C LYS A 94 -9.46 -1.25 11.91
N ASP A 95 -9.66 -0.67 10.73
CA ASP A 95 -9.54 -1.27 9.42
C ASP A 95 -8.07 -1.49 9.07
N ARG A 96 -7.31 -0.38 9.07
CA ARG A 96 -5.88 -0.33 8.75
C ARG A 96 -5.15 -1.56 9.22
N ASN A 97 -5.23 -1.89 10.52
CA ASN A 97 -4.51 -3.05 11.02
C ASN A 97 -4.89 -4.34 10.30
N ASP A 98 -6.19 -4.60 10.09
CA ASP A 98 -6.63 -5.80 9.36
C ASP A 98 -6.12 -5.72 7.92
N LEU A 99 -6.36 -4.60 7.24
CA LEU A 99 -5.92 -4.37 5.87
C LEU A 99 -4.43 -4.66 5.73
N ILE A 100 -3.59 -4.01 6.53
CA ILE A 100 -2.15 -4.23 6.52
C ILE A 100 -1.85 -5.72 6.70
N THR A 101 -2.46 -6.37 7.70
CA THR A 101 -2.24 -7.80 7.92
C THR A 101 -2.51 -8.60 6.64
N TYR A 102 -3.66 -8.37 6.01
CA TYR A 102 -3.97 -9.02 4.75
C TYR A 102 -2.86 -8.73 3.73
N LEU A 103 -2.56 -7.45 3.51
CA LEU A 103 -1.65 -7.03 2.45
C LEU A 103 -0.28 -7.68 2.62
N LYS A 104 0.22 -7.61 3.85
CA LYS A 104 1.43 -8.24 4.29
C LYS A 104 1.45 -9.71 3.91
N LYS A 105 0.35 -10.45 4.15
CA LYS A 105 0.31 -11.82 3.67
C LYS A 105 0.33 -11.79 2.15
N ALA A 106 -0.63 -11.11 1.52
CA ALA A 106 -0.87 -11.10 0.08
C ALA A 106 0.37 -10.81 -0.76
N SER A 107 1.36 -10.12 -0.19
CA SER A 107 2.65 -9.91 -0.83
C SER A 107 3.36 -11.23 -1.23
N GLU A 108 3.07 -12.31 -0.50
CA GLU A 108 3.50 -13.69 -0.67
C GLU A 108 2.34 -14.50 -1.30
N THR A 1 9.17 -5.42 17.70
CA THR A 1 9.62 -4.41 16.74
C THR A 1 8.81 -4.55 15.46
N GLU A 2 8.69 -5.75 14.91
CA GLU A 2 7.87 -5.97 13.73
C GLU A 2 6.39 -5.76 14.06
N PHE A 3 5.58 -5.39 13.07
CA PHE A 3 4.14 -5.49 13.17
C PHE A 3 3.76 -6.98 13.16
N LYS A 4 3.20 -7.47 14.25
CA LYS A 4 2.57 -8.78 14.34
C LYS A 4 1.10 -8.59 13.99
N ALA A 5 0.61 -9.39 13.04
CA ALA A 5 -0.62 -9.09 12.32
C ALA A 5 -1.89 -9.55 13.07
N GLY A 6 -3.05 -9.12 12.57
CA GLY A 6 -4.35 -9.51 13.09
C GLY A 6 -5.00 -10.52 12.15
N SER A 7 -6.20 -10.23 11.67
CA SER A 7 -7.00 -11.08 10.81
C SER A 7 -6.53 -11.02 9.36
N ALA A 8 -6.23 -12.18 8.76
CA ALA A 8 -5.92 -12.28 7.33
C ALA A 8 -7.19 -12.08 6.49
N LYS A 9 -8.25 -12.83 6.83
CA LYS A 9 -9.57 -12.56 6.29
C LYS A 9 -10.04 -11.19 6.75
N LYS A 10 -11.13 -10.67 6.15
CA LYS A 10 -11.69 -9.34 6.40
C LYS A 10 -10.81 -8.27 5.74
N GLY A 11 -9.51 -8.29 6.04
CA GLY A 11 -8.54 -7.46 5.36
C GLY A 11 -8.66 -7.57 3.84
N ALA A 12 -8.91 -8.79 3.35
CA ALA A 12 -9.21 -9.06 1.96
C ALA A 12 -10.40 -8.22 1.49
N THR A 13 -11.50 -8.25 2.24
CA THR A 13 -12.73 -7.54 1.91
C THR A 13 -12.48 -6.03 1.90
N LEU A 14 -11.71 -5.54 2.88
CA LEU A 14 -11.33 -4.15 2.93
C LEU A 14 -10.55 -3.81 1.67
N PHE A 15 -9.46 -4.52 1.39
CA PHE A 15 -8.68 -4.34 0.16
C PHE A 15 -9.61 -4.27 -1.06
N LYS A 16 -10.49 -5.27 -1.17
CA LYS A 16 -11.42 -5.38 -2.28
C LYS A 16 -12.35 -4.17 -2.40
N THR A 17 -12.71 -3.54 -1.29
CA THR A 17 -13.62 -2.40 -1.30
C THR A 17 -12.90 -1.04 -1.24
N ARG A 18 -11.58 -1.02 -1.00
CA ARG A 18 -10.81 0.22 -0.83
C ARG A 18 -9.76 0.35 -1.94
N CYS A 19 -8.85 -0.62 -2.01
CA CYS A 19 -7.59 -0.50 -2.71
C CYS A 19 -7.73 -1.06 -4.12
N LEU A 20 -8.40 -2.22 -4.22
CA LEU A 20 -8.64 -2.95 -5.45
C LEU A 20 -9.17 -2.03 -6.56
N GLN A 21 -9.99 -1.04 -6.18
CA GLN A 21 -10.43 0.03 -7.06
C GLN A 21 -9.30 0.48 -7.99
N CYS A 22 -8.17 0.87 -7.40
CA CYS A 22 -7.09 1.56 -8.09
C CYS A 22 -5.89 0.64 -8.34
N HIS A 23 -5.70 -0.36 -7.47
CA HIS A 23 -4.56 -1.26 -7.41
C HIS A 23 -4.93 -2.70 -7.80
N THR A 24 -3.91 -3.57 -7.77
CA THR A 24 -3.98 -5.02 -7.72
C THR A 24 -2.89 -5.51 -6.75
N VAL A 25 -3.00 -6.74 -6.25
CA VAL A 25 -2.01 -7.40 -5.39
C VAL A 25 -1.52 -8.73 -5.96
N GLU A 26 -2.00 -9.08 -7.17
CA GLU A 26 -1.69 -10.32 -7.86
C GLU A 26 -0.29 -10.21 -8.49
N LYS A 27 0.31 -11.34 -8.87
CA LYS A 27 1.63 -11.39 -9.44
C LYS A 27 1.79 -10.42 -10.62
N GLY A 28 2.69 -9.46 -10.50
CA GLY A 28 2.95 -8.47 -11.54
C GLY A 28 1.81 -7.45 -11.59
N GLY A 29 0.66 -7.87 -12.13
CA GLY A 29 -0.59 -7.14 -12.15
C GLY A 29 -0.57 -5.82 -12.94
N PRO A 30 -1.73 -5.36 -13.42
CA PRO A 30 -1.84 -4.09 -14.13
C PRO A 30 -1.71 -2.91 -13.16
N HIS A 31 -0.83 -1.95 -13.50
CA HIS A 31 -0.67 -0.71 -12.76
C HIS A 31 -1.79 0.26 -13.17
N LYS A 32 -3.03 -0.10 -12.83
CA LYS A 32 -4.25 0.52 -13.31
C LYS A 32 -4.27 2.03 -13.08
N VAL A 33 -4.60 2.45 -11.85
CA VAL A 33 -4.50 3.83 -11.41
C VAL A 33 -3.28 3.91 -10.50
N GLY A 34 -3.22 3.02 -9.51
CA GLY A 34 -2.03 2.82 -8.69
C GLY A 34 -1.23 1.66 -9.27
N PRO A 35 0.03 1.49 -8.83
CA PRO A 35 0.85 0.37 -9.22
C PRO A 35 0.32 -0.93 -8.59
N ASN A 36 1.01 -2.04 -8.81
CA ASN A 36 0.65 -3.32 -8.22
C ASN A 36 1.37 -3.48 -6.89
N LEU A 37 0.69 -4.03 -5.88
CA LEU A 37 1.16 -4.13 -4.51
C LEU A 37 1.54 -5.57 -4.14
N HIS A 38 1.85 -6.42 -5.12
CA HIS A 38 2.43 -7.72 -4.88
C HIS A 38 3.91 -7.54 -4.52
N GLY A 39 4.48 -8.36 -3.64
CA GLY A 39 5.85 -8.23 -3.22
C GLY A 39 6.19 -6.78 -2.84
N ILE A 40 5.27 -6.13 -2.11
CA ILE A 40 5.41 -4.76 -1.67
C ILE A 40 6.17 -4.70 -0.35
N PHE A 41 5.86 -5.62 0.58
CA PHE A 41 6.54 -5.68 1.87
C PHE A 41 7.93 -6.30 1.69
N GLY A 42 8.84 -5.54 1.07
CA GLY A 42 10.20 -5.99 0.83
C GLY A 42 10.90 -5.07 -0.16
N ARG A 43 10.26 -4.78 -1.30
CA ARG A 43 10.80 -3.83 -2.26
C ARG A 43 10.73 -2.42 -1.66
N GLN A 44 11.62 -1.54 -2.09
CA GLN A 44 11.55 -0.14 -1.72
C GLN A 44 10.53 0.56 -2.62
N SER A 45 10.18 1.81 -2.32
CA SER A 45 9.13 2.53 -3.04
C SER A 45 9.64 2.98 -4.41
N GLY A 46 8.73 3.25 -5.35
CA GLY A 46 9.12 3.84 -6.61
C GLY A 46 10.02 2.95 -7.48
N GLN A 47 9.92 1.62 -7.33
CA GLN A 47 10.70 0.65 -8.09
C GLN A 47 9.88 -0.58 -8.53
N ALA A 48 8.64 -0.36 -8.94
CA ALA A 48 7.89 -1.27 -9.80
C ALA A 48 8.31 -1.09 -11.26
N GLU A 49 7.49 -1.58 -12.20
CA GLU A 49 7.72 -1.43 -13.62
C GLU A 49 7.63 0.05 -14.03
N GLY A 50 7.99 0.35 -15.28
CA GLY A 50 8.01 1.70 -15.84
C GLY A 50 6.61 2.27 -16.06
N TYR A 51 5.85 2.42 -14.98
CA TYR A 51 4.54 3.02 -14.92
C TYR A 51 4.69 4.51 -14.54
N SER A 52 3.61 5.28 -14.58
CA SER A 52 3.60 6.71 -14.30
C SER A 52 3.86 6.99 -12.81
N TYR A 53 5.11 6.83 -12.39
CA TYR A 53 5.60 7.09 -11.05
C TYR A 53 6.01 8.55 -10.88
N THR A 54 6.69 8.87 -9.77
CA THR A 54 7.10 10.23 -9.46
C THR A 54 8.54 10.31 -8.94
N ASP A 55 9.23 11.39 -9.30
CA ASP A 55 10.50 11.79 -8.72
C ASP A 55 10.40 11.78 -7.20
N ALA A 56 9.37 12.44 -6.68
CA ALA A 56 9.11 12.52 -5.26
C ALA A 56 9.09 11.13 -4.61
N ASN A 57 8.35 10.15 -5.17
CA ASN A 57 8.35 8.79 -4.64
C ASN A 57 9.78 8.26 -4.57
N ILE A 58 10.56 8.41 -5.65
CA ILE A 58 11.97 8.00 -5.66
C ILE A 58 12.77 8.73 -4.56
N LYS A 59 12.72 10.06 -4.49
CA LYS A 59 13.38 10.85 -3.46
C LYS A 59 12.87 10.50 -2.06
N LYS A 60 11.72 9.86 -1.96
CA LYS A 60 11.19 9.31 -0.73
C LYS A 60 11.16 7.78 -0.77
N ASN A 61 12.22 7.19 -1.36
CA ASN A 61 12.57 5.78 -1.35
C ASN A 61 12.34 5.14 0.02
N VAL A 62 11.17 4.55 0.21
CA VAL A 62 10.68 3.99 1.46
C VAL A 62 10.61 2.47 1.32
N LEU A 63 11.08 1.73 2.32
CA LEU A 63 11.15 0.26 2.30
C LEU A 63 9.77 -0.41 2.23
N TRP A 64 8.69 0.36 2.43
CA TRP A 64 7.34 -0.15 2.57
C TRP A 64 7.26 -1.24 3.62
N ASP A 65 7.84 -0.94 4.79
CA ASP A 65 7.52 -1.64 6.01
C ASP A 65 6.10 -1.24 6.44
N GLU A 66 5.58 -1.94 7.45
CA GLU A 66 4.29 -1.70 8.01
C GLU A 66 4.15 -0.29 8.60
N ASN A 67 5.12 0.17 9.39
CA ASN A 67 5.07 1.49 9.98
C ASN A 67 4.88 2.56 8.90
N ASN A 68 5.78 2.53 7.92
CA ASN A 68 5.80 3.53 6.87
C ASN A 68 4.54 3.43 6.01
N MET A 69 4.16 2.21 5.61
CA MET A 69 2.94 2.01 4.83
C MET A 69 1.71 2.46 5.61
N SER A 70 1.67 2.19 6.93
CA SER A 70 0.61 2.67 7.80
C SER A 70 0.48 4.19 7.68
N GLU A 71 1.57 4.92 7.93
CA GLU A 71 1.51 6.38 7.89
C GLU A 71 1.04 6.86 6.52
N TYR A 72 1.65 6.29 5.49
CA TYR A 72 1.22 6.52 4.11
C TYR A 72 -0.29 6.30 3.97
N LEU A 73 -0.83 5.23 4.54
CA LEU A 73 -2.26 4.95 4.51
C LEU A 73 -3.09 5.93 5.35
N THR A 74 -2.58 6.48 6.45
CA THR A 74 -3.29 7.55 7.15
C THR A 74 -3.31 8.83 6.31
N ASN A 75 -2.24 9.14 5.57
CA ASN A 75 -2.16 10.32 4.72
C ASN A 75 -1.08 10.18 3.62
N PRO A 76 -1.44 9.73 2.40
CA PRO A 76 -0.46 9.39 1.38
C PRO A 76 0.29 10.61 0.88
N LYS A 78 0.80 13.39 2.12
CA LYS A 78 1.61 14.04 3.14
C LYS A 78 2.93 13.30 3.22
N TYR A 79 2.83 11.97 3.30
CA TYR A 79 3.98 11.10 3.49
C TYR A 79 4.88 11.08 2.25
N ILE A 80 4.28 11.07 1.05
CA ILE A 80 5.01 11.20 -0.21
C ILE A 80 4.64 12.56 -0.82
N PRO A 81 5.47 13.60 -0.67
CA PRO A 81 5.13 14.96 -1.08
C PRO A 81 5.27 15.11 -2.60
N GLY A 82 4.38 14.47 -3.35
CA GLY A 82 4.37 14.48 -4.81
C GLY A 82 3.86 13.14 -5.31
N THR A 83 2.54 12.93 -5.22
CA THR A 83 1.93 11.68 -5.59
C THR A 83 0.59 11.93 -6.29
N LYS A 84 0.29 11.07 -7.26
CA LYS A 84 -1.00 11.02 -7.95
C LYS A 84 -2.06 10.36 -7.06
N ALA A 85 -1.66 9.74 -5.95
CA ALA A 85 -2.53 8.97 -5.07
C ALA A 85 -3.64 9.80 -4.42
N ALA A 86 -4.70 10.07 -5.17
CA ALA A 86 -5.93 10.71 -4.69
C ALA A 86 -6.74 9.74 -3.82
N PHE A 87 -6.15 9.31 -2.70
CA PHE A 87 -6.79 8.44 -1.71
C PHE A 87 -6.98 9.23 -0.40
N GLY A 88 -8.12 9.05 0.26
CA GLY A 88 -8.58 9.87 1.37
C GLY A 88 -7.84 9.61 2.69
N GLY A 89 -7.33 8.39 2.87
CA GLY A 89 -6.55 8.01 4.04
C GLY A 89 -7.39 7.22 5.06
N LEU A 90 -6.94 6.02 5.45
CA LEU A 90 -7.63 5.17 6.41
C LEU A 90 -7.42 5.66 7.84
N LYS A 91 -8.04 6.79 8.21
CA LYS A 91 -8.03 7.31 9.57
C LYS A 91 -8.58 6.28 10.58
N LYS A 92 -9.56 5.47 10.18
CA LYS A 92 -10.22 4.45 11.00
C LYS A 92 -9.25 3.65 11.88
N GLU A 93 -8.16 3.18 11.27
CA GLU A 93 -7.05 2.45 11.86
C GLU A 93 -7.39 0.98 12.12
N LYS A 94 -8.59 0.71 12.60
CA LYS A 94 -9.10 -0.65 12.72
C LYS A 94 -9.03 -1.34 11.37
N ASP A 95 -9.80 -0.80 10.43
CA ASP A 95 -9.85 -1.15 9.03
C ASP A 95 -8.45 -1.32 8.48
N ARG A 96 -7.62 -0.29 8.70
CA ARG A 96 -6.23 -0.27 8.32
C ARG A 96 -5.51 -1.52 8.83
N ASN A 97 -5.65 -1.88 10.10
CA ASN A 97 -4.94 -3.04 10.63
C ASN A 97 -5.40 -4.34 9.98
N ASP A 98 -6.72 -4.50 9.76
CA ASP A 98 -7.23 -5.65 9.03
C ASP A 98 -6.57 -5.70 7.65
N LEU A 99 -6.75 -4.60 6.92
CA LEU A 99 -6.26 -4.41 5.57
C LEU A 99 -4.76 -4.71 5.47
N ILE A 100 -3.93 -3.97 6.20
CA ILE A 100 -2.50 -4.16 6.20
C ILE A 100 -2.12 -5.58 6.61
N THR A 101 -2.81 -6.22 7.56
CA THR A 101 -2.56 -7.64 7.81
C THR A 101 -2.72 -8.46 6.52
N TYR A 102 -3.86 -8.30 5.85
CA TYR A 102 -4.08 -9.01 4.59
C TYR A 102 -2.94 -8.71 3.62
N LEU A 103 -2.63 -7.43 3.41
CA LEU A 103 -1.60 -7.00 2.47
C LEU A 103 -0.24 -7.63 2.81
N LYS A 104 0.17 -7.54 4.07
CA LYS A 104 1.43 -8.08 4.56
C LYS A 104 1.61 -9.52 4.09
N LYS A 105 0.57 -10.34 4.29
CA LYS A 105 0.61 -11.74 3.90
C LYS A 105 0.54 -11.86 2.38
N ALA A 106 -0.50 -11.26 1.78
CA ALA A 106 -0.80 -11.30 0.35
C ALA A 106 0.32 -10.72 -0.53
N SER A 107 1.25 -9.97 0.07
CA SER A 107 2.50 -9.56 -0.56
C SER A 107 3.22 -10.78 -1.15
N GLU A 108 3.17 -11.92 -0.43
CA GLU A 108 3.78 -13.18 -0.82
C GLU A 108 2.82 -13.90 -1.78
N THR A 1 6.33 2.08 20.08
CA THR A 1 5.16 1.21 20.13
C THR A 1 5.33 0.16 19.05
N GLU A 2 4.49 -0.88 19.02
CA GLU A 2 4.62 -2.03 18.15
C GLU A 2 3.34 -2.17 17.32
N PHE A 3 3.50 -2.47 16.03
CA PHE A 3 2.36 -2.80 15.16
C PHE A 3 1.79 -4.14 15.63
N LYS A 4 0.48 -4.17 15.90
CA LYS A 4 -0.23 -5.39 16.26
C LYS A 4 -1.00 -5.90 15.03
N ALA A 5 -0.68 -7.12 14.57
CA ALA A 5 -1.33 -7.72 13.43
C ALA A 5 -2.84 -7.90 13.66
N GLY A 6 -3.58 -7.96 12.55
CA GLY A 6 -5.00 -8.20 12.51
C GLY A 6 -5.28 -9.63 12.06
N SER A 7 -6.38 -9.84 11.36
CA SER A 7 -7.04 -11.13 11.23
C SER A 7 -6.58 -11.96 10.02
N ALA A 8 -5.66 -11.43 9.20
CA ALA A 8 -5.25 -11.97 7.89
C ALA A 8 -6.39 -11.90 6.88
N LYS A 9 -7.50 -12.58 7.18
CA LYS A 9 -8.77 -12.29 6.55
C LYS A 9 -9.26 -10.92 7.06
N LYS A 10 -10.49 -10.51 6.71
CA LYS A 10 -11.07 -9.20 6.99
C LYS A 10 -10.45 -8.19 6.02
N GLY A 11 -9.14 -8.03 6.12
CA GLY A 11 -8.36 -7.06 5.36
C GLY A 11 -8.59 -7.20 3.85
N ALA A 12 -8.80 -8.43 3.39
CA ALA A 12 -9.15 -8.73 2.00
C ALA A 12 -10.34 -7.89 1.56
N THR A 13 -11.39 -7.83 2.38
CA THR A 13 -12.62 -7.12 2.05
C THR A 13 -12.37 -5.62 1.98
N LEU A 14 -11.53 -5.10 2.88
CA LEU A 14 -11.15 -3.71 2.87
C LEU A 14 -10.39 -3.41 1.59
N PHE A 15 -9.36 -4.21 1.29
CA PHE A 15 -8.61 -4.10 0.04
C PHE A 15 -9.58 -4.04 -1.13
N LYS A 16 -10.49 -5.02 -1.22
CA LYS A 16 -11.46 -5.13 -2.29
C LYS A 16 -12.33 -3.88 -2.41
N THR A 17 -12.72 -3.27 -1.29
CA THR A 17 -13.62 -2.12 -1.30
C THR A 17 -12.90 -0.76 -1.32
N ARG A 18 -11.57 -0.73 -1.17
CA ARG A 18 -10.79 0.51 -1.13
C ARG A 18 -9.71 0.49 -2.22
N CYS A 19 -8.77 -0.44 -2.10
CA CYS A 19 -7.50 -0.40 -2.81
C CYS A 19 -7.71 -0.95 -4.22
N LEU A 20 -8.39 -2.11 -4.32
CA LEU A 20 -8.66 -2.83 -5.56
C LEU A 20 -9.19 -1.91 -6.65
N GLN A 21 -10.01 -0.92 -6.26
CA GLN A 21 -10.48 0.14 -7.14
C GLN A 21 -9.36 0.60 -8.08
N CYS A 22 -8.22 0.97 -7.50
CA CYS A 22 -7.13 1.63 -8.19
C CYS A 22 -5.95 0.68 -8.45
N HIS A 23 -5.73 -0.27 -7.54
CA HIS A 23 -4.59 -1.18 -7.48
C HIS A 23 -4.93 -2.62 -7.87
N THR A 24 -3.90 -3.46 -7.83
CA THR A 24 -3.94 -4.91 -7.84
C THR A 24 -2.86 -5.41 -6.87
N VAL A 25 -3.00 -6.63 -6.32
CA VAL A 25 -2.01 -7.27 -5.44
C VAL A 25 -1.62 -8.67 -5.93
N GLU A 26 -2.18 -9.10 -7.08
CA GLU A 26 -1.92 -10.38 -7.68
C GLU A 26 -0.57 -10.36 -8.41
N LYS A 27 0.09 -11.52 -8.52
CA LYS A 27 1.31 -11.66 -9.28
C LYS A 27 1.07 -11.31 -10.75
N GLY A 28 1.52 -10.13 -11.16
CA GLY A 28 1.44 -9.66 -12.53
C GLY A 28 0.15 -8.90 -12.80
N GLY A 29 -0.56 -8.43 -11.77
CA GLY A 29 -1.68 -7.53 -11.99
C GLY A 29 -1.18 -6.23 -12.62
N PRO A 30 -1.95 -5.59 -13.50
CA PRO A 30 -1.55 -4.37 -14.16
C PRO A 30 -1.46 -3.19 -13.16
N HIS A 31 -0.57 -2.25 -13.47
CA HIS A 31 -0.51 -0.95 -12.80
C HIS A 31 -1.64 -0.11 -13.40
N LYS A 32 -2.83 -0.21 -12.81
CA LYS A 32 -4.03 0.46 -13.30
C LYS A 32 -3.95 1.97 -13.00
N VAL A 33 -4.67 2.44 -11.97
CA VAL A 33 -4.54 3.80 -11.49
C VAL A 33 -3.33 3.84 -10.57
N GLY A 34 -3.26 2.90 -9.63
CA GLY A 34 -2.12 2.69 -8.75
C GLY A 34 -1.32 1.48 -9.21
N PRO A 35 -0.02 1.38 -8.83
CA PRO A 35 0.83 0.28 -9.21
C PRO A 35 0.44 -1.02 -8.52
N ASN A 36 0.81 -2.16 -9.10
CA ASN A 36 0.60 -3.45 -8.46
C ASN A 36 1.39 -3.52 -7.15
N LEU A 37 0.74 -3.99 -6.07
CA LEU A 37 1.29 -4.00 -4.71
C LEU A 37 1.78 -5.40 -4.31
N HIS A 38 1.94 -6.34 -5.24
CA HIS A 38 2.52 -7.63 -4.90
C HIS A 38 4.00 -7.45 -4.55
N GLY A 39 4.53 -8.24 -3.61
CA GLY A 39 5.92 -8.16 -3.17
C GLY A 39 6.34 -6.77 -2.68
N ILE A 40 5.40 -5.90 -2.31
CA ILE A 40 5.69 -4.55 -1.84
C ILE A 40 6.50 -4.61 -0.53
N PHE A 41 6.04 -5.43 0.42
CA PHE A 41 6.66 -5.59 1.72
C PHE A 41 8.06 -6.17 1.57
N GLY A 42 9.06 -5.30 1.68
CA GLY A 42 10.47 -5.67 1.57
C GLY A 42 11.05 -5.31 0.21
N ARG A 43 10.34 -4.50 -0.58
CA ARG A 43 10.88 -3.88 -1.78
C ARG A 43 10.65 -2.39 -1.64
N GLN A 44 11.70 -1.60 -1.81
CA GLN A 44 11.62 -0.18 -1.55
C GLN A 44 10.65 0.47 -2.55
N SER A 45 10.10 1.60 -2.13
CA SER A 45 9.16 2.41 -2.90
C SER A 45 9.82 2.85 -4.21
N GLY A 46 8.98 3.20 -5.19
CA GLY A 46 9.52 3.75 -6.43
C GLY A 46 10.39 2.73 -7.18
N GLN A 47 9.93 1.48 -7.31
CA GLN A 47 10.63 0.41 -8.04
C GLN A 47 10.05 0.13 -9.42
N ALA A 48 8.72 0.16 -9.58
CA ALA A 48 8.03 -0.14 -10.83
C ALA A 48 8.20 0.98 -11.86
N GLU A 49 9.42 1.14 -12.36
CA GLU A 49 9.83 2.18 -13.31
C GLU A 49 8.86 2.34 -14.49
N GLY A 50 8.54 1.25 -15.20
CA GLY A 50 7.61 1.26 -16.33
C GLY A 50 6.16 1.49 -15.92
N TYR A 51 5.85 2.67 -15.38
CA TYR A 51 4.54 3.10 -14.95
C TYR A 51 4.65 4.59 -14.57
N SER A 52 3.52 5.30 -14.50
CA SER A 52 3.49 6.74 -14.22
C SER A 52 3.83 7.02 -12.75
N TYR A 53 5.13 7.01 -12.44
CA TYR A 53 5.68 7.26 -11.12
C TYR A 53 6.08 8.73 -10.92
N THR A 54 6.74 9.04 -9.79
CA THR A 54 7.18 10.38 -9.44
C THR A 54 8.61 10.38 -8.87
N ASP A 55 9.35 11.47 -9.14
CA ASP A 55 10.61 11.79 -8.51
C ASP A 55 10.47 11.71 -6.98
N ALA A 56 9.42 12.35 -6.48
CA ALA A 56 9.07 12.35 -5.07
C ALA A 56 9.02 10.93 -4.51
N ASN A 57 8.22 10.03 -5.11
CA ASN A 57 8.14 8.66 -4.63
C ASN A 57 9.54 8.04 -4.61
N ILE A 58 10.26 8.09 -5.74
CA ILE A 58 11.61 7.52 -5.84
C ILE A 58 12.51 8.04 -4.71
N LYS A 59 12.64 9.37 -4.57
CA LYS A 59 13.46 9.98 -3.53
C LYS A 59 12.94 9.65 -2.13
N LYS A 60 11.65 9.31 -2.01
CA LYS A 60 11.09 8.77 -0.79
C LYS A 60 11.22 7.24 -0.76
N ASN A 61 12.34 6.72 -1.30
CA ASN A 61 12.91 5.39 -1.05
C ASN A 61 12.56 4.88 0.35
N VAL A 62 11.56 4.00 0.43
CA VAL A 62 10.94 3.50 1.64
C VAL A 62 10.73 1.99 1.48
N LEU A 63 11.30 1.20 2.39
CA LEU A 63 11.25 -0.27 2.44
C LEU A 63 9.83 -0.84 2.33
N TRP A 64 8.84 -0.08 2.81
CA TRP A 64 7.45 -0.50 2.97
C TRP A 64 7.34 -1.58 4.04
N ASP A 65 7.50 -1.16 5.31
CA ASP A 65 7.11 -1.94 6.47
C ASP A 65 5.66 -1.59 6.84
N GLU A 66 5.08 -2.34 7.78
CA GLU A 66 3.71 -2.15 8.25
C GLU A 66 3.51 -0.79 8.91
N ASN A 67 4.46 -0.37 9.74
CA ASN A 67 4.40 0.91 10.42
C ASN A 67 4.35 2.05 9.40
N ASN A 68 5.36 2.08 8.52
CA ASN A 68 5.46 3.06 7.45
C ASN A 68 4.19 3.04 6.60
N MET A 69 3.79 1.85 6.14
CA MET A 69 2.58 1.68 5.34
C MET A 69 1.38 2.25 6.08
N SER A 70 1.23 2.00 7.38
CA SER A 70 0.14 2.54 8.16
C SER A 70 0.10 4.05 8.07
N GLU A 71 1.23 4.71 8.35
CA GLU A 71 1.34 6.16 8.32
C GLU A 71 0.98 6.68 6.93
N TYR A 72 1.67 6.16 5.90
CA TYR A 72 1.37 6.45 4.50
C TYR A 72 -0.12 6.38 4.23
N LEU A 73 -0.74 5.22 4.50
CA LEU A 73 -2.16 5.00 4.27
C LEU A 73 -3.04 5.99 5.03
N THR A 74 -2.64 6.37 6.24
CA THR A 74 -3.32 7.44 6.97
C THR A 74 -3.35 8.75 6.15
N ASN A 75 -2.30 9.05 5.37
CA ASN A 75 -2.16 10.36 4.71
C ASN A 75 -1.11 10.36 3.58
N PRO A 76 -1.43 9.74 2.43
CA PRO A 76 -0.45 9.43 1.40
C PRO A 76 0.10 10.71 0.78
N LYS A 78 0.66 13.56 1.81
CA LYS A 78 1.64 14.26 2.61
C LYS A 78 2.87 13.38 2.72
N TYR A 79 2.66 12.12 3.10
CA TYR A 79 3.74 11.19 3.37
C TYR A 79 4.68 11.07 2.17
N ILE A 80 4.11 11.12 0.96
CA ILE A 80 4.89 11.31 -0.26
C ILE A 80 4.40 12.63 -0.88
N PRO A 81 5.14 13.74 -0.73
CA PRO A 81 4.71 15.04 -1.21
C PRO A 81 4.89 15.12 -2.74
N GLY A 82 4.08 14.37 -3.46
CA GLY A 82 4.16 14.22 -4.90
C GLY A 82 3.70 12.81 -5.27
N THR A 83 2.40 12.57 -5.11
CA THR A 83 1.76 11.31 -5.45
C THR A 83 0.46 11.63 -6.18
N LYS A 84 0.16 10.86 -7.24
CA LYS A 84 -1.10 10.93 -7.94
C LYS A 84 -2.25 10.33 -7.12
N ALA A 85 -1.95 9.70 -5.97
CA ALA A 85 -2.93 9.00 -5.14
C ALA A 85 -4.01 9.93 -4.57
N ALA A 86 -5.03 10.25 -5.38
CA ALA A 86 -6.25 10.91 -4.94
C ALA A 86 -7.10 9.95 -4.10
N PHE A 87 -6.58 9.52 -2.96
CA PHE A 87 -7.18 8.52 -2.08
C PHE A 87 -7.44 9.12 -0.69
N GLY A 88 -8.66 8.92 -0.17
CA GLY A 88 -9.06 9.36 1.16
C GLY A 88 -8.43 8.47 2.24
N GLY A 89 -7.24 8.86 2.69
CA GLY A 89 -6.45 8.22 3.74
C GLY A 89 -7.24 7.39 4.77
N LEU A 90 -6.79 6.16 5.06
CA LEU A 90 -7.47 5.24 5.98
C LEU A 90 -7.36 5.73 7.43
N LYS A 91 -8.21 6.70 7.78
CA LYS A 91 -8.37 7.24 9.13
C LYS A 91 -8.66 6.15 10.16
N LYS A 92 -9.63 5.27 9.86
CA LYS A 92 -10.24 4.35 10.81
C LYS A 92 -9.24 3.59 11.67
N GLU A 93 -8.12 3.16 11.10
CA GLU A 93 -6.94 2.58 11.75
C GLU A 93 -7.19 1.10 12.07
N LYS A 94 -8.34 0.80 12.66
CA LYS A 94 -8.71 -0.56 13.03
C LYS A 94 -8.77 -1.43 11.78
N ASP A 95 -9.62 -1.02 10.85
CA ASP A 95 -9.72 -1.62 9.52
C ASP A 95 -8.33 -1.66 8.85
N ARG A 96 -7.61 -0.55 8.93
CA ARG A 96 -6.25 -0.45 8.41
C ARG A 96 -5.38 -1.59 8.95
N ASN A 97 -5.39 -1.85 10.25
CA ASN A 97 -4.55 -2.89 10.84
C ASN A 97 -4.81 -4.24 10.15
N ASP A 98 -6.09 -4.61 9.98
CA ASP A 98 -6.45 -5.81 9.25
C ASP A 98 -5.94 -5.73 7.80
N LEU A 99 -6.28 -4.66 7.09
CA LEU A 99 -5.86 -4.43 5.72
C LEU A 99 -4.35 -4.61 5.55
N ILE A 100 -3.54 -3.93 6.36
CA ILE A 100 -2.09 -4.03 6.32
C ILE A 100 -1.67 -5.49 6.50
N THR A 101 -2.21 -6.17 7.52
CA THR A 101 -1.90 -7.57 7.75
C THR A 101 -2.19 -8.39 6.47
N TYR A 102 -3.39 -8.22 5.91
CA TYR A 102 -3.78 -8.90 4.70
C TYR A 102 -2.76 -8.62 3.60
N LEU A 103 -2.45 -7.34 3.36
CA LEU A 103 -1.54 -6.92 2.31
C LEU A 103 -0.18 -7.59 2.48
N LYS A 104 0.34 -7.53 3.71
CA LYS A 104 1.59 -8.13 4.09
C LYS A 104 1.62 -9.60 3.71
N LYS A 105 0.58 -10.37 4.05
CA LYS A 105 0.58 -11.76 3.65
C LYS A 105 0.47 -11.80 2.11
N ALA A 106 -0.56 -11.18 1.55
CA ALA A 106 -0.87 -11.21 0.12
C ALA A 106 0.31 -10.87 -0.79
N SER A 107 1.25 -10.06 -0.30
CA SER A 107 2.46 -9.73 -1.03
C SER A 107 3.35 -10.95 -1.33
N GLU A 108 3.22 -12.02 -0.53
CA GLU A 108 3.85 -13.33 -0.61
C GLU A 108 2.81 -14.35 -1.12
N THR A 1 9.35 -4.32 18.31
CA THR A 1 8.65 -5.58 18.05
C THR A 1 8.34 -5.61 16.57
N GLU A 2 8.19 -6.79 15.95
CA GLU A 2 7.62 -6.84 14.62
C GLU A 2 6.13 -6.55 14.72
N PHE A 3 5.51 -6.05 13.64
CA PHE A 3 4.06 -6.09 13.52
C PHE A 3 3.62 -7.55 13.56
N LYS A 4 2.59 -7.86 14.34
CA LYS A 4 1.90 -9.13 14.29
C LYS A 4 0.45 -8.88 13.84
N ALA A 5 -0.06 -9.81 13.05
CA ALA A 5 -1.25 -9.67 12.24
C ALA A 5 -2.56 -9.56 13.04
N GLY A 6 -3.55 -8.95 12.38
CA GLY A 6 -4.96 -8.99 12.75
C GLY A 6 -5.62 -10.19 12.07
N SER A 7 -6.75 -9.97 11.40
CA SER A 7 -7.68 -11.05 11.05
C SER A 7 -7.22 -11.93 9.88
N ALA A 8 -6.34 -11.43 9.00
CA ALA A 8 -5.91 -12.07 7.75
C ALA A 8 -7.04 -12.09 6.73
N LYS A 9 -8.13 -12.80 7.05
CA LYS A 9 -9.41 -12.52 6.41
C LYS A 9 -9.83 -11.09 6.75
N LYS A 10 -10.94 -10.61 6.21
CA LYS A 10 -11.51 -9.28 6.46
C LYS A 10 -10.74 -8.21 5.70
N GLY A 11 -9.43 -8.18 5.90
CA GLY A 11 -8.51 -7.28 5.21
C GLY A 11 -8.65 -7.42 3.69
N ALA A 12 -8.89 -8.64 3.22
CA ALA A 12 -9.19 -8.92 1.83
C ALA A 12 -10.37 -8.09 1.36
N THR A 13 -11.47 -8.11 2.12
CA THR A 13 -12.68 -7.39 1.78
C THR A 13 -12.38 -5.89 1.75
N LEU A 14 -11.66 -5.39 2.75
CA LEU A 14 -11.28 -4.00 2.85
C LEU A 14 -10.47 -3.58 1.62
N PHE A 15 -9.43 -4.35 1.28
CA PHE A 15 -8.67 -4.15 0.06
C PHE A 15 -9.64 -4.05 -1.12
N LYS A 16 -10.52 -5.05 -1.24
CA LYS A 16 -11.47 -5.13 -2.33
C LYS A 16 -12.40 -3.93 -2.41
N THR A 17 -12.79 -3.33 -1.27
CA THR A 17 -13.70 -2.19 -1.27
C THR A 17 -12.99 -0.83 -1.28
N ARG A 18 -11.67 -0.76 -1.07
CA ARG A 18 -10.97 0.52 -0.92
C ARG A 18 -9.79 0.69 -1.88
N CYS A 19 -8.98 -0.35 -2.03
CA CYS A 19 -7.71 -0.27 -2.75
C CYS A 19 -7.88 -0.80 -4.17
N LEU A 20 -8.58 -1.93 -4.29
CA LEU A 20 -8.76 -2.70 -5.52
C LEU A 20 -9.17 -1.83 -6.70
N GLN A 21 -10.02 -0.84 -6.47
CA GLN A 21 -10.43 0.12 -7.49
C GLN A 21 -9.22 0.58 -8.31
N CYS A 22 -8.14 1.00 -7.63
CA CYS A 22 -6.98 1.63 -8.24
C CYS A 22 -5.82 0.66 -8.43
N HIS A 23 -5.66 -0.29 -7.50
CA HIS A 23 -4.55 -1.23 -7.41
C HIS A 23 -4.93 -2.66 -7.78
N THR A 24 -3.93 -3.54 -7.69
CA THR A 24 -4.07 -4.99 -7.64
C THR A 24 -3.03 -5.56 -6.66
N VAL A 25 -3.31 -6.73 -6.07
CA VAL A 25 -2.46 -7.50 -5.18
C VAL A 25 -1.98 -8.81 -5.84
N GLU A 26 -2.70 -9.25 -6.88
CA GLU A 26 -2.41 -10.48 -7.60
C GLU A 26 -1.05 -10.39 -8.30
N LYS A 27 -0.46 -11.54 -8.64
CA LYS A 27 0.85 -11.63 -9.25
C LYS A 27 0.96 -10.75 -10.50
N GLY A 28 2.00 -9.90 -10.54
CA GLY A 28 2.27 -9.03 -11.66
C GLY A 28 1.27 -7.87 -11.68
N GLY A 29 0.05 -8.18 -12.13
CA GLY A 29 -1.12 -7.31 -12.13
C GLY A 29 -0.98 -6.01 -12.94
N PRO A 30 -2.10 -5.43 -13.42
CA PRO A 30 -2.11 -4.16 -14.10
C PRO A 30 -1.89 -3.01 -13.10
N HIS A 31 -0.94 -2.12 -13.42
CA HIS A 31 -0.71 -0.88 -12.66
C HIS A 31 -1.78 0.14 -13.09
N LYS A 32 -3.06 -0.19 -12.86
CA LYS A 32 -4.22 0.51 -13.39
C LYS A 32 -4.15 2.02 -13.14
N VAL A 33 -4.46 2.44 -11.90
CA VAL A 33 -4.28 3.80 -11.45
C VAL A 33 -3.10 3.81 -10.49
N GLY A 34 -3.07 2.88 -9.53
CA GLY A 34 -1.95 2.67 -8.64
C GLY A 34 -1.18 1.41 -9.07
N PRO A 35 0.11 1.32 -8.76
CA PRO A 35 0.95 0.20 -9.15
C PRO A 35 0.58 -1.08 -8.40
N ASN A 36 0.82 -2.22 -9.03
CA ASN A 36 0.56 -3.51 -8.40
C ASN A 36 1.36 -3.66 -7.09
N LEU A 37 0.69 -4.13 -6.04
CA LEU A 37 1.24 -4.20 -4.69
C LEU A 37 1.70 -5.62 -4.32
N HIS A 38 1.80 -6.53 -5.29
CA HIS A 38 2.31 -7.86 -5.02
C HIS A 38 3.77 -7.75 -4.61
N GLY A 39 4.18 -8.49 -3.56
CA GLY A 39 5.51 -8.44 -2.99
C GLY A 39 5.94 -7.06 -2.50
N ILE A 40 4.99 -6.17 -2.17
CA ILE A 40 5.32 -4.80 -1.77
C ILE A 40 6.17 -4.79 -0.50
N PHE A 41 5.85 -5.64 0.49
CA PHE A 41 6.56 -5.63 1.76
C PHE A 41 7.92 -6.31 1.61
N GLY A 42 8.87 -5.61 0.99
CA GLY A 42 10.24 -6.08 0.85
C GLY A 42 11.10 -5.04 0.15
N ARG A 43 10.75 -4.72 -1.10
CA ARG A 43 11.50 -3.74 -1.88
C ARG A 43 11.06 -2.32 -1.52
N GLN A 44 11.99 -1.36 -1.69
CA GLN A 44 11.73 0.04 -1.45
C GLN A 44 10.68 0.60 -2.43
N SER A 45 10.16 1.78 -2.12
CA SER A 45 9.19 2.51 -2.91
C SER A 45 9.84 2.98 -4.22
N GLY A 46 9.03 3.33 -5.22
CA GLY A 46 9.56 3.82 -6.48
C GLY A 46 10.41 2.74 -7.16
N GLN A 47 9.81 1.57 -7.36
CA GLN A 47 10.43 0.35 -7.88
C GLN A 47 9.97 -0.03 -9.30
N ALA A 48 8.66 -0.01 -9.55
CA ALA A 48 8.09 -0.34 -10.86
C ALA A 48 8.28 0.79 -11.87
N GLU A 49 9.53 1.10 -12.21
CA GLU A 49 9.91 2.21 -13.10
C GLU A 49 9.12 2.23 -14.41
N GLY A 50 8.78 1.06 -14.94
CA GLY A 50 8.00 0.92 -16.17
C GLY A 50 6.65 1.64 -16.10
N TYR A 51 6.06 1.77 -14.90
CA TYR A 51 4.78 2.43 -14.69
C TYR A 51 5.00 3.93 -14.42
N SER A 52 3.99 4.75 -14.73
CA SER A 52 4.02 6.20 -14.60
C SER A 52 4.11 6.62 -13.13
N TYR A 53 5.34 6.79 -12.63
CA TYR A 53 5.67 7.09 -11.25
C TYR A 53 5.95 8.59 -11.04
N THR A 54 6.57 8.93 -9.89
CA THR A 54 7.06 10.28 -9.60
C THR A 54 8.51 10.24 -9.11
N ASP A 55 9.27 11.30 -9.43
CA ASP A 55 10.53 11.61 -8.78
C ASP A 55 10.34 11.57 -7.27
N ALA A 56 9.35 12.31 -6.80
CA ALA A 56 9.03 12.44 -5.39
C ALA A 56 9.01 11.07 -4.69
N ASN A 57 8.29 10.07 -5.22
CA ASN A 57 8.31 8.73 -4.63
C ASN A 57 9.75 8.21 -4.56
N ILE A 58 10.48 8.22 -5.69
CA ILE A 58 11.86 7.76 -5.74
C ILE A 58 12.70 8.45 -4.65
N LYS A 59 12.71 9.78 -4.61
CA LYS A 59 13.46 10.53 -3.60
C LYS A 59 12.96 10.17 -2.19
N LYS A 60 11.66 9.93 -2.03
CA LYS A 60 11.05 9.46 -0.80
C LYS A 60 11.19 7.93 -0.65
N ASN A 61 12.22 7.33 -1.25
CA ASN A 61 12.67 5.96 -1.02
C ASN A 61 12.30 5.42 0.36
N VAL A 62 11.24 4.61 0.42
CA VAL A 62 10.66 4.08 1.64
C VAL A 62 10.62 2.57 1.53
N LEU A 63 11.14 1.85 2.52
CA LEU A 63 11.27 0.40 2.53
C LEU A 63 9.93 -0.33 2.37
N TRP A 64 8.82 0.35 2.68
CA TRP A 64 7.49 -0.25 2.78
C TRP A 64 7.47 -1.33 3.85
N ASP A 65 7.94 -0.95 5.04
CA ASP A 65 7.61 -1.65 6.27
C ASP A 65 6.19 -1.24 6.70
N GLU A 66 5.66 -1.94 7.69
CA GLU A 66 4.35 -1.70 8.27
C GLU A 66 4.24 -0.29 8.87
N ASN A 67 5.24 0.15 9.62
CA ASN A 67 5.21 1.46 10.27
C ASN A 67 5.07 2.58 9.22
N ASN A 68 5.90 2.53 8.18
CA ASN A 68 5.86 3.50 7.09
C ASN A 68 4.53 3.38 6.33
N MET A 69 4.14 2.14 5.98
CA MET A 69 2.89 1.89 5.27
C MET A 69 1.71 2.46 6.05
N SER A 70 1.69 2.26 7.37
CA SER A 70 0.68 2.75 8.29
C SER A 70 0.48 4.27 8.11
N GLU A 71 1.55 5.05 8.28
CA GLU A 71 1.49 6.50 8.08
C GLU A 71 0.97 6.79 6.68
N TYR A 72 1.66 6.25 5.66
CA TYR A 72 1.30 6.46 4.26
C TYR A 72 -0.19 6.25 4.01
N LEU A 73 -0.73 5.07 4.32
CA LEU A 73 -2.16 4.78 4.15
C LEU A 73 -3.02 5.80 4.90
N THR A 74 -2.62 6.15 6.12
CA THR A 74 -3.33 7.16 6.88
C THR A 74 -3.22 8.56 6.25
N ASN A 75 -2.14 8.91 5.52
CA ASN A 75 -2.03 10.19 4.81
C ASN A 75 -0.99 10.20 3.67
N PRO A 76 -1.35 9.69 2.48
CA PRO A 76 -0.38 9.35 1.45
C PRO A 76 0.31 10.59 0.87
N LYS A 78 0.85 13.39 2.10
CA LYS A 78 1.66 14.11 3.06
C LYS A 78 3.01 13.40 3.12
N TYR A 79 2.94 12.08 3.26
CA TYR A 79 4.11 11.24 3.38
C TYR A 79 4.95 11.28 2.10
N ILE A 80 4.27 11.27 0.94
CA ILE A 80 4.91 11.44 -0.37
C ILE A 80 4.35 12.72 -1.00
N PRO A 81 5.01 13.87 -0.82
CA PRO A 81 4.55 15.15 -1.36
C PRO A 81 4.83 15.21 -2.87
N GLY A 82 4.06 14.42 -3.63
CA GLY A 82 4.22 14.25 -5.06
C GLY A 82 3.79 12.83 -5.42
N THR A 83 2.50 12.58 -5.33
CA THR A 83 1.91 11.29 -5.67
C THR A 83 0.57 11.59 -6.33
N LYS A 84 0.25 10.86 -7.41
CA LYS A 84 -1.06 10.95 -8.05
C LYS A 84 -2.14 10.47 -7.08
N ALA A 85 -1.76 9.50 -6.25
CA ALA A 85 -2.56 8.83 -5.25
C ALA A 85 -3.45 9.80 -4.46
N ALA A 86 -4.76 9.52 -4.42
CA ALA A 86 -5.76 10.40 -3.83
C ALA A 86 -7.08 9.65 -3.67
N PHE A 87 -7.31 9.06 -2.49
CA PHE A 87 -8.54 8.31 -2.22
C PHE A 87 -9.20 8.65 -0.88
N GLY A 88 -8.50 9.35 0.03
CA GLY A 88 -9.01 9.68 1.36
C GLY A 88 -8.36 8.76 2.40
N GLY A 89 -7.28 9.25 3.03
CA GLY A 89 -6.42 8.50 3.92
C GLY A 89 -7.17 7.71 4.99
N LEU A 90 -6.68 6.50 5.30
CA LEU A 90 -7.30 5.56 6.21
C LEU A 90 -7.19 6.02 7.67
N LYS A 91 -8.26 6.66 8.15
CA LYS A 91 -8.46 7.05 9.54
C LYS A 91 -8.69 5.85 10.47
N LYS A 92 -9.61 4.95 10.13
CA LYS A 92 -9.93 3.83 11.01
C LYS A 92 -8.76 2.87 11.10
N GLU A 93 -7.99 3.01 12.18
CA GLU A 93 -6.77 2.24 12.35
C GLU A 93 -7.03 0.74 12.41
N LYS A 94 -8.18 0.31 12.93
CA LYS A 94 -8.46 -1.12 13.07
C LYS A 94 -8.55 -1.75 11.69
N ASP A 95 -9.44 -1.19 10.86
CA ASP A 95 -9.66 -1.52 9.48
C ASP A 95 -8.34 -1.51 8.72
N ARG A 96 -7.62 -0.40 8.82
CA ARG A 96 -6.27 -0.28 8.28
C ARG A 96 -5.42 -1.46 8.71
N ASN A 97 -5.34 -1.79 9.99
CA ASN A 97 -4.46 -2.87 10.42
C ASN A 97 -4.91 -4.22 9.85
N ASP A 98 -6.22 -4.50 9.77
CA ASP A 98 -6.71 -5.71 9.10
C ASP A 98 -6.26 -5.72 7.64
N LEU A 99 -6.50 -4.61 6.93
CA LEU A 99 -6.07 -4.42 5.55
C LEU A 99 -4.57 -4.67 5.41
N ILE A 100 -3.74 -3.94 6.14
CA ILE A 100 -2.29 -4.10 6.17
C ILE A 100 -1.91 -5.54 6.51
N THR A 101 -2.62 -6.23 7.42
CA THR A 101 -2.41 -7.66 7.62
C THR A 101 -2.55 -8.41 6.31
N TYR A 102 -3.74 -8.31 5.69
CA TYR A 102 -4.03 -9.02 4.47
C TYR A 102 -2.95 -8.74 3.44
N LEU A 103 -2.62 -7.46 3.24
CA LEU A 103 -1.61 -7.05 2.28
C LEU A 103 -0.25 -7.65 2.62
N LYS A 104 0.19 -7.53 3.87
CA LYS A 104 1.45 -8.10 4.31
C LYS A 104 1.53 -9.58 3.95
N LYS A 105 0.45 -10.33 4.18
CA LYS A 105 0.43 -11.74 3.86
C LYS A 105 0.46 -11.91 2.34
N ALA A 106 -0.52 -11.32 1.66
CA ALA A 106 -0.76 -11.41 0.22
C ALA A 106 0.35 -10.76 -0.63
N SER A 107 1.27 -10.07 0.03
CA SER A 107 2.56 -9.71 -0.54
C SER A 107 3.19 -10.97 -1.14
N GLU A 108 3.10 -12.09 -0.43
CA GLU A 108 3.47 -13.41 -0.89
C GLU A 108 2.31 -13.97 -1.72
#